data_2PLT
# 
_entry.id   2PLT 
# 
_audit_conform.dict_name       mmcif_pdbx.dic 
_audit_conform.dict_version    5.387 
_audit_conform.dict_location   http://mmcif.pdb.org/dictionaries/ascii/mmcif_pdbx.dic 
# 
loop_
_database_2.database_id 
_database_2.database_code 
_database_2.pdbx_database_accession 
_database_2.pdbx_DOI 
PDB   2PLT         pdb_00002plt 10.2210/pdb2plt/pdb 
WWPDB D_1000178483 ?            ?                   
# 
loop_
_pdbx_audit_revision_history.ordinal 
_pdbx_audit_revision_history.data_content_type 
_pdbx_audit_revision_history.major_revision 
_pdbx_audit_revision_history.minor_revision 
_pdbx_audit_revision_history.revision_date 
1 'Structure model' 1 0 1993-10-31 
2 'Structure model' 1 1 2008-03-24 
3 'Structure model' 1 2 2011-07-13 
4 'Structure model' 1 3 2012-07-18 
5 'Structure model' 1 4 2024-02-21 
# 
_pdbx_audit_revision_details.ordinal             1 
_pdbx_audit_revision_details.revision_ordinal    1 
_pdbx_audit_revision_details.data_content_type   'Structure model' 
_pdbx_audit_revision_details.provider            repository 
_pdbx_audit_revision_details.type                'Initial release' 
_pdbx_audit_revision_details.description         ? 
_pdbx_audit_revision_details.details             ? 
# 
loop_
_pdbx_audit_revision_group.ordinal 
_pdbx_audit_revision_group.revision_ordinal 
_pdbx_audit_revision_group.data_content_type 
_pdbx_audit_revision_group.group 
1 2 'Structure model' 'Version format compliance' 
2 3 'Structure model' 'Version format compliance' 
3 4 'Structure model' 'Database references'       
4 5 'Structure model' 'Data collection'           
5 5 'Structure model' 'Database references'       
6 5 'Structure model' 'Derived calculations'      
7 5 'Structure model' Other                       
# 
loop_
_pdbx_audit_revision_category.ordinal 
_pdbx_audit_revision_category.revision_ordinal 
_pdbx_audit_revision_category.data_content_type 
_pdbx_audit_revision_category.category 
1 5 'Structure model' chem_comp_atom         
2 5 'Structure model' chem_comp_bond         
3 5 'Structure model' database_2             
4 5 'Structure model' pdbx_database_status   
5 5 'Structure model' pdbx_struct_conn_angle 
6 5 'Structure model' struct_conn            
7 5 'Structure model' struct_site            
# 
loop_
_pdbx_audit_revision_item.ordinal 
_pdbx_audit_revision_item.revision_ordinal 
_pdbx_audit_revision_item.data_content_type 
_pdbx_audit_revision_item.item 
1  5 'Structure model' '_database_2.pdbx_DOI'                        
2  5 'Structure model' '_database_2.pdbx_database_accession'         
3  5 'Structure model' '_pdbx_database_status.process_site'          
4  5 'Structure model' '_pdbx_struct_conn_angle.ptnr1_auth_comp_id'  
5  5 'Structure model' '_pdbx_struct_conn_angle.ptnr1_auth_seq_id'   
6  5 'Structure model' '_pdbx_struct_conn_angle.ptnr1_label_asym_id' 
7  5 'Structure model' '_pdbx_struct_conn_angle.ptnr1_label_atom_id' 
8  5 'Structure model' '_pdbx_struct_conn_angle.ptnr1_label_comp_id' 
9  5 'Structure model' '_pdbx_struct_conn_angle.ptnr1_label_seq_id'  
10 5 'Structure model' '_pdbx_struct_conn_angle.ptnr1_symmetry'      
11 5 'Structure model' '_pdbx_struct_conn_angle.ptnr3_auth_comp_id'  
12 5 'Structure model' '_pdbx_struct_conn_angle.ptnr3_auth_seq_id'   
13 5 'Structure model' '_pdbx_struct_conn_angle.ptnr3_label_asym_id' 
14 5 'Structure model' '_pdbx_struct_conn_angle.ptnr3_label_atom_id' 
15 5 'Structure model' '_pdbx_struct_conn_angle.ptnr3_label_comp_id' 
16 5 'Structure model' '_pdbx_struct_conn_angle.ptnr3_label_seq_id'  
17 5 'Structure model' '_pdbx_struct_conn_angle.ptnr3_symmetry'      
18 5 'Structure model' '_pdbx_struct_conn_angle.value'               
19 5 'Structure model' '_struct_conn.pdbx_dist_value'                
20 5 'Structure model' '_struct_conn.ptnr1_auth_comp_id'             
21 5 'Structure model' '_struct_conn.ptnr1_auth_seq_id'              
22 5 'Structure model' '_struct_conn.ptnr1_label_asym_id'            
23 5 'Structure model' '_struct_conn.ptnr1_label_atom_id'            
24 5 'Structure model' '_struct_conn.ptnr1_label_comp_id'            
25 5 'Structure model' '_struct_conn.ptnr1_label_seq_id'             
26 5 'Structure model' '_struct_conn.ptnr1_symmetry'                 
27 5 'Structure model' '_struct_conn.ptnr2_auth_comp_id'             
28 5 'Structure model' '_struct_conn.ptnr2_auth_seq_id'              
29 5 'Structure model' '_struct_conn.ptnr2_label_asym_id'            
30 5 'Structure model' '_struct_conn.ptnr2_label_atom_id'            
31 5 'Structure model' '_struct_conn.ptnr2_label_comp_id'            
32 5 'Structure model' '_struct_conn.ptnr2_label_seq_id'             
33 5 'Structure model' '_struct_conn.ptnr2_symmetry'                 
34 5 'Structure model' '_struct_site.pdbx_auth_asym_id'              
35 5 'Structure model' '_struct_site.pdbx_auth_comp_id'              
36 5 'Structure model' '_struct_site.pdbx_auth_seq_id'               
# 
_pdbx_database_status.status_code                     REL 
_pdbx_database_status.entry_id                        2PLT 
_pdbx_database_status.recvd_initial_deposition_date   1993-05-06 
_pdbx_database_status.deposit_site                    ? 
_pdbx_database_status.process_site                    BNL 
_pdbx_database_status.SG_entry                        . 
_pdbx_database_status.status_code_sf                  ? 
_pdbx_database_status.status_code_mr                  ? 
_pdbx_database_status.status_code_cs                  ? 
_pdbx_database_status.methods_development_category    ? 
_pdbx_database_status.pdb_format_compatible           Y 
_pdbx_database_status.status_code_nmr_data            ? 
# 
loop_
_audit_author.name 
_audit_author.pdbx_ordinal 
'Redinbo, M.R.' 1 
'Merchant, S.'  2 
'Yeates, T.O.'  3 
# 
loop_
_citation.id 
_citation.title 
_citation.journal_abbrev 
_citation.journal_volume 
_citation.page_first 
_citation.page_last 
_citation.year 
_citation.journal_id_ASTM 
_citation.country 
_citation.journal_id_ISSN 
_citation.journal_id_CSD 
_citation.book_publisher 
_citation.pdbx_database_id_PubMed 
_citation.pdbx_database_id_DOI 
primary 'The 1.5-A crystal structure of plastocyanin from the green alga Chlamydomonas reinhardtii.'               Biochemistry 32 
10560 10567 1993 BICHAW US 0006-2960 0033 ? 8399201  10.1021/bi00091a005       
1       'Structure determination of plastocyanin from a specimen with a hemihedral twinning fraction of one-half.' 
'Acta Crystallogr.,Sect.D' 49 375   380   1993 ABCRE6 DK 0907-4449 0766 ? 15299512 10.1107/S090744499300294X 
# 
loop_
_citation_author.citation_id 
_citation_author.name 
_citation_author.ordinal 
_citation_author.identifier_ORCID 
primary 'Redinbo, M.R.'  1 ? 
primary 'Cascio, D.'     2 ? 
primary 'Choukair, M.K.' 3 ? 
primary 'Rice, D.'       4 ? 
primary 'Merchant, S.'   5 ? 
primary 'Yeates, T.O.'   6 ? 
1       'Redinbo, M.R.'  7 ? 
1       'Yeates, T.O.'   8 ? 
# 
loop_
_entity.id 
_entity.type 
_entity.src_method 
_entity.pdbx_description 
_entity.formula_weight 
_entity.pdbx_number_of_molecules 
_entity.pdbx_ec 
_entity.pdbx_mutation 
_entity.pdbx_fragment 
_entity.details 
1 polymer     man PLASTOCYANIN      10331.401 1  ? ? ? ? 
2 non-polymer syn 'COPPER (II) ION' 63.546    1  ? ? ? ? 
3 non-polymer syn 'CALCIUM ION'     40.078    1  ? ? ? ? 
4 water       nat water             18.015    79 ? ? ? ? 
# 
_entity_poly.entity_id                      1 
_entity_poly.type                           'polypeptide(L)' 
_entity_poly.nstd_linkage                   no 
_entity_poly.nstd_monomer                   no 
_entity_poly.pdbx_seq_one_letter_code       
;DATVKLGADSGALEFVPKTLTIKSGETVNFVNNAGFPHNIVFDEDAIPSGVNADAISRDDYLNAPGETYSVKLTAAGEYG
YYCEPHQGAGMVGKIIVQ
;
_entity_poly.pdbx_seq_one_letter_code_can   
;DATVKLGADSGALEFVPKTLTIKSGETVNFVNNAGFPHNIVFDEDAIPSGVNADAISRDDYLNAPGETYSVKLTAAGEYG
YYCEPHQGAGMVGKIIVQ
;
_entity_poly.pdbx_strand_id                 A 
_entity_poly.pdbx_target_identifier         ? 
# 
loop_
_pdbx_entity_nonpoly.entity_id 
_pdbx_entity_nonpoly.name 
_pdbx_entity_nonpoly.comp_id 
2 'COPPER (II) ION' CU  
3 'CALCIUM ION'     CA  
4 water             HOH 
# 
loop_
_entity_poly_seq.entity_id 
_entity_poly_seq.num 
_entity_poly_seq.mon_id 
_entity_poly_seq.hetero 
1 1  ASP n 
1 2  ALA n 
1 3  THR n 
1 4  VAL n 
1 5  LYS n 
1 6  LEU n 
1 7  GLY n 
1 8  ALA n 
1 9  ASP n 
1 10 SER n 
1 11 GLY n 
1 12 ALA n 
1 13 LEU n 
1 14 GLU n 
1 15 PHE n 
1 16 VAL n 
1 17 PRO n 
1 18 LYS n 
1 19 THR n 
1 20 LEU n 
1 21 THR n 
1 22 ILE n 
1 23 LYS n 
1 24 SER n 
1 25 GLY n 
1 26 GLU n 
1 27 THR n 
1 28 VAL n 
1 29 ASN n 
1 30 PHE n 
1 31 VAL n 
1 32 ASN n 
1 33 ASN n 
1 34 ALA n 
1 35 GLY n 
1 36 PHE n 
1 37 PRO n 
1 38 HIS n 
1 39 ASN n 
1 40 ILE n 
1 41 VAL n 
1 42 PHE n 
1 43 ASP n 
1 44 GLU n 
1 45 ASP n 
1 46 ALA n 
1 47 ILE n 
1 48 PRO n 
1 49 SER n 
1 50 GLY n 
1 51 VAL n 
1 52 ASN n 
1 53 ALA n 
1 54 ASP n 
1 55 ALA n 
1 56 ILE n 
1 57 SER n 
1 58 ARG n 
1 59 ASP n 
1 60 ASP n 
1 61 TYR n 
1 62 LEU n 
1 63 ASN n 
1 64 ALA n 
1 65 PRO n 
1 66 GLY n 
1 67 GLU n 
1 68 THR n 
1 69 TYR n 
1 70 SER n 
1 71 VAL n 
1 72 LYS n 
1 73 LEU n 
1 74 THR n 
1 75 ALA n 
1 76 ALA n 
1 77 GLY n 
1 78 GLU n 
1 79 TYR n 
1 80 GLY n 
1 81 TYR n 
1 82 TYR n 
1 83 CYS n 
1 84 GLU n 
1 85 PRO n 
1 86 HIS n 
1 87 GLN n 
1 88 GLY n 
1 89 ALA n 
1 90 GLY n 
1 91 MET n 
1 92 VAL n 
1 93 GLY n 
1 94 LYS n 
1 95 ILE n 
1 96 ILE n 
1 97 VAL n 
1 98 GLN n 
# 
_entity_src_gen.entity_id                          1 
_entity_src_gen.pdbx_src_id                        1 
_entity_src_gen.pdbx_alt_source_flag               sample 
_entity_src_gen.pdbx_seq_type                      ? 
_entity_src_gen.pdbx_beg_seq_num                   ? 
_entity_src_gen.pdbx_end_seq_num                   ? 
_entity_src_gen.gene_src_common_name               ? 
_entity_src_gen.gene_src_genus                     Chlamydomonas 
_entity_src_gen.pdbx_gene_src_gene                 ? 
_entity_src_gen.gene_src_species                   ? 
_entity_src_gen.gene_src_strain                    ? 
_entity_src_gen.gene_src_tissue                    ? 
_entity_src_gen.gene_src_tissue_fraction           ? 
_entity_src_gen.gene_src_details                   ? 
_entity_src_gen.pdbx_gene_src_fragment             ? 
_entity_src_gen.pdbx_gene_src_scientific_name      'Chlamydomonas reinhardtii' 
_entity_src_gen.pdbx_gene_src_ncbi_taxonomy_id     3055 
_entity_src_gen.pdbx_gene_src_variant              ? 
_entity_src_gen.pdbx_gene_src_cell_line            ? 
_entity_src_gen.pdbx_gene_src_atcc                 ? 
_entity_src_gen.pdbx_gene_src_organ                ? 
_entity_src_gen.pdbx_gene_src_organelle            ? 
_entity_src_gen.pdbx_gene_src_cell                 ? 
_entity_src_gen.pdbx_gene_src_cellular_location    ? 
_entity_src_gen.host_org_common_name               ? 
_entity_src_gen.pdbx_host_org_scientific_name      ? 
_entity_src_gen.pdbx_host_org_ncbi_taxonomy_id     ? 
_entity_src_gen.host_org_genus                     ? 
_entity_src_gen.pdbx_host_org_gene                 ? 
_entity_src_gen.pdbx_host_org_organ                ? 
_entity_src_gen.host_org_species                   ? 
_entity_src_gen.pdbx_host_org_tissue               ? 
_entity_src_gen.pdbx_host_org_tissue_fraction      ? 
_entity_src_gen.pdbx_host_org_strain               ? 
_entity_src_gen.pdbx_host_org_variant              ? 
_entity_src_gen.pdbx_host_org_cell_line            ? 
_entity_src_gen.pdbx_host_org_atcc                 ? 
_entity_src_gen.pdbx_host_org_culture_collection   ? 
_entity_src_gen.pdbx_host_org_cell                 ? 
_entity_src_gen.pdbx_host_org_organelle            ? 
_entity_src_gen.pdbx_host_org_cellular_location    ? 
_entity_src_gen.pdbx_host_org_vector_type          ? 
_entity_src_gen.pdbx_host_org_vector               ? 
_entity_src_gen.host_org_details                   ? 
_entity_src_gen.expression_system_id               ? 
_entity_src_gen.plasmid_name                       ? 
_entity_src_gen.plasmid_details                    ? 
_entity_src_gen.pdbx_description                   ? 
# 
loop_
_chem_comp.id 
_chem_comp.type 
_chem_comp.mon_nstd_flag 
_chem_comp.name 
_chem_comp.pdbx_synonyms 
_chem_comp.formula 
_chem_comp.formula_weight 
ALA 'L-peptide linking' y ALANINE           ? 'C3 H7 N O2'     89.093  
ARG 'L-peptide linking' y ARGININE          ? 'C6 H15 N4 O2 1' 175.209 
ASN 'L-peptide linking' y ASPARAGINE        ? 'C4 H8 N2 O3'    132.118 
ASP 'L-peptide linking' y 'ASPARTIC ACID'   ? 'C4 H7 N O4'     133.103 
CA  non-polymer         . 'CALCIUM ION'     ? 'Ca 2'           40.078  
CU  non-polymer         . 'COPPER (II) ION' ? 'Cu 2'           63.546  
CYS 'L-peptide linking' y CYSTEINE          ? 'C3 H7 N O2 S'   121.158 
GLN 'L-peptide linking' y GLUTAMINE         ? 'C5 H10 N2 O3'   146.144 
GLU 'L-peptide linking' y 'GLUTAMIC ACID'   ? 'C5 H9 N O4'     147.129 
GLY 'peptide linking'   y GLYCINE           ? 'C2 H5 N O2'     75.067  
HIS 'L-peptide linking' y HISTIDINE         ? 'C6 H10 N3 O2 1' 156.162 
HOH non-polymer         . WATER             ? 'H2 O'           18.015  
ILE 'L-peptide linking' y ISOLEUCINE        ? 'C6 H13 N O2'    131.173 
LEU 'L-peptide linking' y LEUCINE           ? 'C6 H13 N O2'    131.173 
LYS 'L-peptide linking' y LYSINE            ? 'C6 H15 N2 O2 1' 147.195 
MET 'L-peptide linking' y METHIONINE        ? 'C5 H11 N O2 S'  149.211 
PHE 'L-peptide linking' y PHENYLALANINE     ? 'C9 H11 N O2'    165.189 
PRO 'L-peptide linking' y PROLINE           ? 'C5 H9 N O2'     115.130 
SER 'L-peptide linking' y SERINE            ? 'C3 H7 N O3'     105.093 
THR 'L-peptide linking' y THREONINE         ? 'C4 H9 N O3'     119.119 
TYR 'L-peptide linking' y TYROSINE          ? 'C9 H11 N O3'    181.189 
VAL 'L-peptide linking' y VALINE            ? 'C5 H11 N O2'    117.146 
# 
loop_
_pdbx_poly_seq_scheme.asym_id 
_pdbx_poly_seq_scheme.entity_id 
_pdbx_poly_seq_scheme.seq_id 
_pdbx_poly_seq_scheme.mon_id 
_pdbx_poly_seq_scheme.ndb_seq_num 
_pdbx_poly_seq_scheme.pdb_seq_num 
_pdbx_poly_seq_scheme.auth_seq_num 
_pdbx_poly_seq_scheme.pdb_mon_id 
_pdbx_poly_seq_scheme.auth_mon_id 
_pdbx_poly_seq_scheme.pdb_strand_id 
_pdbx_poly_seq_scheme.pdb_ins_code 
_pdbx_poly_seq_scheme.hetero 
A 1 1  ASP 1  0  0  ASP ASP A . n 
A 1 2  ALA 2  1  1  ALA ALA A . n 
A 1 3  THR 3  2  2  THR THR A . n 
A 1 4  VAL 4  3  3  VAL VAL A . n 
A 1 5  LYS 5  4  4  LYS LYS A . n 
A 1 6  LEU 6  5  5  LEU LEU A . n 
A 1 7  GLY 7  6  6  GLY GLY A . n 
A 1 8  ALA 8  7  7  ALA ALA A . n 
A 1 9  ASP 9  8  8  ASP ASP A . n 
A 1 10 SER 10 9  9  SER SER A . n 
A 1 11 GLY 11 10 10 GLY GLY A . n 
A 1 12 ALA 12 11 11 ALA ALA A . n 
A 1 13 LEU 13 12 12 LEU LEU A . n 
A 1 14 GLU 14 13 13 GLU GLU A . n 
A 1 15 PHE 15 14 14 PHE PHE A . n 
A 1 16 VAL 16 15 15 VAL VAL A . n 
A 1 17 PRO 17 16 16 PRO PRO A . n 
A 1 18 LYS 18 17 17 LYS LYS A . n 
A 1 19 THR 19 18 18 THR THR A . n 
A 1 20 LEU 20 19 19 LEU LEU A . n 
A 1 21 THR 21 20 20 THR THR A . n 
A 1 22 ILE 22 21 21 ILE ILE A . n 
A 1 23 LYS 23 22 22 LYS LYS A . n 
A 1 24 SER 24 23 23 SER SER A . n 
A 1 25 GLY 25 24 24 GLY GLY A . n 
A 1 26 GLU 26 25 25 GLU GLU A . n 
A 1 27 THR 27 26 26 THR THR A . n 
A 1 28 VAL 28 27 27 VAL VAL A . n 
A 1 29 ASN 29 28 28 ASN ASN A . n 
A 1 30 PHE 30 29 29 PHE PHE A . n 
A 1 31 VAL 31 30 30 VAL VAL A . n 
A 1 32 ASN 32 31 31 ASN ASN A . n 
A 1 33 ASN 33 32 32 ASN ASN A . n 
A 1 34 ALA 34 33 33 ALA ALA A . n 
A 1 35 GLY 35 34 34 GLY GLY A . n 
A 1 36 PHE 36 35 35 PHE PHE A . n 
A 1 37 PRO 37 36 36 PRO PRO A . n 
A 1 38 HIS 38 37 37 HIS HIS A . n 
A 1 39 ASN 39 38 38 ASN ASN A . n 
A 1 40 ILE 40 39 39 ILE ILE A . n 
A 1 41 VAL 41 40 40 VAL VAL A . n 
A 1 42 PHE 42 41 41 PHE PHE A . n 
A 1 43 ASP 43 42 42 ASP ASP A . n 
A 1 44 GLU 44 43 43 GLU GLU A . n 
A 1 45 ASP 45 44 44 ASP ASP A . n 
A 1 46 ALA 46 45 45 ALA ALA A . n 
A 1 47 ILE 47 46 46 ILE ILE A . n 
A 1 48 PRO 48 47 47 PRO PRO A . n 
A 1 49 SER 49 48 48 SER SER A . n 
A 1 50 GLY 50 49 49 GLY GLY A . n 
A 1 51 VAL 51 50 50 VAL VAL A . n 
A 1 52 ASN 52 51 51 ASN ASN A . n 
A 1 53 ALA 53 52 52 ALA ALA A . n 
A 1 54 ASP 54 53 53 ASP ASP A . n 
A 1 55 ALA 55 54 54 ALA ALA A . n 
A 1 56 ILE 56 55 55 ILE ILE A . n 
A 1 57 SER 57 56 56 SER SER A . n 
A 1 58 ARG 58 57 57 ARG ARG A . n 
A 1 59 ASP 59 59 59 ASP ASP A . n 
A 1 60 ASP 60 61 61 ASP ASP A . n 
A 1 61 TYR 61 62 62 TYR TYR A . n 
A 1 62 LEU 62 63 63 LEU LEU A . n 
A 1 63 ASN 63 64 64 ASN ASN A . n 
A 1 64 ALA 64 65 65 ALA ALA A . n 
A 1 65 PRO 65 66 66 PRO PRO A . n 
A 1 66 GLY 66 67 67 GLY GLY A . n 
A 1 67 GLU 67 68 68 GLU GLU A . n 
A 1 68 THR 68 69 69 THR THR A . n 
A 1 69 TYR 69 70 70 TYR TYR A . n 
A 1 70 SER 70 71 71 SER SER A . n 
A 1 71 VAL 71 72 72 VAL VAL A . n 
A 1 72 LYS 72 73 73 LYS LYS A . n 
A 1 73 LEU 73 74 74 LEU LEU A . n 
A 1 74 THR 74 75 75 THR THR A . n 
A 1 75 ALA 75 76 76 ALA ALA A . n 
A 1 76 ALA 76 77 77 ALA ALA A . n 
A 1 77 GLY 77 78 78 GLY GLY A . n 
A 1 78 GLU 78 79 79 GLU GLU A . n 
A 1 79 TYR 79 80 80 TYR TYR A . n 
A 1 80 GLY 80 81 81 GLY GLY A . n 
A 1 81 TYR 81 82 82 TYR TYR A . n 
A 1 82 TYR 82 83 83 TYR TYR A . n 
A 1 83 CYS 83 84 84 CYS CYS A . n 
A 1 84 GLU 84 85 85 GLU GLU A . n 
A 1 85 PRO 85 86 86 PRO PRO A . n 
A 1 86 HIS 86 87 87 HIS HIS A . n 
A 1 87 GLN 87 88 88 GLN GLN A . n 
A 1 88 GLY 88 89 89 GLY GLY A . n 
A 1 89 ALA 89 90 90 ALA ALA A . n 
A 1 90 GLY 90 91 91 GLY GLY A . n 
A 1 91 MET 91 92 92 MET MET A . n 
A 1 92 VAL 92 93 93 VAL VAL A . n 
A 1 93 GLY 93 94 94 GLY GLY A . n 
A 1 94 LYS 94 95 95 LYS LYS A . n 
A 1 95 ILE 95 96 96 ILE ILE A . n 
A 1 96 ILE 96 97 97 ILE ILE A . n 
A 1 97 VAL 97 98 98 VAL VAL A . n 
A 1 98 GLN 98 99 99 GLN GLN A . n 
# 
loop_
_pdbx_nonpoly_scheme.asym_id 
_pdbx_nonpoly_scheme.entity_id 
_pdbx_nonpoly_scheme.mon_id 
_pdbx_nonpoly_scheme.ndb_seq_num 
_pdbx_nonpoly_scheme.pdb_seq_num 
_pdbx_nonpoly_scheme.auth_seq_num 
_pdbx_nonpoly_scheme.pdb_mon_id 
_pdbx_nonpoly_scheme.auth_mon_id 
_pdbx_nonpoly_scheme.pdb_strand_id 
_pdbx_nonpoly_scheme.pdb_ins_code 
B 2 CU  1  100 100 CU  CU  A . 
C 3 CA  1  101 101 CA  CA  A . 
D 4 HOH 1  102 102 HOH HOH A . 
D 4 HOH 2  103 103 HOH HOH A . 
D 4 HOH 3  104 104 HOH HOH A . 
D 4 HOH 4  105 105 HOH HOH A . 
D 4 HOH 5  106 106 HOH HOH A . 
D 4 HOH 6  107 107 HOH HOH A . 
D 4 HOH 7  108 108 HOH HOH A . 
D 4 HOH 8  109 109 HOH HOH A . 
D 4 HOH 9  110 110 HOH HOH A . 
D 4 HOH 10 111 111 HOH HOH A . 
D 4 HOH 11 112 112 HOH HOH A . 
D 4 HOH 12 113 113 HOH HOH A . 
D 4 HOH 13 114 114 HOH HOH A . 
D 4 HOH 14 115 115 HOH HOH A . 
D 4 HOH 15 116 116 HOH HOH A . 
D 4 HOH 16 117 117 HOH HOH A . 
D 4 HOH 17 118 118 HOH HOH A . 
D 4 HOH 18 119 119 HOH HOH A . 
D 4 HOH 19 120 120 HOH HOH A . 
D 4 HOH 20 121 121 HOH HOH A . 
D 4 HOH 21 122 122 HOH HOH A . 
D 4 HOH 22 123 123 HOH HOH A . 
D 4 HOH 23 124 124 HOH HOH A . 
D 4 HOH 24 125 125 HOH HOH A . 
D 4 HOH 25 126 126 HOH HOH A . 
D 4 HOH 26 127 127 HOH HOH A . 
D 4 HOH 27 128 128 HOH HOH A . 
D 4 HOH 28 129 129 HOH HOH A . 
D 4 HOH 29 130 130 HOH HOH A . 
D 4 HOH 30 131 131 HOH HOH A . 
D 4 HOH 31 132 132 HOH HOH A . 
D 4 HOH 32 133 133 HOH HOH A . 
D 4 HOH 33 134 134 HOH HOH A . 
D 4 HOH 34 135 135 HOH HOH A . 
D 4 HOH 35 136 136 HOH HOH A . 
D 4 HOH 36 137 137 HOH HOH A . 
D 4 HOH 37 138 138 HOH HOH A . 
D 4 HOH 38 139 139 HOH HOH A . 
D 4 HOH 39 140 140 HOH HOH A . 
D 4 HOH 40 141 141 HOH HOH A . 
D 4 HOH 41 142 142 HOH HOH A . 
D 4 HOH 42 143 143 HOH HOH A . 
D 4 HOH 43 144 144 HOH HOH A . 
D 4 HOH 44 145 145 HOH HOH A . 
D 4 HOH 45 146 146 HOH HOH A . 
D 4 HOH 46 147 147 HOH HOH A . 
D 4 HOH 47 148 148 HOH HOH A . 
D 4 HOH 48 149 149 HOH HOH A . 
D 4 HOH 49 150 150 HOH HOH A . 
D 4 HOH 50 151 151 HOH HOH A . 
D 4 HOH 51 152 152 HOH HOH A . 
D 4 HOH 52 153 153 HOH HOH A . 
D 4 HOH 53 154 154 HOH HOH A . 
D 4 HOH 54 155 155 HOH HOH A . 
D 4 HOH 55 156 156 HOH HOH A . 
D 4 HOH 56 157 157 HOH HOH A . 
D 4 HOH 57 158 158 HOH HOH A . 
D 4 HOH 58 159 159 HOH HOH A . 
D 4 HOH 59 160 160 HOH HOH A . 
D 4 HOH 60 161 161 HOH HOH A . 
D 4 HOH 61 162 162 HOH HOH A . 
D 4 HOH 62 163 163 HOH HOH A . 
D 4 HOH 63 164 164 HOH HOH A . 
D 4 HOH 64 165 165 HOH HOH A . 
D 4 HOH 65 166 166 HOH HOH A . 
D 4 HOH 66 167 167 HOH HOH A . 
D 4 HOH 67 168 168 HOH HOH A . 
D 4 HOH 68 169 169 HOH HOH A . 
D 4 HOH 69 170 170 HOH HOH A . 
D 4 HOH 70 171 171 HOH HOH A . 
D 4 HOH 71 172 172 HOH HOH A . 
D 4 HOH 72 173 173 HOH HOH A . 
D 4 HOH 73 174 174 HOH HOH A . 
D 4 HOH 74 175 175 HOH HOH A . 
D 4 HOH 75 176 176 HOH HOH A . 
D 4 HOH 76 177 177 HOH HOH A . 
D 4 HOH 77 178 178 HOH HOH A . 
D 4 HOH 78 179 179 HOH HOH A . 
D 4 HOH 79 180 180 HOH HOH A . 
# 
loop_
_pdbx_unobs_or_zero_occ_atoms.id 
_pdbx_unobs_or_zero_occ_atoms.PDB_model_num 
_pdbx_unobs_or_zero_occ_atoms.polymer_flag 
_pdbx_unobs_or_zero_occ_atoms.occupancy_flag 
_pdbx_unobs_or_zero_occ_atoms.auth_asym_id 
_pdbx_unobs_or_zero_occ_atoms.auth_comp_id 
_pdbx_unobs_or_zero_occ_atoms.auth_seq_id 
_pdbx_unobs_or_zero_occ_atoms.PDB_ins_code 
_pdbx_unobs_or_zero_occ_atoms.auth_atom_id 
_pdbx_unobs_or_zero_occ_atoms.label_alt_id 
_pdbx_unobs_or_zero_occ_atoms.label_asym_id 
_pdbx_unobs_or_zero_occ_atoms.label_comp_id 
_pdbx_unobs_or_zero_occ_atoms.label_seq_id 
_pdbx_unobs_or_zero_occ_atoms.label_atom_id 
1 1 Y 1 A LYS 22 ? CG ? A LYS 23 CG 
2 1 Y 1 A LYS 22 ? CD ? A LYS 23 CD 
3 1 Y 1 A LYS 22 ? CE ? A LYS 23 CE 
4 1 Y 1 A LYS 22 ? NZ ? A LYS 23 NZ 
5 1 Y 1 A TYR 70 ? OH ? A TYR 69 OH 
# 
loop_
_software.name 
_software.classification 
_software.version 
_software.citation_id 
_software.pdbx_ordinal 
X-PLOR 'model building' . ? 1 
X-PLOR refinement       . ? 2 
X-PLOR phasing          . ? 3 
# 
_cell.entry_id           2PLT 
_cell.length_a           61.800 
_cell.length_b           61.800 
_cell.length_c           25.200 
_cell.angle_alpha        90.00 
_cell.angle_beta         90.00 
_cell.angle_gamma        120.00 
_cell.Z_PDB              3 
_cell.pdbx_unique_axis   ? 
_cell.length_a_esd       ? 
_cell.length_b_esd       ? 
_cell.length_c_esd       ? 
_cell.angle_alpha_esd    ? 
_cell.angle_beta_esd     ? 
_cell.angle_gamma_esd    ? 
# 
_symmetry.entry_id                         2PLT 
_symmetry.space_group_name_H-M             'P 32' 
_symmetry.pdbx_full_space_group_name_H-M   ? 
_symmetry.cell_setting                     ? 
_symmetry.Int_Tables_number                145 
_symmetry.space_group_name_Hall            ? 
# 
_exptl.entry_id          2PLT 
_exptl.method            'X-RAY DIFFRACTION' 
_exptl.crystals_number   ? 
# 
_exptl_crystal.id                    1 
_exptl_crystal.density_meas          ? 
_exptl_crystal.density_Matthews      2.69 
_exptl_crystal.density_percent_sol   54.24 
_exptl_crystal.description           ? 
_exptl_crystal.F_000                 ? 
_exptl_crystal.preparation           ? 
# 
_diffrn.id                     1 
_diffrn.ambient_temp           ? 
_diffrn.ambient_temp_details   ? 
_diffrn.crystal_id             1 
# 
_diffrn_radiation.diffrn_id                        1 
_diffrn_radiation.wavelength_id                    1 
_diffrn_radiation.monochromator                    ? 
_diffrn_radiation.pdbx_monochromatic_or_laue_m_l   ? 
_diffrn_radiation.pdbx_diffrn_protocol             ? 
_diffrn_radiation.pdbx_scattering_type             x-ray 
# 
_diffrn_radiation_wavelength.id           1 
_diffrn_radiation_wavelength.wavelength   . 
_diffrn_radiation_wavelength.wt           1.0 
# 
_refine.entry_id                                 2PLT 
_refine.ls_number_reflns_obs                     ? 
_refine.ls_number_reflns_all                     ? 
_refine.pdbx_ls_sigma_I                          ? 
_refine.pdbx_ls_sigma_F                          ? 
_refine.pdbx_data_cutoff_high_absF               ? 
_refine.pdbx_data_cutoff_low_absF                ? 
_refine.pdbx_data_cutoff_high_rms_absF           ? 
_refine.ls_d_res_low                             ? 
_refine.ls_d_res_high                            1.5 
_refine.ls_percent_reflns_obs                    ? 
_refine.ls_R_factor_obs                          0.1680000 
_refine.ls_R_factor_all                          ? 
_refine.ls_R_factor_R_work                       0.1680000 
_refine.ls_R_factor_R_free                       ? 
_refine.ls_R_factor_R_free_error                 ? 
_refine.ls_R_factor_R_free_error_details         ? 
_refine.ls_percent_reflns_R_free                 ? 
_refine.ls_number_reflns_R_free                  ? 
_refine.ls_number_parameters                     ? 
_refine.ls_number_restraints                     ? 
_refine.occupancy_min                            ? 
_refine.occupancy_max                            ? 
_refine.B_iso_mean                               ? 
_refine.aniso_B[1][1]                            ? 
_refine.aniso_B[2][2]                            ? 
_refine.aniso_B[3][3]                            ? 
_refine.aniso_B[1][2]                            ? 
_refine.aniso_B[1][3]                            ? 
_refine.aniso_B[2][3]                            ? 
_refine.solvent_model_details                    ? 
_refine.solvent_model_param_ksol                 ? 
_refine.solvent_model_param_bsol                 ? 
_refine.pdbx_ls_cross_valid_method               ? 
_refine.details                                  ? 
_refine.pdbx_starting_model                      ? 
_refine.pdbx_method_to_determine_struct          ? 
_refine.pdbx_isotropic_thermal_model             ? 
_refine.pdbx_stereochemistry_target_values       ? 
_refine.pdbx_stereochem_target_val_spec_case     ? 
_refine.pdbx_R_Free_selection_details            ? 
_refine.pdbx_overall_ESU_R                       ? 
_refine.pdbx_overall_ESU_R_Free                  ? 
_refine.overall_SU_ML                            ? 
_refine.overall_SU_B                             ? 
_refine.pdbx_refine_id                           'X-RAY DIFFRACTION' 
_refine.ls_redundancy_reflns_obs                 ? 
_refine.pdbx_overall_phase_error                 ? 
_refine.B_iso_min                                ? 
_refine.B_iso_max                                ? 
_refine.correlation_coeff_Fo_to_Fc               ? 
_refine.correlation_coeff_Fo_to_Fc_free          ? 
_refine.pdbx_solvent_vdw_probe_radii             ? 
_refine.pdbx_solvent_ion_probe_radii             ? 
_refine.pdbx_solvent_shrinkage_radii             ? 
_refine.overall_SU_R_Cruickshank_DPI             ? 
_refine.overall_SU_R_free                        ? 
_refine.ls_wR_factor_R_free                      ? 
_refine.ls_wR_factor_R_work                      ? 
_refine.overall_FOM_free_R_set                   ? 
_refine.overall_FOM_work_R_set                   ? 
_refine.pdbx_diffrn_id                           1 
_refine.pdbx_TLS_residual_ADP_flag               ? 
_refine.pdbx_overall_SU_R_free_Cruickshank_DPI   ? 
_refine.pdbx_overall_SU_R_Blow_DPI               ? 
_refine.pdbx_overall_SU_R_free_Blow_DPI          ? 
# 
_refine_hist.pdbx_refine_id                   'X-RAY DIFFRACTION' 
_refine_hist.cycle_id                         LAST 
_refine_hist.pdbx_number_atoms_protein        723 
_refine_hist.pdbx_number_atoms_nucleic_acid   0 
_refine_hist.pdbx_number_atoms_ligand         2 
_refine_hist.number_atoms_solvent             79 
_refine_hist.number_atoms_total               804 
_refine_hist.d_res_high                       1.5 
_refine_hist.d_res_low                        . 
# 
loop_
_refine_ls_restr.type 
_refine_ls_restr.dev_ideal 
_refine_ls_restr.dev_ideal_target 
_refine_ls_restr.weight 
_refine_ls_restr.number 
_refine_ls_restr.pdbx_refine_id 
_refine_ls_restr.pdbx_restraint_function 
x_bond_d                0.020 ? ? ? 'X-RAY DIFFRACTION' ? 
x_bond_d_na             ?     ? ? ? 'X-RAY DIFFRACTION' ? 
x_bond_d_prot           ?     ? ? ? 'X-RAY DIFFRACTION' ? 
x_angle_d               ?     ? ? ? 'X-RAY DIFFRACTION' ? 
x_angle_d_na            ?     ? ? ? 'X-RAY DIFFRACTION' ? 
x_angle_d_prot          ?     ? ? ? 'X-RAY DIFFRACTION' ? 
x_angle_deg             1.88  ? ? ? 'X-RAY DIFFRACTION' ? 
x_angle_deg_na          ?     ? ? ? 'X-RAY DIFFRACTION' ? 
x_angle_deg_prot        ?     ? ? ? 'X-RAY DIFFRACTION' ? 
x_dihedral_angle_d      ?     ? ? ? 'X-RAY DIFFRACTION' ? 
x_dihedral_angle_d_na   ?     ? ? ? 'X-RAY DIFFRACTION' ? 
x_dihedral_angle_d_prot ?     ? ? ? 'X-RAY DIFFRACTION' ? 
x_improper_angle_d      ?     ? ? ? 'X-RAY DIFFRACTION' ? 
x_improper_angle_d_na   ?     ? ? ? 'X-RAY DIFFRACTION' ? 
x_improper_angle_d_prot ?     ? ? ? 'X-RAY DIFFRACTION' ? 
x_mcbond_it             ?     ? ? ? 'X-RAY DIFFRACTION' ? 
x_mcangle_it            ?     ? ? ? 'X-RAY DIFFRACTION' ? 
x_scbond_it             ?     ? ? ? 'X-RAY DIFFRACTION' ? 
x_scangle_it            ?     ? ? ? 'X-RAY DIFFRACTION' ? 
# 
_struct.entry_id                  2PLT 
_struct.title                     
'STRUCTURE DETERMINATION OF PLASTOCYANIN FROM A CRYSTAL SPECIMEN WITH HEMIHEDRAL TWINNING FRACTION OF ONE-HALF' 
_struct.pdbx_model_details        ? 
_struct.pdbx_CASP_flag            ? 
_struct.pdbx_model_type_details   ? 
# 
_struct_keywords.entry_id        2PLT 
_struct_keywords.pdbx_keywords   'ELECTRON TRANSPORT' 
_struct_keywords.text            'ELECTRON TRANSPORT' 
# 
loop_
_struct_asym.id 
_struct_asym.pdbx_blank_PDB_chainid_flag 
_struct_asym.pdbx_modified 
_struct_asym.entity_id 
_struct_asym.details 
A N N 1 ? 
B N N 2 ? 
C N N 3 ? 
D N N 4 ? 
# 
_struct_ref.id                         1 
_struct_ref.db_name                    UNP 
_struct_ref.db_code                    PLAS_CHLRE 
_struct_ref.entity_id                  1 
_struct_ref.pdbx_db_accession          P18068 
_struct_ref.pdbx_align_begin           1 
_struct_ref.pdbx_seq_one_letter_code   
;MKATLRAPASRASAVRPVASLKAAAQRVASVAGVSVASLALTLAAHADATVKLGADSGALEFVPKTLTIKSGETVNFVNN
AGFPHNIVFDEDAIPSGVNADAISRDDYLNAPGETYSVKLTAAGEYGYYCEPHQGAGMVGKIIVQ
;
_struct_ref.pdbx_db_isoform            ? 
# 
_struct_ref_seq.align_id                      1 
_struct_ref_seq.ref_id                        1 
_struct_ref_seq.pdbx_PDB_id_code              2PLT 
_struct_ref_seq.pdbx_strand_id                A 
_struct_ref_seq.seq_align_beg                 1 
_struct_ref_seq.pdbx_seq_align_beg_ins_code   ? 
_struct_ref_seq.seq_align_end                 98 
_struct_ref_seq.pdbx_seq_align_end_ins_code   ? 
_struct_ref_seq.pdbx_db_accession             P18068 
_struct_ref_seq.db_align_beg                  48 
_struct_ref_seq.pdbx_db_align_beg_ins_code    ? 
_struct_ref_seq.db_align_end                  145 
_struct_ref_seq.pdbx_db_align_end_ins_code    ? 
_struct_ref_seq.pdbx_auth_seq_align_beg       0 
_struct_ref_seq.pdbx_auth_seq_align_end       99 
# 
_pdbx_struct_assembly.id                   1 
_pdbx_struct_assembly.details              author_defined_assembly 
_pdbx_struct_assembly.method_details       ? 
_pdbx_struct_assembly.oligomeric_details   monomeric 
_pdbx_struct_assembly.oligomeric_count     1 
# 
_pdbx_struct_assembly_gen.assembly_id       1 
_pdbx_struct_assembly_gen.oper_expression   1 
_pdbx_struct_assembly_gen.asym_id_list      A,B,C,D 
# 
_pdbx_struct_oper_list.id                   1 
_pdbx_struct_oper_list.type                 'identity operation' 
_pdbx_struct_oper_list.name                 1_555 
_pdbx_struct_oper_list.symmetry_operation   x,y,z 
_pdbx_struct_oper_list.matrix[1][1]         1.0000000000 
_pdbx_struct_oper_list.matrix[1][2]         0.0000000000 
_pdbx_struct_oper_list.matrix[1][3]         0.0000000000 
_pdbx_struct_oper_list.vector[1]            0.0000000000 
_pdbx_struct_oper_list.matrix[2][1]         0.0000000000 
_pdbx_struct_oper_list.matrix[2][2]         1.0000000000 
_pdbx_struct_oper_list.matrix[2][3]         0.0000000000 
_pdbx_struct_oper_list.vector[2]            0.0000000000 
_pdbx_struct_oper_list.matrix[3][1]         0.0000000000 
_pdbx_struct_oper_list.matrix[3][2]         0.0000000000 
_pdbx_struct_oper_list.matrix[3][3]         1.0000000000 
_pdbx_struct_oper_list.vector[3]            0.0000000000 
# 
_struct_biol.id        1 
_struct_biol.details   ? 
# 
loop_
_struct_conf.conf_type_id 
_struct_conf.id 
_struct_conf.pdbx_PDB_helix_id 
_struct_conf.beg_label_comp_id 
_struct_conf.beg_label_asym_id 
_struct_conf.beg_label_seq_id 
_struct_conf.pdbx_beg_PDB_ins_code 
_struct_conf.end_label_comp_id 
_struct_conf.end_label_asym_id 
_struct_conf.end_label_seq_id 
_struct_conf.pdbx_end_PDB_ins_code 
_struct_conf.beg_auth_comp_id 
_struct_conf.beg_auth_asym_id 
_struct_conf.beg_auth_seq_id 
_struct_conf.end_auth_comp_id 
_struct_conf.end_auth_asym_id 
_struct_conf.end_auth_seq_id 
_struct_conf.pdbx_PDB_helix_class 
_struct_conf.details 
_struct_conf.pdbx_PDB_helix_length 
HELX_P HELX_P1 1 GLU A 44 ? ILE A 47 ? GLU A 43 ILE A 46 5 ? 4 
HELX_P HELX_P2 2 ASN A 52 ? SER A 57 ? ASN A 51 SER A 56 1 ? 6 
HELX_P HELX_P3 3 GLU A 84 ? GLY A 90 ? GLU A 85 GLY A 91 5 ? 7 
# 
_struct_conf_type.id          HELX_P 
_struct_conf_type.criteria    ? 
_struct_conf_type.reference   ? 
# 
loop_
_struct_conn.id 
_struct_conn.conn_type_id 
_struct_conn.pdbx_leaving_atom_flag 
_struct_conn.pdbx_PDB_id 
_struct_conn.ptnr1_label_asym_id 
_struct_conn.ptnr1_label_comp_id 
_struct_conn.ptnr1_label_seq_id 
_struct_conn.ptnr1_label_atom_id 
_struct_conn.pdbx_ptnr1_label_alt_id 
_struct_conn.pdbx_ptnr1_PDB_ins_code 
_struct_conn.pdbx_ptnr1_standard_comp_id 
_struct_conn.ptnr1_symmetry 
_struct_conn.ptnr2_label_asym_id 
_struct_conn.ptnr2_label_comp_id 
_struct_conn.ptnr2_label_seq_id 
_struct_conn.ptnr2_label_atom_id 
_struct_conn.pdbx_ptnr2_label_alt_id 
_struct_conn.pdbx_ptnr2_PDB_ins_code 
_struct_conn.ptnr1_auth_asym_id 
_struct_conn.ptnr1_auth_comp_id 
_struct_conn.ptnr1_auth_seq_id 
_struct_conn.ptnr2_auth_asym_id 
_struct_conn.ptnr2_auth_comp_id 
_struct_conn.ptnr2_auth_seq_id 
_struct_conn.ptnr2_symmetry 
_struct_conn.pdbx_ptnr3_label_atom_id 
_struct_conn.pdbx_ptnr3_label_seq_id 
_struct_conn.pdbx_ptnr3_label_comp_id 
_struct_conn.pdbx_ptnr3_label_asym_id 
_struct_conn.pdbx_ptnr3_label_alt_id 
_struct_conn.pdbx_ptnr3_PDB_ins_code 
_struct_conn.details 
_struct_conn.pdbx_dist_value 
_struct_conn.pdbx_value_order 
_struct_conn.pdbx_role 
metalc1 metalc ? ? A HIS 38 ND1 ? ? ? 1_555 B CU  . CU ? ? A HIS 37  A CU  100 1_555 ? ? ? ? ? ? ? 2.024 ? ? 
metalc2 metalc ? ? A ASP 59 N   ? ? ? 1_556 C CA  . CA ? ? A ASP 59  A CA  101 1_555 ? ? ? ? ? ? ? 3.224 ? ? 
metalc3 metalc ? ? A ASP 60 N   ? ? ? 1_556 C CA  . CA ? ? A ASP 61  A CA  101 1_555 ? ? ? ? ? ? ? 3.289 ? ? 
metalc4 metalc ? ? A ASP 60 OD2 ? ? ? 1_556 C CA  . CA ? ? A ASP 61  A CA  101 1_555 ? ? ? ? ? ? ? 3.354 ? ? 
metalc5 metalc ? ? A CYS 83 SG  ? ? ? 1_555 B CU  . CU ? ? A CYS 84  A CU  100 1_555 ? ? ? ? ? ? ? 2.114 ? ? 
metalc6 metalc ? ? A HIS 86 ND1 ? ? ? 1_555 B CU  . CU ? ? A HIS 87  A CU  100 1_555 ? ? ? ? ? ? ? 2.017 ? ? 
metalc7 metalc ? ? C CA  .  CA  ? ? ? 1_555 D HOH . O  ? ? A CA  101 A HOH 105 1_555 ? ? ? ? ? ? ? 2.932 ? ? 
# 
_struct_conn_type.id          metalc 
_struct_conn_type.criteria    ? 
_struct_conn_type.reference   ? 
# 
loop_
_pdbx_struct_conn_angle.id 
_pdbx_struct_conn_angle.ptnr1_label_atom_id 
_pdbx_struct_conn_angle.ptnr1_label_alt_id 
_pdbx_struct_conn_angle.ptnr1_label_asym_id 
_pdbx_struct_conn_angle.ptnr1_label_comp_id 
_pdbx_struct_conn_angle.ptnr1_label_seq_id 
_pdbx_struct_conn_angle.ptnr1_auth_atom_id 
_pdbx_struct_conn_angle.ptnr1_auth_asym_id 
_pdbx_struct_conn_angle.ptnr1_auth_comp_id 
_pdbx_struct_conn_angle.ptnr1_auth_seq_id 
_pdbx_struct_conn_angle.ptnr1_PDB_ins_code 
_pdbx_struct_conn_angle.ptnr1_symmetry 
_pdbx_struct_conn_angle.ptnr2_label_atom_id 
_pdbx_struct_conn_angle.ptnr2_label_alt_id 
_pdbx_struct_conn_angle.ptnr2_label_asym_id 
_pdbx_struct_conn_angle.ptnr2_label_comp_id 
_pdbx_struct_conn_angle.ptnr2_label_seq_id 
_pdbx_struct_conn_angle.ptnr2_auth_atom_id 
_pdbx_struct_conn_angle.ptnr2_auth_asym_id 
_pdbx_struct_conn_angle.ptnr2_auth_comp_id 
_pdbx_struct_conn_angle.ptnr2_auth_seq_id 
_pdbx_struct_conn_angle.ptnr2_PDB_ins_code 
_pdbx_struct_conn_angle.ptnr2_symmetry 
_pdbx_struct_conn_angle.ptnr3_label_atom_id 
_pdbx_struct_conn_angle.ptnr3_label_alt_id 
_pdbx_struct_conn_angle.ptnr3_label_asym_id 
_pdbx_struct_conn_angle.ptnr3_label_comp_id 
_pdbx_struct_conn_angle.ptnr3_label_seq_id 
_pdbx_struct_conn_angle.ptnr3_auth_atom_id 
_pdbx_struct_conn_angle.ptnr3_auth_asym_id 
_pdbx_struct_conn_angle.ptnr3_auth_comp_id 
_pdbx_struct_conn_angle.ptnr3_auth_seq_id 
_pdbx_struct_conn_angle.ptnr3_PDB_ins_code 
_pdbx_struct_conn_angle.ptnr3_symmetry 
_pdbx_struct_conn_angle.value 
_pdbx_struct_conn_angle.value_esd 
1 ND1 ? A HIS 38 ? A HIS 37 ? 1_555 CU ? B CU . ? A CU 100 ? 1_555 SG  ? A CYS 83 ? A CYS 84  ? 1_555 131.3 ? 
2 ND1 ? A HIS 38 ? A HIS 37 ? 1_555 CU ? B CU . ? A CU 100 ? 1_555 ND1 ? A HIS 86 ? A HIS 87  ? 1_555 99.6  ? 
3 SG  ? A CYS 83 ? A CYS 84 ? 1_555 CU ? B CU . ? A CU 100 ? 1_555 ND1 ? A HIS 86 ? A HIS 87  ? 1_555 121.9 ? 
4 N   ? A ASP 59 ? A ASP 59 ? 1_556 CA ? C CA . ? A CA 101 ? 1_555 N   ? A ASP 60 ? A ASP 61  ? 1_556 49.8  ? 
5 N   ? A ASP 59 ? A ASP 59 ? 1_556 CA ? C CA . ? A CA 101 ? 1_555 OD2 ? A ASP 60 ? A ASP 61  ? 1_556 121.4 ? 
6 N   ? A ASP 60 ? A ASP 61 ? 1_556 CA ? C CA . ? A CA 101 ? 1_555 OD2 ? A ASP 60 ? A ASP 61  ? 1_556 74.1  ? 
7 N   ? A ASP 59 ? A ASP 59 ? 1_556 CA ? C CA . ? A CA 101 ? 1_555 O   ? D HOH .  ? A HOH 105 ? 1_555 85.8  ? 
8 N   ? A ASP 60 ? A ASP 61 ? 1_556 CA ? C CA . ? A CA 101 ? 1_555 O   ? D HOH .  ? A HOH 105 ? 1_555 129.6 ? 
9 OD2 ? A ASP 60 ? A ASP 61 ? 1_556 CA ? C CA . ? A CA 101 ? 1_555 O   ? D HOH .  ? A HOH 105 ? 1_555 128.8 ? 
# 
loop_
_struct_mon_prot_cis.pdbx_id 
_struct_mon_prot_cis.label_comp_id 
_struct_mon_prot_cis.label_seq_id 
_struct_mon_prot_cis.label_asym_id 
_struct_mon_prot_cis.label_alt_id 
_struct_mon_prot_cis.pdbx_PDB_ins_code 
_struct_mon_prot_cis.auth_comp_id 
_struct_mon_prot_cis.auth_seq_id 
_struct_mon_prot_cis.auth_asym_id 
_struct_mon_prot_cis.pdbx_label_comp_id_2 
_struct_mon_prot_cis.pdbx_label_seq_id_2 
_struct_mon_prot_cis.pdbx_label_asym_id_2 
_struct_mon_prot_cis.pdbx_PDB_ins_code_2 
_struct_mon_prot_cis.pdbx_auth_comp_id_2 
_struct_mon_prot_cis.pdbx_auth_seq_id_2 
_struct_mon_prot_cis.pdbx_auth_asym_id_2 
_struct_mon_prot_cis.pdbx_PDB_model_num 
_struct_mon_prot_cis.pdbx_omega_angle 
1 VAL 16 A . ? VAL 15 A PRO 17 A ? PRO 16 A 1 -0.30 
2 PHE 36 A . ? PHE 35 A PRO 37 A ? PRO 36 A 1 0.75  
# 
loop_
_struct_sheet.id 
_struct_sheet.type 
_struct_sheet.number_strands 
_struct_sheet.details 
A ? 4 ? 
B ? 5 ? 
# 
loop_
_struct_sheet_order.sheet_id 
_struct_sheet_order.range_id_1 
_struct_sheet_order.range_id_2 
_struct_sheet_order.offset 
_struct_sheet_order.sense 
A 1 2 ? anti-parallel 
A 2 3 ? parallel      
A 3 4 ? anti-parallel 
B 1 2 ? parallel      
B 2 3 ? anti-parallel 
B 3 4 ? anti-parallel 
B 4 5 ? anti-parallel 
# 
loop_
_struct_sheet_range.sheet_id 
_struct_sheet_range.id 
_struct_sheet_range.beg_label_comp_id 
_struct_sheet_range.beg_label_asym_id 
_struct_sheet_range.beg_label_seq_id 
_struct_sheet_range.pdbx_beg_PDB_ins_code 
_struct_sheet_range.end_label_comp_id 
_struct_sheet_range.end_label_asym_id 
_struct_sheet_range.end_label_seq_id 
_struct_sheet_range.pdbx_end_PDB_ins_code 
_struct_sheet_range.beg_auth_comp_id 
_struct_sheet_range.beg_auth_asym_id 
_struct_sheet_range.beg_auth_seq_id 
_struct_sheet_range.end_auth_comp_id 
_struct_sheet_range.end_auth_asym_id 
_struct_sheet_range.end_auth_seq_id 
A 1 PHE A 15 ? VAL A 16 ? PHE A 14 VAL A 15 
A 2 ALA A 2  ? LEU A 6  ? ALA A 1  LEU A 5  
A 3 THR A 27 ? ASN A 32 ? THR A 26 ASN A 31 
A 4 THR A 68 ? LYS A 72 ? THR A 69 LYS A 73 
B 1 THR A 19 ? LYS A 23 ? THR A 18 LYS A 22 
B 2 VAL A 92 ? GLN A 98 ? VAL A 93 GLN A 99 
B 3 GLY A 77 ? TYR A 82 ? GLY A 78 TYR A 83 
B 4 HIS A 38 ? PHE A 42 ? HIS A 37 PHE A 41 
B 5 ARG A 58 ? LEU A 62 ? ARG A 57 LEU A 63 
# 
loop_
_pdbx_struct_sheet_hbond.sheet_id 
_pdbx_struct_sheet_hbond.range_id_1 
_pdbx_struct_sheet_hbond.range_id_2 
_pdbx_struct_sheet_hbond.range_1_label_atom_id 
_pdbx_struct_sheet_hbond.range_1_label_comp_id 
_pdbx_struct_sheet_hbond.range_1_label_asym_id 
_pdbx_struct_sheet_hbond.range_1_label_seq_id 
_pdbx_struct_sheet_hbond.range_1_PDB_ins_code 
_pdbx_struct_sheet_hbond.range_1_auth_atom_id 
_pdbx_struct_sheet_hbond.range_1_auth_comp_id 
_pdbx_struct_sheet_hbond.range_1_auth_asym_id 
_pdbx_struct_sheet_hbond.range_1_auth_seq_id 
_pdbx_struct_sheet_hbond.range_2_label_atom_id 
_pdbx_struct_sheet_hbond.range_2_label_comp_id 
_pdbx_struct_sheet_hbond.range_2_label_asym_id 
_pdbx_struct_sheet_hbond.range_2_label_seq_id 
_pdbx_struct_sheet_hbond.range_2_PDB_ins_code 
_pdbx_struct_sheet_hbond.range_2_auth_atom_id 
_pdbx_struct_sheet_hbond.range_2_auth_comp_id 
_pdbx_struct_sheet_hbond.range_2_auth_asym_id 
_pdbx_struct_sheet_hbond.range_2_auth_seq_id 
A 1 2 O VAL A 16 ? O VAL A 15 N LYS A 5  ? N LYS A 4  
A 2 3 N ALA A 2  ? N ALA A 1  O THR A 27 ? O THR A 26 
A 3 4 N PHE A 30 ? N PHE A 29 O TYR A 69 ? O TYR A 70 
B 1 2 N LEU A 20 ? N LEU A 19 O LYS A 94 ? O LYS A 95 
B 2 3 N VAL A 97 ? N VAL A 98 O GLY A 77 ? O GLY A 78 
B 3 4 O TYR A 82 ? O TYR A 83 N VAL A 41 ? N VAL A 40 
B 4 5 O ILE A 40 ? O ILE A 39 N ARG A 58 ? N ARG A 57 
# 
loop_
_struct_site.id 
_struct_site.pdbx_evidence_code 
_struct_site.pdbx_auth_asym_id 
_struct_site.pdbx_auth_comp_id 
_struct_site.pdbx_auth_seq_id 
_struct_site.pdbx_auth_ins_code 
_struct_site.pdbx_num_residues 
_struct_site.details 
AC1 Software A CU 100 ? 4 'BINDING SITE FOR RESIDUE CU A 100' 
AC2 Software A CA 101 ? 4 'BINDING SITE FOR RESIDUE CA A 101' 
# 
loop_
_struct_site_gen.id 
_struct_site_gen.site_id 
_struct_site_gen.pdbx_num_res 
_struct_site_gen.label_comp_id 
_struct_site_gen.label_asym_id 
_struct_site_gen.label_seq_id 
_struct_site_gen.pdbx_auth_ins_code 
_struct_site_gen.auth_comp_id 
_struct_site_gen.auth_asym_id 
_struct_site_gen.auth_seq_id 
_struct_site_gen.label_atom_id 
_struct_site_gen.label_alt_id 
_struct_site_gen.symmetry 
_struct_site_gen.details 
1 AC1 4 HIS A 38 ? HIS A 37  . ? 1_555 ? 
2 AC1 4 CYS A 83 ? CYS A 84  . ? 1_555 ? 
3 AC1 4 HIS A 86 ? HIS A 87  . ? 1_555 ? 
4 AC1 4 MET A 91 ? MET A 92  . ? 1_555 ? 
5 AC2 4 LYS A 18 ? LYS A 17  . ? 1_555 ? 
6 AC2 4 ASP A 59 ? ASP A 59  . ? 1_556 ? 
7 AC2 4 ASP A 60 ? ASP A 61  . ? 1_556 ? 
8 AC2 4 HOH D .  ? HOH A 105 . ? 1_555 ? 
# 
loop_
_pdbx_validate_rmsd_bond.id 
_pdbx_validate_rmsd_bond.PDB_model_num 
_pdbx_validate_rmsd_bond.auth_atom_id_1 
_pdbx_validate_rmsd_bond.auth_asym_id_1 
_pdbx_validate_rmsd_bond.auth_comp_id_1 
_pdbx_validate_rmsd_bond.auth_seq_id_1 
_pdbx_validate_rmsd_bond.PDB_ins_code_1 
_pdbx_validate_rmsd_bond.label_alt_id_1 
_pdbx_validate_rmsd_bond.auth_atom_id_2 
_pdbx_validate_rmsd_bond.auth_asym_id_2 
_pdbx_validate_rmsd_bond.auth_comp_id_2 
_pdbx_validate_rmsd_bond.auth_seq_id_2 
_pdbx_validate_rmsd_bond.PDB_ins_code_2 
_pdbx_validate_rmsd_bond.label_alt_id_2 
_pdbx_validate_rmsd_bond.bond_value 
_pdbx_validate_rmsd_bond.bond_target_value 
_pdbx_validate_rmsd_bond.bond_deviation 
_pdbx_validate_rmsd_bond.bond_standard_deviation 
_pdbx_validate_rmsd_bond.linker_flag 
1 1 CZ A ARG 57 ? 1 NH2 A ARG 57 ? 1 3.111 1.326 1.785 0.013 N 
2 1 CZ A ARG 57 ? 2 NH2 A ARG 57 ? 2 2.528 1.326 1.202 0.013 N 
3 1 CB A ASP 61 ? ? CG  A ASP 61 ? ? 1.674 1.513 0.161 0.021 N 
4 1 C  A TYR 70 ? ? O   A TYR 70 ? B 6.099 1.229 4.870 0.019 N 
# 
loop_
_pdbx_validate_rmsd_angle.id 
_pdbx_validate_rmsd_angle.PDB_model_num 
_pdbx_validate_rmsd_angle.auth_atom_id_1 
_pdbx_validate_rmsd_angle.auth_asym_id_1 
_pdbx_validate_rmsd_angle.auth_comp_id_1 
_pdbx_validate_rmsd_angle.auth_seq_id_1 
_pdbx_validate_rmsd_angle.PDB_ins_code_1 
_pdbx_validate_rmsd_angle.label_alt_id_1 
_pdbx_validate_rmsd_angle.auth_atom_id_2 
_pdbx_validate_rmsd_angle.auth_asym_id_2 
_pdbx_validate_rmsd_angle.auth_comp_id_2 
_pdbx_validate_rmsd_angle.auth_seq_id_2 
_pdbx_validate_rmsd_angle.PDB_ins_code_2 
_pdbx_validate_rmsd_angle.label_alt_id_2 
_pdbx_validate_rmsd_angle.auth_atom_id_3 
_pdbx_validate_rmsd_angle.auth_asym_id_3 
_pdbx_validate_rmsd_angle.auth_comp_id_3 
_pdbx_validate_rmsd_angle.auth_seq_id_3 
_pdbx_validate_rmsd_angle.PDB_ins_code_3 
_pdbx_validate_rmsd_angle.label_alt_id_3 
_pdbx_validate_rmsd_angle.angle_value 
_pdbx_validate_rmsd_angle.angle_target_value 
_pdbx_validate_rmsd_angle.angle_deviation 
_pdbx_validate_rmsd_angle.angle_standard_deviation 
_pdbx_validate_rmsd_angle.linker_flag 
1 1 NH1 A ARG 57 ? 2 CZ A ARG 57 ? 2 NH2 A ARG 57 ? 2 69.44  119.40 -49.96 1.10 N 
2 1 NE  A ARG 57 ? ? CZ A ARG 57 ? 1 NH2 A ARG 57 ? 1 43.47  120.30 -76.83 0.50 N 
3 1 NE  A ARG 57 ? ? CZ A ARG 57 ? 2 NH2 A ARG 57 ? 2 66.17  120.30 -54.13 0.50 N 
4 1 CB  A ASP 61 ? ? CG A ASP 61 ? ? OD1 A ASP 61 ? ? 125.39 118.30 7.09   0.90 N 
5 1 CA  A TYR 70 ? ? C  A TYR 70 ? ? O   A TYR 70 ? B 92.26  120.10 -27.84 2.10 N 
6 1 O   A TYR 70 ? B C  A TYR 70 ? ? N   A SER 71 ? ? 72.28  122.70 -50.42 1.60 Y 
# 
_pdbx_validate_torsion.id              1 
_pdbx_validate_torsion.PDB_model_num   1 
_pdbx_validate_torsion.auth_comp_id    ASN 
_pdbx_validate_torsion.auth_asym_id    A 
_pdbx_validate_torsion.auth_seq_id     32 
_pdbx_validate_torsion.PDB_ins_code    ? 
_pdbx_validate_torsion.label_alt_id    ? 
_pdbx_validate_torsion.phi             -125.03 
_pdbx_validate_torsion.psi             -56.78 
# 
_pdbx_validate_planes.id              1 
_pdbx_validate_planes.PDB_model_num   1 
_pdbx_validate_planes.auth_comp_id    ARG 
_pdbx_validate_planes.auth_asym_id    A 
_pdbx_validate_planes.auth_seq_id     57 
_pdbx_validate_planes.PDB_ins_code    ? 
_pdbx_validate_planes.label_alt_id    ? 
_pdbx_validate_planes.rmsd            0.444 
_pdbx_validate_planes.type            'SIDE CHAIN' 
# 
_pdbx_validate_main_chain_plane.id                       1 
_pdbx_validate_main_chain_plane.PDB_model_num            1 
_pdbx_validate_main_chain_plane.auth_comp_id             TYR 
_pdbx_validate_main_chain_plane.auth_asym_id             A 
_pdbx_validate_main_chain_plane.auth_seq_id              70 
_pdbx_validate_main_chain_plane.PDB_ins_code             ? 
_pdbx_validate_main_chain_plane.label_alt_id             B 
_pdbx_validate_main_chain_plane.improper_torsion_angle   -98.52 
# 
loop_
_chem_comp_atom.comp_id 
_chem_comp_atom.atom_id 
_chem_comp_atom.type_symbol 
_chem_comp_atom.pdbx_aromatic_flag 
_chem_comp_atom.pdbx_stereo_config 
_chem_comp_atom.pdbx_ordinal 
ALA N    N  N N 1   
ALA CA   C  N S 2   
ALA C    C  N N 3   
ALA O    O  N N 4   
ALA CB   C  N N 5   
ALA OXT  O  N N 6   
ALA H    H  N N 7   
ALA H2   H  N N 8   
ALA HA   H  N N 9   
ALA HB1  H  N N 10  
ALA HB2  H  N N 11  
ALA HB3  H  N N 12  
ALA HXT  H  N N 13  
ARG N    N  N N 14  
ARG CA   C  N S 15  
ARG C    C  N N 16  
ARG O    O  N N 17  
ARG CB   C  N N 18  
ARG CG   C  N N 19  
ARG CD   C  N N 20  
ARG NE   N  N N 21  
ARG CZ   C  N N 22  
ARG NH1  N  N N 23  
ARG NH2  N  N N 24  
ARG OXT  O  N N 25  
ARG H    H  N N 26  
ARG H2   H  N N 27  
ARG HA   H  N N 28  
ARG HB2  H  N N 29  
ARG HB3  H  N N 30  
ARG HG2  H  N N 31  
ARG HG3  H  N N 32  
ARG HD2  H  N N 33  
ARG HD3  H  N N 34  
ARG HE   H  N N 35  
ARG HH11 H  N N 36  
ARG HH12 H  N N 37  
ARG HH21 H  N N 38  
ARG HH22 H  N N 39  
ARG HXT  H  N N 40  
ASN N    N  N N 41  
ASN CA   C  N S 42  
ASN C    C  N N 43  
ASN O    O  N N 44  
ASN CB   C  N N 45  
ASN CG   C  N N 46  
ASN OD1  O  N N 47  
ASN ND2  N  N N 48  
ASN OXT  O  N N 49  
ASN H    H  N N 50  
ASN H2   H  N N 51  
ASN HA   H  N N 52  
ASN HB2  H  N N 53  
ASN HB3  H  N N 54  
ASN HD21 H  N N 55  
ASN HD22 H  N N 56  
ASN HXT  H  N N 57  
ASP N    N  N N 58  
ASP CA   C  N S 59  
ASP C    C  N N 60  
ASP O    O  N N 61  
ASP CB   C  N N 62  
ASP CG   C  N N 63  
ASP OD1  O  N N 64  
ASP OD2  O  N N 65  
ASP OXT  O  N N 66  
ASP H    H  N N 67  
ASP H2   H  N N 68  
ASP HA   H  N N 69  
ASP HB2  H  N N 70  
ASP HB3  H  N N 71  
ASP HD2  H  N N 72  
ASP HXT  H  N N 73  
CA  CA   CA N N 74  
CU  CU   CU N N 75  
CYS N    N  N N 76  
CYS CA   C  N R 77  
CYS C    C  N N 78  
CYS O    O  N N 79  
CYS CB   C  N N 80  
CYS SG   S  N N 81  
CYS OXT  O  N N 82  
CYS H    H  N N 83  
CYS H2   H  N N 84  
CYS HA   H  N N 85  
CYS HB2  H  N N 86  
CYS HB3  H  N N 87  
CYS HG   H  N N 88  
CYS HXT  H  N N 89  
GLN N    N  N N 90  
GLN CA   C  N S 91  
GLN C    C  N N 92  
GLN O    O  N N 93  
GLN CB   C  N N 94  
GLN CG   C  N N 95  
GLN CD   C  N N 96  
GLN OE1  O  N N 97  
GLN NE2  N  N N 98  
GLN OXT  O  N N 99  
GLN H    H  N N 100 
GLN H2   H  N N 101 
GLN HA   H  N N 102 
GLN HB2  H  N N 103 
GLN HB3  H  N N 104 
GLN HG2  H  N N 105 
GLN HG3  H  N N 106 
GLN HE21 H  N N 107 
GLN HE22 H  N N 108 
GLN HXT  H  N N 109 
GLU N    N  N N 110 
GLU CA   C  N S 111 
GLU C    C  N N 112 
GLU O    O  N N 113 
GLU CB   C  N N 114 
GLU CG   C  N N 115 
GLU CD   C  N N 116 
GLU OE1  O  N N 117 
GLU OE2  O  N N 118 
GLU OXT  O  N N 119 
GLU H    H  N N 120 
GLU H2   H  N N 121 
GLU HA   H  N N 122 
GLU HB2  H  N N 123 
GLU HB3  H  N N 124 
GLU HG2  H  N N 125 
GLU HG3  H  N N 126 
GLU HE2  H  N N 127 
GLU HXT  H  N N 128 
GLY N    N  N N 129 
GLY CA   C  N N 130 
GLY C    C  N N 131 
GLY O    O  N N 132 
GLY OXT  O  N N 133 
GLY H    H  N N 134 
GLY H2   H  N N 135 
GLY HA2  H  N N 136 
GLY HA3  H  N N 137 
GLY HXT  H  N N 138 
HIS N    N  N N 139 
HIS CA   C  N S 140 
HIS C    C  N N 141 
HIS O    O  N N 142 
HIS CB   C  N N 143 
HIS CG   C  Y N 144 
HIS ND1  N  Y N 145 
HIS CD2  C  Y N 146 
HIS CE1  C  Y N 147 
HIS NE2  N  Y N 148 
HIS OXT  O  N N 149 
HIS H    H  N N 150 
HIS H2   H  N N 151 
HIS HA   H  N N 152 
HIS HB2  H  N N 153 
HIS HB3  H  N N 154 
HIS HD1  H  N N 155 
HIS HD2  H  N N 156 
HIS HE1  H  N N 157 
HIS HE2  H  N N 158 
HIS HXT  H  N N 159 
HOH O    O  N N 160 
HOH H1   H  N N 161 
HOH H2   H  N N 162 
ILE N    N  N N 163 
ILE CA   C  N S 164 
ILE C    C  N N 165 
ILE O    O  N N 166 
ILE CB   C  N S 167 
ILE CG1  C  N N 168 
ILE CG2  C  N N 169 
ILE CD1  C  N N 170 
ILE OXT  O  N N 171 
ILE H    H  N N 172 
ILE H2   H  N N 173 
ILE HA   H  N N 174 
ILE HB   H  N N 175 
ILE HG12 H  N N 176 
ILE HG13 H  N N 177 
ILE HG21 H  N N 178 
ILE HG22 H  N N 179 
ILE HG23 H  N N 180 
ILE HD11 H  N N 181 
ILE HD12 H  N N 182 
ILE HD13 H  N N 183 
ILE HXT  H  N N 184 
LEU N    N  N N 185 
LEU CA   C  N S 186 
LEU C    C  N N 187 
LEU O    O  N N 188 
LEU CB   C  N N 189 
LEU CG   C  N N 190 
LEU CD1  C  N N 191 
LEU CD2  C  N N 192 
LEU OXT  O  N N 193 
LEU H    H  N N 194 
LEU H2   H  N N 195 
LEU HA   H  N N 196 
LEU HB2  H  N N 197 
LEU HB3  H  N N 198 
LEU HG   H  N N 199 
LEU HD11 H  N N 200 
LEU HD12 H  N N 201 
LEU HD13 H  N N 202 
LEU HD21 H  N N 203 
LEU HD22 H  N N 204 
LEU HD23 H  N N 205 
LEU HXT  H  N N 206 
LYS N    N  N N 207 
LYS CA   C  N S 208 
LYS C    C  N N 209 
LYS O    O  N N 210 
LYS CB   C  N N 211 
LYS CG   C  N N 212 
LYS CD   C  N N 213 
LYS CE   C  N N 214 
LYS NZ   N  N N 215 
LYS OXT  O  N N 216 
LYS H    H  N N 217 
LYS H2   H  N N 218 
LYS HA   H  N N 219 
LYS HB2  H  N N 220 
LYS HB3  H  N N 221 
LYS HG2  H  N N 222 
LYS HG3  H  N N 223 
LYS HD2  H  N N 224 
LYS HD3  H  N N 225 
LYS HE2  H  N N 226 
LYS HE3  H  N N 227 
LYS HZ1  H  N N 228 
LYS HZ2  H  N N 229 
LYS HZ3  H  N N 230 
LYS HXT  H  N N 231 
MET N    N  N N 232 
MET CA   C  N S 233 
MET C    C  N N 234 
MET O    O  N N 235 
MET CB   C  N N 236 
MET CG   C  N N 237 
MET SD   S  N N 238 
MET CE   C  N N 239 
MET OXT  O  N N 240 
MET H    H  N N 241 
MET H2   H  N N 242 
MET HA   H  N N 243 
MET HB2  H  N N 244 
MET HB3  H  N N 245 
MET HG2  H  N N 246 
MET HG3  H  N N 247 
MET HE1  H  N N 248 
MET HE2  H  N N 249 
MET HE3  H  N N 250 
MET HXT  H  N N 251 
PHE N    N  N N 252 
PHE CA   C  N S 253 
PHE C    C  N N 254 
PHE O    O  N N 255 
PHE CB   C  N N 256 
PHE CG   C  Y N 257 
PHE CD1  C  Y N 258 
PHE CD2  C  Y N 259 
PHE CE1  C  Y N 260 
PHE CE2  C  Y N 261 
PHE CZ   C  Y N 262 
PHE OXT  O  N N 263 
PHE H    H  N N 264 
PHE H2   H  N N 265 
PHE HA   H  N N 266 
PHE HB2  H  N N 267 
PHE HB3  H  N N 268 
PHE HD1  H  N N 269 
PHE HD2  H  N N 270 
PHE HE1  H  N N 271 
PHE HE2  H  N N 272 
PHE HZ   H  N N 273 
PHE HXT  H  N N 274 
PRO N    N  N N 275 
PRO CA   C  N S 276 
PRO C    C  N N 277 
PRO O    O  N N 278 
PRO CB   C  N N 279 
PRO CG   C  N N 280 
PRO CD   C  N N 281 
PRO OXT  O  N N 282 
PRO H    H  N N 283 
PRO HA   H  N N 284 
PRO HB2  H  N N 285 
PRO HB3  H  N N 286 
PRO HG2  H  N N 287 
PRO HG3  H  N N 288 
PRO HD2  H  N N 289 
PRO HD3  H  N N 290 
PRO HXT  H  N N 291 
SER N    N  N N 292 
SER CA   C  N S 293 
SER C    C  N N 294 
SER O    O  N N 295 
SER CB   C  N N 296 
SER OG   O  N N 297 
SER OXT  O  N N 298 
SER H    H  N N 299 
SER H2   H  N N 300 
SER HA   H  N N 301 
SER HB2  H  N N 302 
SER HB3  H  N N 303 
SER HG   H  N N 304 
SER HXT  H  N N 305 
THR N    N  N N 306 
THR CA   C  N S 307 
THR C    C  N N 308 
THR O    O  N N 309 
THR CB   C  N R 310 
THR OG1  O  N N 311 
THR CG2  C  N N 312 
THR OXT  O  N N 313 
THR H    H  N N 314 
THR H2   H  N N 315 
THR HA   H  N N 316 
THR HB   H  N N 317 
THR HG1  H  N N 318 
THR HG21 H  N N 319 
THR HG22 H  N N 320 
THR HG23 H  N N 321 
THR HXT  H  N N 322 
TYR N    N  N N 323 
TYR CA   C  N S 324 
TYR C    C  N N 325 
TYR O    O  N N 326 
TYR CB   C  N N 327 
TYR CG   C  Y N 328 
TYR CD1  C  Y N 329 
TYR CD2  C  Y N 330 
TYR CE1  C  Y N 331 
TYR CE2  C  Y N 332 
TYR CZ   C  Y N 333 
TYR OH   O  N N 334 
TYR OXT  O  N N 335 
TYR H    H  N N 336 
TYR H2   H  N N 337 
TYR HA   H  N N 338 
TYR HB2  H  N N 339 
TYR HB3  H  N N 340 
TYR HD1  H  N N 341 
TYR HD2  H  N N 342 
TYR HE1  H  N N 343 
TYR HE2  H  N N 344 
TYR HH   H  N N 345 
TYR HXT  H  N N 346 
VAL N    N  N N 347 
VAL CA   C  N S 348 
VAL C    C  N N 349 
VAL O    O  N N 350 
VAL CB   C  N N 351 
VAL CG1  C  N N 352 
VAL CG2  C  N N 353 
VAL OXT  O  N N 354 
VAL H    H  N N 355 
VAL H2   H  N N 356 
VAL HA   H  N N 357 
VAL HB   H  N N 358 
VAL HG11 H  N N 359 
VAL HG12 H  N N 360 
VAL HG13 H  N N 361 
VAL HG21 H  N N 362 
VAL HG22 H  N N 363 
VAL HG23 H  N N 364 
VAL HXT  H  N N 365 
# 
loop_
_chem_comp_bond.comp_id 
_chem_comp_bond.atom_id_1 
_chem_comp_bond.atom_id_2 
_chem_comp_bond.value_order 
_chem_comp_bond.pdbx_aromatic_flag 
_chem_comp_bond.pdbx_stereo_config 
_chem_comp_bond.pdbx_ordinal 
ALA N   CA   sing N N 1   
ALA N   H    sing N N 2   
ALA N   H2   sing N N 3   
ALA CA  C    sing N N 4   
ALA CA  CB   sing N N 5   
ALA CA  HA   sing N N 6   
ALA C   O    doub N N 7   
ALA C   OXT  sing N N 8   
ALA CB  HB1  sing N N 9   
ALA CB  HB2  sing N N 10  
ALA CB  HB3  sing N N 11  
ALA OXT HXT  sing N N 12  
ARG N   CA   sing N N 13  
ARG N   H    sing N N 14  
ARG N   H2   sing N N 15  
ARG CA  C    sing N N 16  
ARG CA  CB   sing N N 17  
ARG CA  HA   sing N N 18  
ARG C   O    doub N N 19  
ARG C   OXT  sing N N 20  
ARG CB  CG   sing N N 21  
ARG CB  HB2  sing N N 22  
ARG CB  HB3  sing N N 23  
ARG CG  CD   sing N N 24  
ARG CG  HG2  sing N N 25  
ARG CG  HG3  sing N N 26  
ARG CD  NE   sing N N 27  
ARG CD  HD2  sing N N 28  
ARG CD  HD3  sing N N 29  
ARG NE  CZ   sing N N 30  
ARG NE  HE   sing N N 31  
ARG CZ  NH1  sing N N 32  
ARG CZ  NH2  doub N N 33  
ARG NH1 HH11 sing N N 34  
ARG NH1 HH12 sing N N 35  
ARG NH2 HH21 sing N N 36  
ARG NH2 HH22 sing N N 37  
ARG OXT HXT  sing N N 38  
ASN N   CA   sing N N 39  
ASN N   H    sing N N 40  
ASN N   H2   sing N N 41  
ASN CA  C    sing N N 42  
ASN CA  CB   sing N N 43  
ASN CA  HA   sing N N 44  
ASN C   O    doub N N 45  
ASN C   OXT  sing N N 46  
ASN CB  CG   sing N N 47  
ASN CB  HB2  sing N N 48  
ASN CB  HB3  sing N N 49  
ASN CG  OD1  doub N N 50  
ASN CG  ND2  sing N N 51  
ASN ND2 HD21 sing N N 52  
ASN ND2 HD22 sing N N 53  
ASN OXT HXT  sing N N 54  
ASP N   CA   sing N N 55  
ASP N   H    sing N N 56  
ASP N   H2   sing N N 57  
ASP CA  C    sing N N 58  
ASP CA  CB   sing N N 59  
ASP CA  HA   sing N N 60  
ASP C   O    doub N N 61  
ASP C   OXT  sing N N 62  
ASP CB  CG   sing N N 63  
ASP CB  HB2  sing N N 64  
ASP CB  HB3  sing N N 65  
ASP CG  OD1  doub N N 66  
ASP CG  OD2  sing N N 67  
ASP OD2 HD2  sing N N 68  
ASP OXT HXT  sing N N 69  
CYS N   CA   sing N N 70  
CYS N   H    sing N N 71  
CYS N   H2   sing N N 72  
CYS CA  C    sing N N 73  
CYS CA  CB   sing N N 74  
CYS CA  HA   sing N N 75  
CYS C   O    doub N N 76  
CYS C   OXT  sing N N 77  
CYS CB  SG   sing N N 78  
CYS CB  HB2  sing N N 79  
CYS CB  HB3  sing N N 80  
CYS SG  HG   sing N N 81  
CYS OXT HXT  sing N N 82  
GLN N   CA   sing N N 83  
GLN N   H    sing N N 84  
GLN N   H2   sing N N 85  
GLN CA  C    sing N N 86  
GLN CA  CB   sing N N 87  
GLN CA  HA   sing N N 88  
GLN C   O    doub N N 89  
GLN C   OXT  sing N N 90  
GLN CB  CG   sing N N 91  
GLN CB  HB2  sing N N 92  
GLN CB  HB3  sing N N 93  
GLN CG  CD   sing N N 94  
GLN CG  HG2  sing N N 95  
GLN CG  HG3  sing N N 96  
GLN CD  OE1  doub N N 97  
GLN CD  NE2  sing N N 98  
GLN NE2 HE21 sing N N 99  
GLN NE2 HE22 sing N N 100 
GLN OXT HXT  sing N N 101 
GLU N   CA   sing N N 102 
GLU N   H    sing N N 103 
GLU N   H2   sing N N 104 
GLU CA  C    sing N N 105 
GLU CA  CB   sing N N 106 
GLU CA  HA   sing N N 107 
GLU C   O    doub N N 108 
GLU C   OXT  sing N N 109 
GLU CB  CG   sing N N 110 
GLU CB  HB2  sing N N 111 
GLU CB  HB3  sing N N 112 
GLU CG  CD   sing N N 113 
GLU CG  HG2  sing N N 114 
GLU CG  HG3  sing N N 115 
GLU CD  OE1  doub N N 116 
GLU CD  OE2  sing N N 117 
GLU OE2 HE2  sing N N 118 
GLU OXT HXT  sing N N 119 
GLY N   CA   sing N N 120 
GLY N   H    sing N N 121 
GLY N   H2   sing N N 122 
GLY CA  C    sing N N 123 
GLY CA  HA2  sing N N 124 
GLY CA  HA3  sing N N 125 
GLY C   O    doub N N 126 
GLY C   OXT  sing N N 127 
GLY OXT HXT  sing N N 128 
HIS N   CA   sing N N 129 
HIS N   H    sing N N 130 
HIS N   H2   sing N N 131 
HIS CA  C    sing N N 132 
HIS CA  CB   sing N N 133 
HIS CA  HA   sing N N 134 
HIS C   O    doub N N 135 
HIS C   OXT  sing N N 136 
HIS CB  CG   sing N N 137 
HIS CB  HB2  sing N N 138 
HIS CB  HB3  sing N N 139 
HIS CG  ND1  sing Y N 140 
HIS CG  CD2  doub Y N 141 
HIS ND1 CE1  doub Y N 142 
HIS ND1 HD1  sing N N 143 
HIS CD2 NE2  sing Y N 144 
HIS CD2 HD2  sing N N 145 
HIS CE1 NE2  sing Y N 146 
HIS CE1 HE1  sing N N 147 
HIS NE2 HE2  sing N N 148 
HIS OXT HXT  sing N N 149 
HOH O   H1   sing N N 150 
HOH O   H2   sing N N 151 
ILE N   CA   sing N N 152 
ILE N   H    sing N N 153 
ILE N   H2   sing N N 154 
ILE CA  C    sing N N 155 
ILE CA  CB   sing N N 156 
ILE CA  HA   sing N N 157 
ILE C   O    doub N N 158 
ILE C   OXT  sing N N 159 
ILE CB  CG1  sing N N 160 
ILE CB  CG2  sing N N 161 
ILE CB  HB   sing N N 162 
ILE CG1 CD1  sing N N 163 
ILE CG1 HG12 sing N N 164 
ILE CG1 HG13 sing N N 165 
ILE CG2 HG21 sing N N 166 
ILE CG2 HG22 sing N N 167 
ILE CG2 HG23 sing N N 168 
ILE CD1 HD11 sing N N 169 
ILE CD1 HD12 sing N N 170 
ILE CD1 HD13 sing N N 171 
ILE OXT HXT  sing N N 172 
LEU N   CA   sing N N 173 
LEU N   H    sing N N 174 
LEU N   H2   sing N N 175 
LEU CA  C    sing N N 176 
LEU CA  CB   sing N N 177 
LEU CA  HA   sing N N 178 
LEU C   O    doub N N 179 
LEU C   OXT  sing N N 180 
LEU CB  CG   sing N N 181 
LEU CB  HB2  sing N N 182 
LEU CB  HB3  sing N N 183 
LEU CG  CD1  sing N N 184 
LEU CG  CD2  sing N N 185 
LEU CG  HG   sing N N 186 
LEU CD1 HD11 sing N N 187 
LEU CD1 HD12 sing N N 188 
LEU CD1 HD13 sing N N 189 
LEU CD2 HD21 sing N N 190 
LEU CD2 HD22 sing N N 191 
LEU CD2 HD23 sing N N 192 
LEU OXT HXT  sing N N 193 
LYS N   CA   sing N N 194 
LYS N   H    sing N N 195 
LYS N   H2   sing N N 196 
LYS CA  C    sing N N 197 
LYS CA  CB   sing N N 198 
LYS CA  HA   sing N N 199 
LYS C   O    doub N N 200 
LYS C   OXT  sing N N 201 
LYS CB  CG   sing N N 202 
LYS CB  HB2  sing N N 203 
LYS CB  HB3  sing N N 204 
LYS CG  CD   sing N N 205 
LYS CG  HG2  sing N N 206 
LYS CG  HG3  sing N N 207 
LYS CD  CE   sing N N 208 
LYS CD  HD2  sing N N 209 
LYS CD  HD3  sing N N 210 
LYS CE  NZ   sing N N 211 
LYS CE  HE2  sing N N 212 
LYS CE  HE3  sing N N 213 
LYS NZ  HZ1  sing N N 214 
LYS NZ  HZ2  sing N N 215 
LYS NZ  HZ3  sing N N 216 
LYS OXT HXT  sing N N 217 
MET N   CA   sing N N 218 
MET N   H    sing N N 219 
MET N   H2   sing N N 220 
MET CA  C    sing N N 221 
MET CA  CB   sing N N 222 
MET CA  HA   sing N N 223 
MET C   O    doub N N 224 
MET C   OXT  sing N N 225 
MET CB  CG   sing N N 226 
MET CB  HB2  sing N N 227 
MET CB  HB3  sing N N 228 
MET CG  SD   sing N N 229 
MET CG  HG2  sing N N 230 
MET CG  HG3  sing N N 231 
MET SD  CE   sing N N 232 
MET CE  HE1  sing N N 233 
MET CE  HE2  sing N N 234 
MET CE  HE3  sing N N 235 
MET OXT HXT  sing N N 236 
PHE N   CA   sing N N 237 
PHE N   H    sing N N 238 
PHE N   H2   sing N N 239 
PHE CA  C    sing N N 240 
PHE CA  CB   sing N N 241 
PHE CA  HA   sing N N 242 
PHE C   O    doub N N 243 
PHE C   OXT  sing N N 244 
PHE CB  CG   sing N N 245 
PHE CB  HB2  sing N N 246 
PHE CB  HB3  sing N N 247 
PHE CG  CD1  doub Y N 248 
PHE CG  CD2  sing Y N 249 
PHE CD1 CE1  sing Y N 250 
PHE CD1 HD1  sing N N 251 
PHE CD2 CE2  doub Y N 252 
PHE CD2 HD2  sing N N 253 
PHE CE1 CZ   doub Y N 254 
PHE CE1 HE1  sing N N 255 
PHE CE2 CZ   sing Y N 256 
PHE CE2 HE2  sing N N 257 
PHE CZ  HZ   sing N N 258 
PHE OXT HXT  sing N N 259 
PRO N   CA   sing N N 260 
PRO N   CD   sing N N 261 
PRO N   H    sing N N 262 
PRO CA  C    sing N N 263 
PRO CA  CB   sing N N 264 
PRO CA  HA   sing N N 265 
PRO C   O    doub N N 266 
PRO C   OXT  sing N N 267 
PRO CB  CG   sing N N 268 
PRO CB  HB2  sing N N 269 
PRO CB  HB3  sing N N 270 
PRO CG  CD   sing N N 271 
PRO CG  HG2  sing N N 272 
PRO CG  HG3  sing N N 273 
PRO CD  HD2  sing N N 274 
PRO CD  HD3  sing N N 275 
PRO OXT HXT  sing N N 276 
SER N   CA   sing N N 277 
SER N   H    sing N N 278 
SER N   H2   sing N N 279 
SER CA  C    sing N N 280 
SER CA  CB   sing N N 281 
SER CA  HA   sing N N 282 
SER C   O    doub N N 283 
SER C   OXT  sing N N 284 
SER CB  OG   sing N N 285 
SER CB  HB2  sing N N 286 
SER CB  HB3  sing N N 287 
SER OG  HG   sing N N 288 
SER OXT HXT  sing N N 289 
THR N   CA   sing N N 290 
THR N   H    sing N N 291 
THR N   H2   sing N N 292 
THR CA  C    sing N N 293 
THR CA  CB   sing N N 294 
THR CA  HA   sing N N 295 
THR C   O    doub N N 296 
THR C   OXT  sing N N 297 
THR CB  OG1  sing N N 298 
THR CB  CG2  sing N N 299 
THR CB  HB   sing N N 300 
THR OG1 HG1  sing N N 301 
THR CG2 HG21 sing N N 302 
THR CG2 HG22 sing N N 303 
THR CG2 HG23 sing N N 304 
THR OXT HXT  sing N N 305 
TYR N   CA   sing N N 306 
TYR N   H    sing N N 307 
TYR N   H2   sing N N 308 
TYR CA  C    sing N N 309 
TYR CA  CB   sing N N 310 
TYR CA  HA   sing N N 311 
TYR C   O    doub N N 312 
TYR C   OXT  sing N N 313 
TYR CB  CG   sing N N 314 
TYR CB  HB2  sing N N 315 
TYR CB  HB3  sing N N 316 
TYR CG  CD1  doub Y N 317 
TYR CG  CD2  sing Y N 318 
TYR CD1 CE1  sing Y N 319 
TYR CD1 HD1  sing N N 320 
TYR CD2 CE2  doub Y N 321 
TYR CD2 HD2  sing N N 322 
TYR CE1 CZ   doub Y N 323 
TYR CE1 HE1  sing N N 324 
TYR CE2 CZ   sing Y N 325 
TYR CE2 HE2  sing N N 326 
TYR CZ  OH   sing N N 327 
TYR OH  HH   sing N N 328 
TYR OXT HXT  sing N N 329 
VAL N   CA   sing N N 330 
VAL N   H    sing N N 331 
VAL N   H2   sing N N 332 
VAL CA  C    sing N N 333 
VAL CA  CB   sing N N 334 
VAL CA  HA   sing N N 335 
VAL C   O    doub N N 336 
VAL C   OXT  sing N N 337 
VAL CB  CG1  sing N N 338 
VAL CB  CG2  sing N N 339 
VAL CB  HB   sing N N 340 
VAL CG1 HG11 sing N N 341 
VAL CG1 HG12 sing N N 342 
VAL CG1 HG13 sing N N 343 
VAL CG2 HG21 sing N N 344 
VAL CG2 HG22 sing N N 345 
VAL CG2 HG23 sing N N 346 
VAL OXT HXT  sing N N 347 
# 
_atom_sites.entry_id                    2PLT 
_atom_sites.fract_transf_matrix[1][1]   0.01133339 
_atom_sites.fract_transf_matrix[1][2]   0.00615353 
_atom_sites.fract_transf_matrix[1][3]   0.01351984 
_atom_sites.fract_transf_matrix[2][1]   0.01540697 
_atom_sites.fract_transf_matrix[2][2]   -0.00962193 
_atom_sites.fract_transf_matrix[2][3]   0.00437442 
_atom_sites.fract_transf_matrix[3][1]   0.02060834 
_atom_sites.fract_transf_matrix[3][2]   0.02083381 
_atom_sites.fract_transf_matrix[3][3]   -0.02675798 
_atom_sites.fract_transf_vector[1]      1.330856 
_atom_sites.fract_transf_vector[2]      1.140133 
_atom_sites.fract_transf_vector[3]      1.145625 
# 
_atom_sites_footnote.id     1 
_atom_sites_footnote.text   'RESIDUES 16 AND 36 ARE CIS PROLINES.' 
# 
loop_
_atom_type.symbol 
C  
CA 
CU 
N  
O  
S  
# 
loop_
_atom_site.group_PDB 
_atom_site.id 
_atom_site.type_symbol 
_atom_site.label_atom_id 
_atom_site.label_alt_id 
_atom_site.label_comp_id 
_atom_site.label_asym_id 
_atom_site.label_entity_id 
_atom_site.label_seq_id 
_atom_site.pdbx_PDB_ins_code 
_atom_site.Cartn_x 
_atom_site.Cartn_y 
_atom_site.Cartn_z 
_atom_site.occupancy 
_atom_site.B_iso_or_equiv 
_atom_site.pdbx_formal_charge 
_atom_site.auth_seq_id 
_atom_site.auth_comp_id 
_atom_site.auth_asym_id 
_atom_site.auth_atom_id 
_atom_site.pdbx_PDB_model_num 
ATOM   1   N  N   . ASP A 1 1  ? 9.140   -9.967  -5.749  1.00 29.09 ? 0   ASP A N   1 
ATOM   2   C  CA  . ASP A 1 1  ? 8.604   -9.132  -4.631  1.00 29.07 ? 0   ASP A CA  1 
ATOM   3   C  C   . ASP A 1 1  ? 9.131   -7.706  -4.711  1.00 28.33 ? 0   ASP A C   1 
ATOM   4   O  O   . ASP A 1 1  ? 10.169  -7.460  -5.387  1.00 30.85 ? 0   ASP A O   1 
ATOM   5   C  CB  . ASP A 1 1  ? 8.955   -9.753  -3.284  1.00 35.68 ? 0   ASP A CB  1 
ATOM   6   C  CG  . ASP A 1 1  ? 8.394   -11.160 -3.130  1.00 38.20 ? 0   ASP A CG  1 
ATOM   7   O  OD1 . ASP A 1 1  ? 7.699   -11.657 -4.060  1.00 38.59 ? 0   ASP A OD1 1 
ATOM   8   O  OD2 . ASP A 1 1  ? 8.671   -11.762 -2.074  1.00 42.25 ? 0   ASP A OD2 1 
ATOM   9   N  N   . ALA A 1 2  ? 8.424   -6.771  -4.063  1.00 19.01 ? 1   ALA A N   1 
ATOM   10  C  CA  . ALA A 1 2  ? 8.815   -5.367  -4.129  1.00 16.95 ? 1   ALA A CA  1 
ATOM   11  C  C   . ALA A 1 2  ? 8.522   -4.707  -2.816  1.00 15.29 ? 1   ALA A C   1 
ATOM   12  O  O   . ALA A 1 2  ? 7.739   -5.223  -2.024  1.00 20.74 ? 1   ALA A O   1 
ATOM   13  C  CB  . ALA A 1 2  ? 8.057   -4.626  -5.297  1.00 21.74 ? 1   ALA A CB  1 
ATOM   14  N  N   . THR A 1 3  ? 9.144   -3.556  -2.607  1.00 14.35 ? 2   THR A N   1 
ATOM   15  C  CA  . THR A 1 3  ? 8.995   -2.809  -1.384  1.00 14.94 ? 2   THR A CA  1 
ATOM   16  C  C   . THR A 1 3  ? 8.416   -1.428  -1.619  1.00 13.63 ? 2   THR A C   1 
ATOM   17  O  O   . THR A 1 3  ? 8.787   -0.727  -2.588  1.00 16.26 ? 2   THR A O   1 
ATOM   18  C  CB  . THR A 1 3  ? 10.381  -2.670  -0.709  1.00 19.50 ? 2   THR A CB  1 
ATOM   19  O  OG1 . THR A 1 3  ? 10.830  -3.984  -0.329  1.00 23.74 ? 2   THR A OG1 1 
ATOM   20  C  CG2 . THR A 1 3  ? 10.349  -1.740  0.485   1.00 20.26 ? 2   THR A CG2 1 
ATOM   21  N  N   . VAL A 1 4  ? 7.476   -1.051  -0.757  1.00 12.02 ? 3   VAL A N   1 
ATOM   22  C  CA  . VAL A 1 4  ? 6.896   0.284   -0.803  1.00 11.83 ? 3   VAL A CA  1 
ATOM   23  C  C   . VAL A 1 4  ? 7.154   0.870   0.585   1.00 12.89 ? 3   VAL A C   1 
ATOM   24  O  O   . VAL A 1 4  ? 6.842   0.224   1.605   1.00 13.82 ? 3   VAL A O   1 
ATOM   25  C  CB  . VAL A 1 4  ? 5.380   0.297   -1.139  1.00 11.80 ? 3   VAL A CB  1 
ATOM   26  C  CG1 . VAL A 1 4  ? 4.799   1.709   -0.964  1.00 10.79 ? 3   VAL A CG1 1 
ATOM   27  C  CG2 . VAL A 1 4  ? 5.153   -0.267  -2.579  1.00 12.69 ? 3   VAL A CG2 1 
ATOM   28  N  N   . LYS A 1 5  ? 7.803   2.026   0.641   1.00 9.88  ? 4   LYS A N   1 
ATOM   29  C  CA  . LYS A 1 5  ? 8.043   2.670   1.915   1.00 10.88 ? 4   LYS A CA  1 
ATOM   30  C  C   . LYS A 1 5  ? 6.837   3.511   2.318   1.00 10.42 ? 4   LYS A C   1 
ATOM   31  O  O   . LYS A 1 5  ? 6.219   4.202   1.471   1.00 12.39 ? 4   LYS A O   1 
ATOM   32  C  CB  . LYS A 1 5  ? 9.268   3.575   1.834   1.00 15.75 ? 4   LYS A CB  1 
ATOM   33  C  CG  . LYS A 1 5  ? 10.547  2.835   1.845   1.00 18.61 ? 4   LYS A CG  1 
ATOM   34  C  CD  . LYS A 1 5  ? 11.636  3.809   1.372   1.00 26.01 ? 4   LYS A CD  1 
ATOM   35  C  CE  . LYS A 1 5  ? 12.827  3.895   2.344   1.00 27.97 ? 4   LYS A CE  1 
ATOM   36  N  NZ  . LYS A 1 5  ? 13.893  4.802   1.821   1.00 27.71 ? 4   LYS A NZ  1 
ATOM   37  N  N   . LEU A 1 6  ? 6.444   3.438   3.603   1.00 10.30 ? 5   LEU A N   1 
ATOM   38  C  CA  . LEU A 1 6  ? 5.307   4.263   4.080   1.00 9.98  ? 5   LEU A CA  1 
ATOM   39  C  C   . LEU A 1 6  ? 5.954   5.515   4.696   1.00 10.19 ? 5   LEU A C   1 
ATOM   40  O  O   . LEU A 1 6  ? 6.509   5.490   5.847   1.00 10.81 ? 5   LEU A O   1 
ATOM   41  C  CB  . LEU A 1 6  ? 4.452   3.526   5.141   1.00 12.40 ? 5   LEU A CB  1 
ATOM   42  C  CG  . LEU A 1 6  ? 4.160   2.064   4.737   1.00 15.65 ? 5   LEU A CG  1 
ATOM   43  C  CD1 . LEU A 1 6  ? 3.365   1.386   5.859   1.00 16.90 ? 5   LEU A CD1 1 
ATOM   44  C  CD2 . LEU A 1 6  ? 3.486   1.948   3.395   1.00 16.83 ? 5   LEU A CD2 1 
ATOM   45  N  N   . GLY A 1 7  ? 5.866   6.597   3.921   1.00 10.46 ? 6   GLY A N   1 
ATOM   46  C  CA  . GLY A 1 7  ? 6.511   7.839   4.314   1.00 10.84 ? 6   GLY A CA  1 
ATOM   47  C  C   . GLY A 1 7  ? 7.916   7.905   3.664   1.00 11.80 ? 6   GLY A C   1 
ATOM   48  O  O   . GLY A 1 7  ? 8.686   6.919   3.620   1.00 11.97 ? 6   GLY A O   1 
ATOM   49  N  N   . ALA A 1 8  ? 8.268   9.076   3.140   1.00 11.79 ? 7   ALA A N   1 
ATOM   50  C  CA  . ALA A 1 8  ? 9.588   9.245   2.501   1.00 11.49 ? 7   ALA A CA  1 
ATOM   51  C  C   . ALA A 1 8  ? 10.585  9.441   3.615   1.00 11.87 ? 7   ALA A C   1 
ATOM   52  O  O   . ALA A 1 8  ? 10.195  9.871   4.703   1.00 12.48 ? 7   ALA A O   1 
ATOM   53  C  CB  . ALA A 1 8  ? 9.565   10.504  1.599   1.00 12.03 ? 7   ALA A CB  1 
ATOM   54  N  N   . ASP A 1 9  ? 11.880  9.245   3.351   1.00 11.28 ? 8   ASP A N   1 
ATOM   55  C  CA  . ASP A 1 9  ? 12.894  9.443   4.414   1.00 12.54 ? 8   ASP A CA  1 
ATOM   56  C  C   . ASP A 1 9  ? 12.854  10.888  4.945   1.00 12.11 ? 8   ASP A C   1 
ATOM   57  O  O   . ASP A 1 9  ? 13.170  11.139  6.092   1.00 16.77 ? 8   ASP A O   1 
ATOM   58  C  CB  . ASP A 1 9  ? 14.331  9.217   3.900   1.00 17.54 ? 8   ASP A CB  1 
ATOM   59  C  CG  . ASP A 1 9  ? 14.577  7.809   3.384   1.00 19.16 ? 8   ASP A CG  1 
ATOM   60  O  OD1 . ASP A 1 9  ? 13.727  6.915   3.530   1.00 17.77 ? 8   ASP A OD1 1 
ATOM   61  O  OD2 . ASP A 1 9  ? 15.662  7.612   2.829   1.00 19.56 ? 8   ASP A OD2 1 
ATOM   62  N  N   . SER A 1 10 ? 12.462  11.829  4.090   1.00 13.18 ? 9   SER A N   1 
ATOM   63  C  CA  . SER A 1 10 ? 12.394  13.224  4.499   1.00 14.70 ? 9   SER A CA  1 
ATOM   64  C  C   . SER A 1 10 ? 11.226  13.505  5.480   1.00 16.04 ? 9   SER A C   1 
ATOM   65  O  O   . SER A 1 10 ? 11.115  14.606  6.041   1.00 18.53 ? 9   SER A O   1 
ATOM   66  C  CB  . SER A 1 10 ? 12.184  14.082  3.263   1.00 14.87 ? 9   SER A CB  1 
ATOM   67  O  OG  . SER A 1 10 ? 10.918  13.826  2.664   1.00 16.34 ? 9   SER A OG  1 
ATOM   68  N  N   . GLY A 1 11 ? 10.282  12.574  5.587   1.00 14.22 ? 10  GLY A N   1 
ATOM   69  C  CA  . GLY A 1 11 ? 9.113   12.808  6.433   1.00 13.57 ? 10  GLY A CA  1 
ATOM   70  C  C   . GLY A 1 11 ? 7.871   13.065  5.588   1.00 13.80 ? 10  GLY A C   1 
ATOM   71  O  O   . GLY A 1 11 ? 6.763   13.191  6.107   1.00 16.26 ? 10  GLY A O   1 
ATOM   72  N  N   . ALA A 1 12 ? 8.033   13.192  4.273   1.00 13.08 ? 11  ALA A N   1 
ATOM   73  C  CA  . ALA A 1 12 ? 6.853   13.419  3.437   1.00 13.41 ? 11  ALA A CA  1 
ATOM   74  C  C   . ALA A 1 12 ? 5.869   12.218  3.553   1.00 11.82 ? 11  ALA A C   1 
ATOM   75  O  O   . ALA A 1 12 ? 6.260   11.050  3.552   1.00 10.52 ? 11  ALA A O   1 
ATOM   76  C  CB  . ALA A 1 12 ? 7.242   13.628  1.983   1.00 13.26 ? 11  ALA A CB  1 
ATOM   77  N  N   . LEU A 1 13 ? 4.589   12.578  3.608   1.00 12.91 ? 12  LEU A N   1 
ATOM   78  C  CA  . LEU A 1 13 ? 3.483   11.631  3.765   1.00 12.68 ? 12  LEU A CA  1 
ATOM   79  C  C   . LEU A 1 13 ? 3.088   11.072  2.433   1.00 12.22 ? 12  LEU A C   1 
ATOM   80  O  O   . LEU A 1 13 ? 2.044   11.416  1.866   1.00 14.56 ? 12  LEU A O   1 
ATOM   81  C  CB  . LEU A 1 13 ? 2.272   12.262  4.520   1.00 13.49 ? 12  LEU A CB  1 
ATOM   82  C  CG  . LEU A 1 13 ? 2.627   12.824  5.912   1.00 14.60 ? 12  LEU A CG  1 
ATOM   83  C  CD1 . LEU A 1 13 ? 1.443   13.569  6.511   1.00 16.16 ? 12  LEU A CD1 1 
ATOM   84  C  CD2 . LEU A 1 13 ? 3.066   11.710  6.814   1.00 14.45 ? 12  LEU A CD2 1 
ATOM   85  N  N   . GLU A 1 14 ? 3.920   10.148  1.976   1.00 11.44 ? 13  GLU A N   1 
ATOM   86  C  CA  . GLU A 1 14 ? 3.683   9.514   0.683   1.00 13.81 ? 13  GLU A CA  1 
ATOM   87  C  C   . GLU A 1 14 ? 4.194   8.069   0.683   1.00 12.50 ? 13  GLU A C   1 
ATOM   88  O  O   . GLU A 1 14 ? 4.996   7.649   1.557   1.00 13.54 ? 13  GLU A O   1 
ATOM   89  C  CB  . GLU A 1 14 ? 4.344   10.335  -0.478  1.00 17.65 ? 13  GLU A CB  1 
ATOM   90  C  CG  . GLU A 1 14 ? 5.815   10.447  -0.362  1.00 22.70 ? 13  GLU A CG  1 
ATOM   91  C  CD  . GLU A 1 14 ? 6.495   11.671  -1.120  1.00 25.62 ? 13  GLU A CD  1 
ATOM   92  O  OE1 . GLU A 1 14 ? 5.848   12.697  -1.469  1.00 25.70 ? 13  GLU A OE1 1 
ATOM   93  O  OE2 . GLU A 1 14 ? 7.733   11.550  -1.313  1.00 28.04 ? 13  GLU A OE2 1 
ATOM   94  N  N   . PHE A 1 15 ? 3.596   7.302   -0.221  1.00 10.96 ? 14  PHE A N   1 
ATOM   95  C  CA  . PHE A 1 15 ? 4.024   5.934   -0.457  1.00 11.20 ? 14  PHE A CA  1 
ATOM   96  C  C   . PHE A 1 15 ? 5.150   6.087   -1.478  1.00 12.47 ? 14  PHE A C   1 
ATOM   97  O  O   . PHE A 1 15 ? 4.992   6.857   -2.473  1.00 14.24 ? 14  PHE A O   1 
ATOM   98  C  CB  . PHE A 1 15 ? 2.901   5.129   -1.082  1.00 12.73 ? 14  PHE A CB  1 
ATOM   99  C  CG  . PHE A 1 15 ? 1.775   4.854   -0.122  1.00 13.33 ? 14  PHE A CG  1 
ATOM   100 C  CD1 . PHE A 1 15 ? 2.000   4.029   1.018   1.00 15.41 ? 14  PHE A CD1 1 
ATOM   101 C  CD2 . PHE A 1 15 ? 0.516   5.395   -0.336  1.00 12.85 ? 14  PHE A CD2 1 
ATOM   102 C  CE1 . PHE A 1 15 ? 0.953   3.764   1.915   1.00 15.67 ? 14  PHE A CE1 1 
ATOM   103 C  CE2 . PHE A 1 15 ? -0.536  5.138   0.563   1.00 14.78 ? 14  PHE A CE2 1 
ATOM   104 C  CZ  . PHE A 1 15 ? -0.323  4.327   1.673   1.00 15.33 ? 14  PHE A CZ  1 
ATOM   105 N  N   . VAL A 1 16 ? 6.240   5.365   -1.253  1.00 10.97 ? 15  VAL A N   1 
ATOM   106 C  CA  . VAL A 1 16 ? 7.423   5.437   -2.128  1.00 11.90 ? 15  VAL A CA  1 
ATOM   107 C  C   . VAL A 1 16 ? 7.781   4.039   -2.623  1.00 12.73 ? 15  VAL A C   1 
ATOM   108 O  O   . VAL A 1 16 ? 8.223   3.211   -1.846  1.00 12.95 ? 15  VAL A O   1 
ATOM   109 C  CB  . VAL A 1 16 ? 8.689   6.031   -1.400  1.00 13.06 ? 15  VAL A CB  1 
ATOM   110 C  CG1 . VAL A 1 16 ? 9.844   6.195   -2.416  1.00 14.45 ? 15  VAL A CG1 1 
ATOM   111 C  CG2 . VAL A 1 16 ? 8.382   7.386   -0.713  1.00 14.17 ? 15  VAL A CG2 1 
ATOM   112 N  N   . PRO A 1 17 ? 7.600   3.754   -3.930  1.00 13.79 ? 16  PRO A N   1 
ATOM   113 C  CA  . PRO A 1 17 ? 7.077   4.647   -4.978  1.00 14.20 ? 16  PRO A CA  1 
ATOM   114 C  C   . PRO A 1 17 ? 5.550   4.816   -4.886  1.00 14.97 ? 16  PRO A C   1 
ATOM   115 O  O   . PRO A 1 17 ? 4.845   3.934   -4.350  1.00 13.96 ? 16  PRO A O   1 
ATOM   116 C  CB  . PRO A 1 17 ? 7.423   3.897   -6.271  1.00 13.04 ? 16  PRO A CB  1 
ATOM   117 C  CG  . PRO A 1 17 ? 7.311   2.442   -5.846  1.00 13.66 ? 16  PRO A CG  1 
ATOM   118 C  CD  . PRO A 1 17 ? 8.015   2.451   -4.487  1.00 12.41 ? 16  PRO A CD  1 
ATOM   119 N  N   . LYS A 1 18 ? 5.034   5.879   -5.518  1.00 11.92 ? 17  LYS A N   1 
ATOM   120 C  CA  . LYS A 1 18 ? 3.611   6.117   -5.495  1.00 12.96 ? 17  LYS A CA  1 
ATOM   121 C  C   . LYS A 1 18 ? 2.875   5.097   -6.384  1.00 12.82 ? 17  LYS A C   1 
ATOM   122 O  O   . LYS A 1 18 ? 1.746   4.685   -6.081  1.00 13.49 ? 17  LYS A O   1 
ATOM   123 C  CB  . LYS A 1 18 ? 3.309   7.524   -5.995  1.00 15.59 ? 17  LYS A CB  1 
ATOM   124 C  CG  . LYS A 1 18 ? 1.852   7.876   -5.874  1.00 17.98 ? 17  LYS A CG  1 
ATOM   125 C  CD  . LYS A 1 18 ? 1.729   9.368   -6.096  1.00 22.91 ? 17  LYS A CD  1 
ATOM   126 C  CE  . LYS A 1 18 ? 0.310   9.855   -6.221  1.00 24.06 ? 17  LYS A CE  1 
ATOM   127 N  NZ  . LYS A 1 18 ? -0.180  9.886   -4.885  1.00 30.52 ? 17  LYS A NZ  1 
ATOM   128 N  N   . THR A 1 19 ? 3.466   4.793   -7.543  1.00 10.93 ? 18  THR A N   1 
ATOM   129 C  CA  . THR A 1 19 ? 2.876   3.820   -8.480  1.00 11.58 ? 18  THR A CA  1 
ATOM   130 C  C   . THR A 1 19 ? 3.889   2.735   -8.679  1.00 12.92 ? 18  THR A C   1 
ATOM   131 O  O   . THR A 1 19 ? 5.014   2.995   -9.143  1.00 14.75 ? 18  THR A O   1 
ATOM   132 C  CB  . THR A 1 19 ? 2.547   4.429   -9.845  1.00 11.29 ? 18  THR A CB  1 
ATOM   133 O  OG1 . THR A 1 19 ? 1.665   5.547   -9.671  1.00 14.20 ? 18  THR A OG1 1 
ATOM   134 C  CG2 . THR A 1 19 ? 1.897   3.376   -10.739 1.00 12.40 ? 18  THR A CG2 1 
ATOM   135 N  N   . LEU A 1 20 ? 3.512   1.517   -8.286  1.00 11.68 ? 19  LEU A N   1 
ATOM   136 C  CA  . LEU A 1 20 ? 4.394   0.380   -8.375  1.00 11.11 ? 19  LEU A CA  1 
ATOM   137 C  C   . LEU A 1 20 ? 3.858   -0.622  -9.407  1.00 12.68 ? 19  LEU A C   1 
ATOM   138 O  O   . LEU A 1 20 ? 2.648   -0.851  -9.485  1.00 15.31 ? 19  LEU A O   1 
ATOM   139 C  CB  . LEU A 1 20 ? 4.459   -0.284  -6.976  1.00 14.18 ? 19  LEU A CB  1 
ATOM   140 C  CG  . LEU A 1 20 ? 5.258   -1.574  -6.827  1.00 14.81 ? 19  LEU A CG  1 
ATOM   141 C  CD1 . LEU A 1 20 ? 6.734   -1.209  -6.754  1.00 18.18 ? 19  LEU A CD1 1 
ATOM   142 C  CD2 . LEU A 1 20 ? 4.828   -2.370  -5.596  1.00 15.80 ? 19  LEU A CD2 1 
ATOM   143 N  N   . THR A 1 21 ? 4.736   -1.220  -10.207 1.00 11.38 ? 20  THR A N   1 
ATOM   144 C  CA  . THR A 1 21 ? 4.308   -2.230  -11.145 1.00 12.08 ? 20  THR A CA  1 
ATOM   145 C  C   . THR A 1 21 ? 4.928   -3.536  -10.733 1.00 12.39 ? 20  THR A C   1 
ATOM   146 O  O   . THR A 1 21 ? 6.116   -3.573  -10.426 1.00 17.04 ? 20  THR A O   1 
ATOM   147 C  CB  . THR A 1 21 ? 4.764   -1.891  -12.573 1.00 17.49 ? 20  THR A CB  1 
ATOM   148 O  OG1 . THR A 1 21 ? 4.105   -0.682  -12.976 1.00 18.54 ? 20  THR A OG1 1 
ATOM   149 C  CG2 . THR A 1 21 ? 4.353   -3.026  -13.531 1.00 18.08 ? 20  THR A CG2 1 
ATOM   150 N  N   . ILE A 1 22 ? 4.123   -4.600  -10.649 1.00 11.85 ? 21  ILE A N   1 
ATOM   151 C  CA  . ILE A 1 22 ? 4.635   -5.927  -10.296 1.00 11.46 ? 21  ILE A CA  1 
ATOM   152 C  C   . ILE A 1 22 ? 3.991   -6.961  -11.193 1.00 12.09 ? 21  ILE A C   1 
ATOM   153 O  O   . ILE A 1 22 ? 2.991   -6.686  -11.864 1.00 14.69 ? 21  ILE A O   1 
ATOM   154 C  CB  . ILE A 1 22 ? 4.314   -6.379  -8.801  1.00 13.53 ? 21  ILE A CB  1 
ATOM   155 C  CG1 . ILE A 1 22 ? 2.793   -6.313  -8.527  1.00 15.03 ? 21  ILE A CG1 1 
ATOM   156 C  CG2 . ILE A 1 22 ? 5.113   -5.570  -7.789  1.00 14.71 ? 21  ILE A CG2 1 
ATOM   157 C  CD1 . ILE A 1 22 ? 2.370   -7.003  -7.235  1.00 16.41 ? 21  ILE A CD1 1 
ATOM   158 N  N   . LYS A 1 23 ? 4.549   -8.159  -11.176 1.00 14.95 ? 22  LYS A N   1 
ATOM   159 C  CA  . LYS A 1 23 ? 3.966   -9.260  -11.936 1.00 17.08 ? 22  LYS A CA  1 
ATOM   160 C  C   . LYS A 1 23 ? 3.000   -10.027 -10.988 1.00 17.66 ? 22  LYS A C   1 
ATOM   161 O  O   . LYS A 1 23 ? 3.183   -10.059 -9.749  1.00 20.46 ? 22  LYS A O   1 
ATOM   162 C  CB  . LYS A 1 23 ? 5.074   -10.225 -12.474 1.00 19.49 ? 22  LYS A CB  1 
ATOM   163 N  N   . SER A 1 24 ? 1.958   -10.595 -11.566 1.00 14.39 ? 23  SER A N   1 
ATOM   164 C  CA  . SER A 1 24 ? 1.016   -11.391 -10.809 1.00 15.83 ? 23  SER A CA  1 
ATOM   165 C  C   . SER A 1 24 ? 1.760   -12.438 -9.914  1.00 16.81 ? 23  SER A C   1 
ATOM   166 O  O   . SER A 1 24 ? 2.662   -13.165 -10.396 1.00 21.10 ? 23  SER A O   1 
ATOM   167 C  CB  . SER A 1 24 ? 0.085   -12.109 -11.801 1.00 20.05 ? 23  SER A CB  1 
ATOM   168 O  OG  . SER A 1 24 ? -0.645  -13.128 -11.154 1.00 22.39 ? 23  SER A OG  1 
ATOM   169 N  N   . GLY A 1 25 ? 1.390   -12.505 -8.627  1.00 18.43 ? 24  GLY A N   1 
ATOM   170 C  CA  . GLY A 1 25 ? 2.011   -13.460 -7.743  1.00 18.76 ? 24  GLY A CA  1 
ATOM   171 C  C   . GLY A 1 25 ? 3.131   -12.906 -6.907  1.00 20.01 ? 24  GLY A C   1 
ATOM   172 O  O   . GLY A 1 25 ? 3.616   -13.617 -6.012  1.00 24.03 ? 24  GLY A O   1 
ATOM   173 N  N   . GLU A 1 26 ? 3.599   -11.689 -7.198  1.00 17.60 ? 25  GLU A N   1 
ATOM   174 C  CA  . GLU A 1 26 ? 4.650   -11.101 -6.386  1.00 17.64 ? 25  GLU A CA  1 
ATOM   175 C  C   . GLU A 1 26 ? 4.046   -10.625 -5.069  1.00 16.84 ? 25  GLU A C   1 
ATOM   176 O  O   . GLU A 1 26 ? 2.828   -10.437 -4.964  1.00 19.26 ? 25  GLU A O   1 
ATOM   177 C  CB  . GLU A 1 26 ? 5.302   -9.923  -7.095  1.00 19.92 ? 25  GLU A CB  1 
ATOM   178 C  CG  . GLU A 1 26 ? 6.451   -10.370 -7.961  1.00 25.00 ? 25  GLU A CG  1 
ATOM   179 C  CD  . GLU A 1 26 ? 7.216   -9.212  -8.578  1.00 26.07 ? 25  GLU A CD  1 
ATOM   180 O  OE1 . GLU A 1 26 ? 8.100   -8.608  -7.905  1.00 28.02 ? 25  GLU A OE1 1 
ATOM   181 O  OE2 . GLU A 1 26 ? 6.922   -8.909  -9.750  1.00 26.59 ? 25  GLU A OE2 1 
ATOM   182 N  N   . THR A 1 27 ? 4.884   -10.584 -4.048  1.00 16.08 ? 26  THR A N   1 
ATOM   183 C  CA  . THR A 1 27 ? 4.486   -10.102 -2.745  1.00 16.32 ? 26  THR A CA  1 
ATOM   184 C  C   . THR A 1 27 ? 5.004   -8.674  -2.659  1.00 14.88 ? 26  THR A C   1 
ATOM   185 O  O   . THR A 1 27 ? 6.150   -8.417  -3.005  1.00 17.05 ? 26  THR A O   1 
ATOM   186 C  CB  . THR A 1 27 ? 5.196   -10.910 -1.625  1.00 18.90 ? 26  THR A CB  1 
ATOM   187 O  OG1 . THR A 1 27 ? 4.689   -12.239 -1.638  1.00 21.36 ? 26  THR A OG1 1 
ATOM   188 C  CG2 . THR A 1 27 ? 4.963   -10.278 -0.291  1.00 18.47 ? 26  THR A CG2 1 
ATOM   189 N  N   . VAL A 1 28 ? 4.161   -7.785  -2.153  1.00 14.68 ? 27  VAL A N   1 
ATOM   190 C  CA  . VAL A 1 28 ? 4.498   -6.375  -1.935  1.00 13.69 ? 27  VAL A CA  1 
ATOM   191 C  C   . VAL A 1 28 ? 4.687   -6.224  -0.424  1.00 14.71 ? 27  VAL A C   1 
ATOM   192 O  O   . VAL A 1 28 ? 3.829   -6.629  0.378   1.00 14.34 ? 27  VAL A O   1 
ATOM   193 C  CB  . VAL A 1 28 ? 3.382   -5.421  -2.363  1.00 13.69 ? 27  VAL A CB  1 
ATOM   194 C  CG1 . VAL A 1 28 ? 3.791   -3.991  -2.038  1.00 14.55 ? 27  VAL A CG1 1 
ATOM   195 C  CG2 . VAL A 1 28 ? 3.084   -5.575  -3.847  1.00 15.47 ? 27  VAL A CG2 1 
ATOM   196 N  N   . ASN A 1 29 ? 5.844   -5.683  -0.059  1.00 13.62 ? 28  ASN A N   1 
ATOM   197 C  CA  . ASN A 1 29 ? 6.194   -5.455  1.330   1.00 13.45 ? 28  ASN A CA  1 
ATOM   198 C  C   . ASN A 1 29 ? 6.118   -3.996  1.636   1.00 13.49 ? 28  ASN A C   1 
ATOM   199 O  O   . ASN A 1 29 ? 6.903   -3.241  1.091   1.00 18.33 ? 28  ASN A O   1 
ATOM   200 C  CB  . ASN A 1 29 ? 7.614   -5.888  1.586   1.00 17.37 ? 28  ASN A CB  1 
ATOM   201 C  CG  . ASN A 1 29 ? 7.811   -7.357  1.341   1.00 20.23 ? 28  ASN A CG  1 
ATOM   202 O  OD1 . ASN A 1 29 ? 8.581   -7.762  0.459   1.00 26.68 ? 28  ASN A OD1 1 
ATOM   203 N  ND2 . ASN A 1 29 ? 7.108   -8.158  2.070   1.00 17.73 ? 28  ASN A ND2 1 
ATOM   204 N  N   . PHE A 1 30 ? 5.123   -3.590  2.417   1.00 12.09 ? 29  PHE A N   1 
ATOM   205 C  CA  . PHE A 1 30 ? 4.935   -2.215  2.853   1.00 11.50 ? 29  PHE A CA  1 
ATOM   206 C  C   . PHE A 1 30 ? 5.751   -2.057  4.138   1.00 13.52 ? 29  PHE A C   1 
ATOM   207 O  O   . PHE A 1 30 ? 5.460   -2.728  5.150   1.00 15.25 ? 29  PHE A O   1 
ATOM   208 C  CB  . PHE A 1 30 ? 3.475   -1.965  3.120   1.00 13.41 ? 29  PHE A CB  1 
ATOM   209 C  CG  . PHE A 1 30 ? 2.642   -2.044  1.892   1.00 14.10 ? 29  PHE A CG  1 
ATOM   210 C  CD1 . PHE A 1 30 ? 2.519   -0.912  1.056   1.00 14.87 ? 29  PHE A CD1 1 
ATOM   211 C  CD2 . PHE A 1 30 ? 1.961   -3.248  1.557   1.00 14.25 ? 29  PHE A CD2 1 
ATOM   212 C  CE1 . PHE A 1 30 ? 1.710   -0.958  -0.113  1.00 14.66 ? 29  PHE A CE1 1 
ATOM   213 C  CE2 . PHE A 1 30 ? 1.153   -3.321  0.402   1.00 14.39 ? 29  PHE A CE2 1 
ATOM   214 C  CZ  . PHE A 1 30 ? 1.021   -2.163  -0.442  1.00 15.45 ? 29  PHE A CZ  1 
ATOM   215 N  N   . VAL A 1 31 ? 6.742   -1.166  4.103   1.00 11.33 ? 30  VAL A N   1 
ATOM   216 C  CA  . VAL A 1 31 ? 7.650   -0.988  5.202   1.00 11.66 ? 30  VAL A CA  1 
ATOM   217 C  C   . VAL A 1 31 ? 7.484   0.370   5.844   1.00 13.02 ? 30  VAL A C   1 
ATOM   218 O  O   . VAL A 1 31 ? 7.636   1.407   5.184   1.00 14.12 ? 30  VAL A O   1 
ATOM   219 C  CB  . VAL A 1 31 ? 9.101   -1.183  4.719   1.00 13.68 ? 30  VAL A CB  1 
ATOM   220 C  CG1 . VAL A 1 31 ? 10.085  -0.976  5.897   1.00 16.42 ? 30  VAL A CG1 1 
ATOM   221 C  CG2 . VAL A 1 31 ? 9.262   -2.602  4.083   1.00 15.93 ? 30  VAL A CG2 1 
ATOM   222 N  N   . ASN A 1 32 ? 7.190   0.370   7.151   1.00 12.22 ? 31  ASN A N   1 
ATOM   223 C  CA  . ASN A 1 32 ? 6.978   1.609   7.881   1.00 11.72 ? 31  ASN A CA  1 
ATOM   224 C  C   . ASN A 1 32 ? 8.286   2.390   7.885   1.00 12.17 ? 31  ASN A C   1 
ATOM   225 O  O   . ASN A 1 32 ? 9.319   1.870   8.319   1.00 14.60 ? 31  ASN A O   1 
ATOM   226 C  CB  . ASN A 1 32 ? 6.515   1.280   9.289   1.00 13.44 ? 31  ASN A CB  1 
ATOM   227 C  CG  . ASN A 1 32 ? 5.532   2.270   9.809   1.00 15.24 ? 31  ASN A CG  1 
ATOM   228 O  OD1 . ASN A 1 32 ? 4.929   3.041   9.041   1.00 16.63 ? 31  ASN A OD1 1 
ATOM   229 N  ND2 . ASN A 1 32 ? 5.344   2.274   11.124  1.00 13.66 ? 31  ASN A ND2 1 
ATOM   230 N  N   . ASN A 1 33 ? 8.234   3.653   7.455   1.00 11.80 ? 32  ASN A N   1 
ATOM   231 C  CA  . ASN A 1 33 ? 9.466   4.459   7.290   1.00 12.94 ? 32  ASN A CA  1 
ATOM   232 C  C   . ASN A 1 33 ? 9.487   5.796   8.041   1.00 12.61 ? 32  ASN A C   1 
ATOM   233 O  O   . ASN A 1 33 ? 10.375  6.033   8.860   1.00 16.65 ? 32  ASN A O   1 
ATOM   234 C  CB  . ASN A 1 33 ? 9.711   4.679   5.777   1.00 14.29 ? 32  ASN A CB  1 
ATOM   235 C  CG  . ASN A 1 33 ? 11.120  5.230   5.468   1.00 18.03 ? 32  ASN A CG  1 
ATOM   236 O  OD1 . ASN A 1 33 ? 12.117  4.644   5.879   1.00 19.76 ? 32  ASN A OD1 1 
ATOM   237 N  ND2 . ASN A 1 33 ? 11.191  6.330   4.713   1.00 16.71 ? 32  ASN A ND2 1 
ATOM   238 N  N   . ALA A 1 34 ? 8.512   6.657   7.792   1.00 10.70 ? 33  ALA A N   1 
ATOM   239 C  CA  . ALA A 1 34 ? 8.489   7.943   8.493   1.00 12.23 ? 33  ALA A CA  1 
ATOM   240 C  C   . ALA A 1 34 ? 7.083   8.483   8.549   1.00 11.64 ? 33  ALA A C   1 
ATOM   241 O  O   . ALA A 1 34 ? 6.270   8.151   7.690   1.00 14.63 ? 33  ALA A O   1 
ATOM   242 C  CB  . ALA A 1 34 ? 9.422   9.008   7.768   1.00 13.94 ? 33  ALA A CB  1 
ATOM   243 N  N   . GLY A 1 35 ? 6.807   9.327   9.534   1.00 11.85 ? 34  GLY A N   1 
ATOM   244 C  CA  . GLY A 1 35 ? 5.492   9.945   9.617   1.00 13.34 ? 34  GLY A CA  1 
ATOM   245 C  C   . GLY A 1 35 ? 4.355   9.011   10.060  1.00 13.24 ? 34  GLY A C   1 
ATOM   246 O  O   . GLY A 1 35 ? 3.191   9.320   9.865   1.00 14.09 ? 34  GLY A O   1 
ATOM   247 N  N   . PHE A 1 36 ? 4.711   7.864   10.648  1.00 14.19 ? 35  PHE A N   1 
ATOM   248 C  CA  . PHE A 1 36 ? 3.713   6.884   11.122  1.00 15.49 ? 35  PHE A CA  1 
ATOM   249 C  C   . PHE A 1 36 ? 2.958   7.484   12.325  1.00 16.29 ? 35  PHE A C   1 
ATOM   250 O  O   . PHE A 1 36 ? 3.435   8.434   12.956  1.00 17.56 ? 35  PHE A O   1 
ATOM   251 C  CB  . PHE A 1 36 ? 4.389   5.549   11.458  1.00 18.31 ? 35  PHE A CB  1 
ATOM   252 C  CG  . PHE A 1 36 ? 5.768   5.701   12.060  1.00 19.10 ? 35  PHE A CG  1 
ATOM   253 C  CD1 . PHE A 1 36 ? 5.912   6.117   13.370  1.00 18.71 ? 35  PHE A CD1 1 
ATOM   254 C  CD2 . PHE A 1 36 ? 6.914   5.517   11.263  1.00 18.38 ? 35  PHE A CD2 1 
ATOM   255 C  CE1 . PHE A 1 36 ? 7.172   6.363   13.870  1.00 19.91 ? 35  PHE A CE1 1 
ATOM   256 C  CE2 . PHE A 1 36 ? 8.172   5.763   11.757  1.00 19.61 ? 35  PHE A CE2 1 
ATOM   257 C  CZ  . PHE A 1 36 ? 8.301   6.190   13.066  1.00 20.21 ? 35  PHE A CZ  1 
ATOM   258 N  N   . PRO A 1 37 ? 1.840   6.874   12.728  1.00 16.41 ? 36  PRO A N   1 
ATOM   259 C  CA  . PRO A 1 37 ? 1.262   5.663   12.136  1.00 15.98 ? 36  PRO A CA  1 
ATOM   260 C  C   . PRO A 1 37 ? 0.684   5.791   10.737  1.00 14.10 ? 36  PRO A C   1 
ATOM   261 O  O   . PRO A 1 37 ? 0.202   6.848   10.308  1.00 14.36 ? 36  PRO A O   1 
ATOM   262 C  CB  . PRO A 1 37 ? 0.160   5.305   13.138  1.00 17.65 ? 36  PRO A CB  1 
ATOM   263 C  CG  . PRO A 1 37 ? -0.359  6.676   13.505  1.00 18.02 ? 36  PRO A CG  1 
ATOM   264 C  CD  . PRO A 1 37 ? 0.950   7.405   13.781  1.00 18.28 ? 36  PRO A CD  1 
ATOM   265 N  N   . HIS A 1 38 ? 0.669   4.653   10.065  1.00 13.16 ? 37  HIS A N   1 
ATOM   266 C  CA  . HIS A 1 38 ? 0.100   4.583   8.719   1.00 11.94 ? 37  HIS A CA  1 
ATOM   267 C  C   . HIS A 1 38 ? -0.664  3.239   8.673   1.00 12.97 ? 37  HIS A C   1 
ATOM   268 O  O   . HIS A 1 38 ? -0.460  2.373   9.544   1.00 13.65 ? 37  HIS A O   1 
ATOM   269 C  CB  . HIS A 1 38 ? 1.228   4.443   7.670   1.00 12.98 ? 37  HIS A CB  1 
ATOM   270 C  CG  . HIS A 1 38 ? 2.182   5.608   7.600   1.00 12.86 ? 37  HIS A CG  1 
ATOM   271 N  ND1 . HIS A 1 38 ? 1.781   6.887   7.242   1.00 12.40 ? 37  HIS A ND1 1 
ATOM   272 C  CD2 . HIS A 1 38 ? 3.526   5.671   7.811   1.00 12.15 ? 37  HIS A CD2 1 
ATOM   273 C  CE1 . HIS A 1 38 ? 2.836   7.680   7.232   1.00 10.86 ? 37  HIS A CE1 1 
ATOM   274 N  NE2 . HIS A 1 38 ? 3.902   6.970   7.572   1.00 11.92 ? 37  HIS A NE2 1 
ATOM   275 N  N   . ASN A 1 39 ? -1.533  3.093   7.687   1.00 11.64 ? 38  ASN A N   1 
ATOM   276 C  CA  . ASN A 1 39 ? -2.159  1.800   7.450   1.00 12.13 ? 38  ASN A CA  1 
ATOM   277 C  C   . ASN A 1 39 ? -2.262  1.706   5.925   1.00 13.80 ? 38  ASN A C   1 
ATOM   278 O  O   . ASN A 1 39 ? -1.845  2.654   5.208   1.00 13.67 ? 38  ASN A O   1 
ATOM   279 C  CB  . ASN A 1 39 ? -3.488  1.546   8.220   1.00 12.33 ? 38  ASN A CB  1 
ATOM   280 C  CG  . ASN A 1 39 ? -4.637  2.479   7.827   1.00 14.07 ? 38  ASN A CG  1 
ATOM   281 O  OD1 . ASN A 1 39 ? -4.516  3.339   6.956   1.00 13.54 ? 38  ASN A OD1 1 
ATOM   282 N  ND2 . ASN A 1 39 ? -5.771  2.321   8.504   1.00 13.45 ? 38  ASN A ND2 1 
ATOM   283 N  N   . ILE A 1 40 ? -2.743  0.558   5.435   1.00 10.67 ? 39  ILE A N   1 
ATOM   284 C  CA  . ILE A 1 40 ? -2.851  0.294   4.012   1.00 12.19 ? 39  ILE A CA  1 
ATOM   285 C  C   . ILE A 1 40 ? -4.250  -0.212  3.717   1.00 10.89 ? 39  ILE A C   1 
ATOM   286 O  O   . ILE A 1 40 ? -4.552  -1.373  3.942   1.00 14.55 ? 39  ILE A O   1 
ATOM   287 C  CB  . ILE A 1 40 ? -1.904  -0.818  3.549   1.00 14.24 ? 39  ILE A CB  1 
ATOM   288 C  CG1 . ILE A 1 40 ? -0.496  -0.685  4.165   1.00 16.94 ? 39  ILE A CG1 1 
ATOM   289 C  CG2 . ILE A 1 40 ? -1.998  -0.917  2.019   1.00 14.23 ? 39  ILE A CG2 1 
ATOM   290 C  CD1 . ILE A 1 40 ? 0.169   0.413   3.640   1.00 22.06 ? 39  ILE A CD1 1 
ATOM   291 N  N   . VAL A 1 41 ? -5.075  0.657   3.176   1.00 10.99 ? 40  VAL A N   1 
ATOM   292 C  CA  . VAL A 1 41 ? -6.423  0.316   2.869   1.00 11.33 ? 40  VAL A CA  1 
ATOM   293 C  C   . VAL A 1 41 ? -6.654  0.391   1.351   1.00 13.26 ? 40  VAL A C   1 
ATOM   294 O  O   . VAL A 1 41 ? -6.457  1.439   0.689   1.00 13.97 ? 40  VAL A O   1 
ATOM   295 C  CB  . VAL A 1 41 ? -7.355  1.281   3.572   1.00 15.18 ? 40  VAL A CB  1 
ATOM   296 C  CG1 . VAL A 1 41 ? -8.861  0.961   3.197   1.00 14.70 ? 40  VAL A CG1 1 
ATOM   297 C  CG2 . VAL A 1 41 ? -7.085  1.222   5.119   1.00 16.31 ? 40  VAL A CG2 1 
ATOM   298 N  N   . PHE A 1 42 ? -7.034  -0.743  0.773   1.00 13.59 ? 41  PHE A N   1 
ATOM   299 C  CA  . PHE A 1 42 ? -7.331  -0.783  -0.644  1.00 13.10 ? 41  PHE A CA  1 
ATOM   300 C  C   . PHE A 1 42 ? -8.695  -0.221  -0.865  1.00 14.10 ? 41  PHE A C   1 
ATOM   301 O  O   . PHE A 1 42 ? -9.608  -0.395  -0.042  1.00 14.65 ? 41  PHE A O   1 
ATOM   302 C  CB  . PHE A 1 42 ? -7.210  -2.210  -1.170  1.00 12.83 ? 41  PHE A CB  1 
ATOM   303 C  CG  . PHE A 1 42 ? -5.758  -2.651  -1.288  1.00 13.47 ? 41  PHE A CG  1 
ATOM   304 C  CD1 . PHE A 1 42 ? -5.074  -3.192  -0.180  1.00 12.43 ? 41  PHE A CD1 1 
ATOM   305 C  CD2 . PHE A 1 42 ? -5.050  -2.454  -2.498  1.00 13.53 ? 41  PHE A CD2 1 
ATOM   306 C  CE1 . PHE A 1 42 ? -3.729  -3.529  -0.264  1.00 11.78 ? 41  PHE A CE1 1 
ATOM   307 C  CE2 . PHE A 1 42 ? -3.688  -2.795  -2.584  1.00 13.56 ? 41  PHE A CE2 1 
ATOM   308 C  CZ  . PHE A 1 42 ? -3.032  -3.334  -1.460  1.00 13.30 ? 41  PHE A CZ  1 
ATOM   309 N  N   . ASP A 1 43 ? -8.829  0.461   -1.990  1.00 12.42 ? 42  ASP A N   1 
ATOM   310 C  CA  . ASP A 1 43 ? -10.061 1.084   -2.367  1.00 13.80 ? 42  ASP A CA  1 
ATOM   311 C  C   . ASP A 1 43 ? -10.933 0.085   -3.151  1.00 13.73 ? 42  ASP A C   1 
ATOM   312 O  O   . ASP A 1 43 ? -10.539 -0.364  -4.240  1.00 15.07 ? 42  ASP A O   1 
ATOM   313 C  CB  . ASP A 1 43 ? -9.716  2.292   -3.223  1.00 17.46 ? 42  ASP A CB  1 
ATOM   314 C  CG  . ASP A 1 43 ? -10.927 3.071   -3.659  1.00 20.29 ? 42  ASP A CG  1 
ATOM   315 O  OD1 . ASP A 1 43 ? -12.086 2.697   -3.429  1.00 19.48 ? 42  ASP A OD1 1 
ATOM   316 O  OD2 . ASP A 1 43 ? -10.693 4.133   -4.254  1.00 25.94 ? 42  ASP A OD2 1 
ATOM   317 N  N   . GLU A 1 44 ? -12.142 -0.188  -2.618  1.00 13.85 ? 43  GLU A N   1 
ATOM   318 C  CA  . GLU A 1 44 ? -13.113 -1.131  -3.223  1.00 15.38 ? 43  GLU A CA  1 
ATOM   319 C  C   . GLU A 1 44 ? -13.469 -0.706  -4.641  1.00 15.29 ? 43  GLU A C   1 
ATOM   320 O  O   . GLU A 1 44 ? -13.787 -1.541  -5.491  1.00 18.23 ? 43  GLU A O   1 
ATOM   321 C  CB  . GLU A 1 44 ? -14.457 -1.206  -2.429  1.00 18.82 ? 43  GLU A CB  1 
ATOM   322 C  CG  . GLU A 1 44 ? -14.358 -1.570  -0.998  0.72 23.57 ? 43  GLU A CG  1 
ATOM   323 C  CD  . GLU A 1 44 ? -13.848 -0.405  -0.200  0.72 24.16 ? 43  GLU A CD  1 
ATOM   324 O  OE1 . GLU A 1 44 ? -14.156 0.720   -0.586  0.72 26.59 ? 43  GLU A OE1 1 
ATOM   325 O  OE2 . GLU A 1 44 ? -13.086 -0.600  0.763   0.72 32.17 ? 43  GLU A OE2 1 
ATOM   326 N  N   . ASP A 1 45 ? -13.515 0.600   -4.858  1.00 15.55 ? 44  ASP A N   1 
ATOM   327 C  CA  . ASP A 1 45 ? -13.830 1.123   -6.171  1.00 17.42 ? 44  ASP A CA  1 
ATOM   328 C  C   . ASP A 1 45 ? -12.667 1.103   -7.151  1.00 16.85 ? 44  ASP A C   1 
ATOM   329 O  O   . ASP A 1 45 ? -12.873 1.403   -8.313  1.00 23.42 ? 44  ASP A O   1 
ATOM   330 C  CB  . ASP A 1 45 ? -14.366 2.543   -6.051  0.71 22.01 ? 44  ASP A CB  1 
ATOM   331 C  CG  . ASP A 1 45 ? -15.696 2.571   -5.352  0.71 23.79 ? 44  ASP A CG  1 
ATOM   332 O  OD1 . ASP A 1 45 ? -16.527 1.670   -5.604  0.71 24.28 ? 44  ASP A OD1 1 
ATOM   333 O  OD2 . ASP A 1 45 ? -15.875 3.446   -4.515  0.71 27.98 ? 44  ASP A OD2 1 
ATOM   334 N  N   . ALA A 1 46 ? -11.482 0.688   -6.721  1.00 12.53 ? 45  ALA A N   1 
ATOM   335 C  CA  . ALA A 1 46 ? -10.355 0.677   -7.625  1.00 11.34 ? 45  ALA A CA  1 
ATOM   336 C  C   . ALA A 1 46 ? -9.501  -0.563  -7.458  1.00 11.39 ? 45  ALA A C   1 
ATOM   337 O  O   . ALA A 1 46 ? -8.293  -0.478  -7.225  1.00 15.99 ? 45  ALA A O   1 
ATOM   338 C  CB  . ALA A 1 46 ? -9.519  1.931   -7.437  1.00 15.89 ? 45  ALA A CB  1 
ATOM   339 N  N   . ILE A 1 47 ? -10.131 -1.736  -7.564  1.00 11.39 ? 46  ILE A N   1 
ATOM   340 C  CA  . ILE A 1 47 ? -9.409  -2.991  -7.515  1.00 11.75 ? 46  ILE A CA  1 
ATOM   341 C  C   . ILE A 1 47 ? -10.012 -3.919  -8.570  1.00 10.60 ? 46  ILE A C   1 
ATOM   342 O  O   . ILE A 1 47 ? -11.126 -3.672  -9.035  1.00 13.07 ? 46  ILE A O   1 
ATOM   343 C  CB  . ILE A 1 47 ? -9.357  -3.667  -6.105  1.00 15.40 ? 46  ILE A CB  1 
ATOM   344 C  CG1 . ILE A 1 47 ? -10.773 -3.922  -5.587  1.00 16.02 ? 46  ILE A CG1 1 
ATOM   345 C  CG2 . ILE A 1 47 ? -8.485  -2.835  -5.125  1.00 14.61 ? 46  ILE A CG2 1 
ATOM   346 C  CD1 . ILE A 1 47 ? -10.687 -4.627  -4.213  1.00 20.24 ? 46  ILE A CD1 1 
ATOM   347 N  N   . PRO A 1 48 ? -9.254  -4.934  -9.006  1.00 11.58 ? 47  PRO A N   1 
ATOM   348 C  CA  . PRO A 1 48 ? -9.825  -5.835  -10.032 1.00 11.76 ? 47  PRO A CA  1 
ATOM   349 C  C   . PRO A 1 48 ? -11.101 -6.618  -9.572  1.00 11.77 ? 47  PRO A C   1 
ATOM   350 O  O   . PRO A 1 48 ? -11.329 -6.851  -8.373  1.00 11.18 ? 47  PRO A O   1 
ATOM   351 C  CB  . PRO A 1 48 ? -8.681  -6.820  -10.344 1.00 10.37 ? 47  PRO A CB  1 
ATOM   352 C  CG  . PRO A 1 48 ? -7.425  -6.093  -9.888  1.00 12.78 ? 47  PRO A CG  1 
ATOM   353 C  CD  . PRO A 1 48 ? -7.855  -5.286  -8.666  1.00 11.55 ? 47  PRO A CD  1 
ATOM   354 N  N   . SER A 1 49 ? -11.892 -7.035  -10.550 1.00 10.93 ? 48  SER A N   1 
ATOM   355 C  CA  . SER A 1 49 ? -13.098 -7.846  -10.284 1.00 13.27 ? 48  SER A CA  1 
ATOM   356 C  C   . SER A 1 49 ? -12.695 -9.079  -9.503  1.00 11.77 ? 48  SER A C   1 
ATOM   357 O  O   . SER A 1 49 ? -11.625 -9.665  -9.754  1.00 12.06 ? 48  SER A O   1 
ATOM   358 C  CB  . SER A 1 49 ? -13.745 -8.369  -11.576 1.00 14.23 ? 48  SER A CB  1 
ATOM   359 O  OG  . SER A 1 49 ? -14.243 -7.282  -12.277 1.00 20.15 ? 48  SER A OG  1 
ATOM   360 N  N   . GLY A 1 50 ? -13.527 -9.424  -8.519  1.00 13.25 ? 49  GLY A N   1 
ATOM   361 C  CA  . GLY A 1 50 ? -13.283 -10.636 -7.757  1.00 12.82 ? 49  GLY A CA  1 
ATOM   362 C  C   . GLY A 1 50 ? -12.369 -10.498 -6.563  1.00 13.16 ? 49  GLY A C   1 
ATOM   363 O  O   . GLY A 1 50 ? -12.297 -11.412 -5.740  1.00 14.74 ? 49  GLY A O   1 
ATOM   364 N  N   . VAL A 1 51 ? -11.654 -9.384  -6.449  1.00 9.52  ? 50  VAL A N   1 
ATOM   365 C  CA  . VAL A 1 51 ? -10.746 -9.178  -5.325  1.00 9.93  ? 50  VAL A CA  1 
ATOM   366 C  C   . VAL A 1 51 ? -11.523 -8.537  -4.158  1.00 9.99  ? 50  VAL A C   1 
ATOM   367 O  O   . VAL A 1 51 ? -12.368 -7.689  -4.344  1.00 13.41 ? 50  VAL A O   1 
ATOM   368 C  CB  . VAL A 1 51 ? -9.479  -8.299  -5.752  1.00 11.39 ? 50  VAL A CB  1 
ATOM   369 C  CG1 . VAL A 1 51 ? -8.542  -8.022  -4.554  1.00 12.50 ? 50  VAL A CG1 1 
ATOM   370 C  CG2 . VAL A 1 51 ? -8.691  -8.999  -6.886  1.00 11.44 ? 50  VAL A CG2 1 
ATOM   371 N  N   . ASN A 1 52 ? -11.206 -8.953  -2.947  1.00 11.36 ? 51  ASN A N   1 
ATOM   372 C  CA  . ASN A 1 52 ? -11.904 -8.445  -1.763  1.00 11.89 ? 51  ASN A CA  1 
ATOM   373 C  C   . ASN A 1 52 ? -10.966 -7.407  -1.096  1.00 9.00  ? 51  ASN A C   1 
ATOM   374 O  O   . ASN A 1 52 ? -9.910  -7.751  -0.582  1.00 11.76 ? 51  ASN A O   1 
ATOM   375 C  CB  . ASN A 1 52 ? -12.176 -9.659  -0.836  1.00 16.01 ? 51  ASN A CB  1 
ATOM   376 C  CG  . ASN A 1 52 ? -12.994 -9.306  0.433   1.00 20.06 ? 51  ASN A CG  1 
ATOM   377 O  OD1 . ASN A 1 52 ? -12.994 -8.202  0.937   1.00 20.04 ? 51  ASN A OD1 1 
ATOM   378 N  ND2 . ASN A 1 52 ? -13.687 -10.302 0.942   1.00 23.82 ? 51  ASN A ND2 1 
ATOM   379 N  N   . ALA A 1 53 ? -11.392 -6.148  -1.088  1.00 10.52 ? 52  ALA A N   1 
ATOM   380 C  CA  . ALA A 1 53 ? -10.580 -5.073  -0.531  1.00 10.51 ? 52  ALA A CA  1 
ATOM   381 C  C   . ALA A 1 53 ? -10.231 -5.304  0.950   1.00 11.76 ? 52  ALA A C   1 
ATOM   382 O  O   . ALA A 1 53 ? -9.096  -5.131  1.363   1.00 13.53 ? 52  ALA A O   1 
ATOM   383 C  CB  . ALA A 1 53 ? -11.263 -3.747  -0.718  1.00 11.76 ? 52  ALA A CB  1 
ATOM   384 N  N   . ASP A 1 54 ? -11.212 -5.729  1.750   1.00 12.57 ? 53  ASP A N   1 
ATOM   385 C  CA  . ASP A 1 54 ? -10.961 -5.978  3.181   1.00 13.27 ? 53  ASP A CA  1 
ATOM   386 C  C   . ASP A 1 54 ? -9.959  -7.054  3.426   1.00 12.51 ? 53  ASP A C   1 
ATOM   387 O  O   . ASP A 1 54 ? -9.168  -6.955  4.350   1.00 18.48 ? 53  ASP A O   1 
ATOM   388 C  CB  . ASP A 1 54 ? -12.235 -6.403  3.895   1.00 21.71 ? 53  ASP A CB  1 
ATOM   389 C  CG  . ASP A 1 54 ? -13.199 -5.241  4.089   1.00 26.86 ? 53  ASP A CG  1 
ATOM   390 O  OD1 . ASP A 1 54 ? -12.728 -4.099  4.151   1.00 30.14 ? 53  ASP A OD1 1 
ATOM   391 O  OD2 . ASP A 1 54 ? -14.421 -5.448  4.199   1.00 32.34 ? 53  ASP A OD2 1 
ATOM   392 N  N   . ALA A 1 55 ? -10.028 -8.117  2.633   1.00 10.65 ? 54  ALA A N   1 
ATOM   393 C  CA  . ALA A 1 55 ? -9.135  -9.235  2.832   1.00 11.09 ? 54  ALA A CA  1 
ATOM   394 C  C   . ALA A 1 55 ? -7.655  -8.873  2.618   1.00 12.07 ? 54  ALA A C   1 
ATOM   395 O  O   . ALA A 1 55 ? -6.773  -9.491  3.194   1.00 16.65 ? 54  ALA A O   1 
ATOM   396 C  CB  . ALA A 1 55 ? -9.541  -10.387 1.922   1.00 13.97 ? 54  ALA A CB  1 
ATOM   397 N  N   . ILE A 1 56 ? -7.377  -7.900  1.756   1.00 11.38 ? 55  ILE A N   1 
ATOM   398 C  CA  . ILE A 1 56 ? -5.977  -7.562  1.450   1.00 12.25 ? 55  ILE A CA  1 
ATOM   399 C  C   . ILE A 1 56 ? -5.492  -6.287  2.166   1.00 12.50 ? 55  ILE A C   1 
ATOM   400 O  O   . ILE A 1 56 ? -4.296  -5.978  2.135   1.00 14.40 ? 55  ILE A O   1 
ATOM   401 C  CB  . ILE A 1 56 ? -5.740  -7.464  -0.125  1.00 13.66 ? 55  ILE A CB  1 
ATOM   402 C  CG1 . ILE A 1 56 ? -6.696  -6.477  -0.773  1.00 12.90 ? 55  ILE A CG1 1 
ATOM   403 C  CG2 . ILE A 1 56 ? -5.922  -8.810  -0.773  1.00 13.63 ? 55  ILE A CG2 1 
ATOM   404 C  CD1 . ILE A 1 56 ? -6.324  -6.105  -2.238  1.00 12.70 ? 55  ILE A CD1 1 
ATOM   405 N  N   . SER A 1 57 ? -6.402  -5.581  2.846   1.00 11.45 ? 56  SER A N   1 
ATOM   406 C  CA  . SER A 1 57 ? -6.026  -4.371  3.527   1.00 10.62 ? 56  SER A CA  1 
ATOM   407 C  C   . SER A 1 57 ? -5.452  -4.666  4.889   1.00 12.72 ? 56  SER A C   1 
ATOM   408 O  O   . SER A 1 57 ? -5.684  -5.733  5.426   1.00 14.63 ? 56  SER A O   1 
ATOM   409 C  CB  . SER A 1 57 ? -7.229  -3.475  3.722   1.00 11.27 ? 56  SER A CB  1 
ATOM   410 O  OG  . SER A 1 57 ? -7.799  -3.025  2.508   1.00 12.71 ? 56  SER A OG  1 
ATOM   411 N  N   . ARG A 1 58 ? -4.642  -3.731  5.398   1.00 11.34 ? 57  ARG A N   1 
ATOM   412 C  CA  . ARG A 1 58 ? -4.097  -3.758  6.738   1.00 12.28 ? 57  ARG A CA  1 
ATOM   413 C  C   . ARG A 1 58 ? -4.750  -2.539  7.410   1.00 14.08 ? 57  ARG A C   1 
ATOM   414 O  O   . ARG A 1 58 ? -4.367  -1.377  7.193   1.00 13.74 ? 57  ARG A O   1 
ATOM   415 C  CB  . ARG A 1 58 ? -2.593  -3.616  6.747   1.00 15.21 ? 57  ARG A CB  1 
ATOM   416 C  CG  . ARG A 1 58 ? -2.074  -3.241  8.125   1.00 21.09 ? 57  ARG A CG  1 
ATOM   417 C  CD  . ARG A 1 58 ? -1.642  -4.414  8.951   1.00 24.72 ? 57  ARG A CD  1 
ATOM   418 N  NE  . ARG A 1 58 ? -1.049  -3.985  10.240  1.00 29.51 ? 57  ARG A NE  1 
ATOM   419 C  CZ  1 ARG A 1 58 ? 0.285   -3.835  10.352  0.30 28.23 ? 57  ARG A CZ  1 
ATOM   420 C  CZ  2 ARG A 1 58 ? -1.225  -4.751  11.324  0.70 31.63 ? 57  ARG A CZ  1 
ATOM   421 N  NH1 1 ARG A 1 58 ? 1.085   -4.122  9.331   0.30 28.53 ? 57  ARG A NH1 1 
ATOM   422 N  NH1 2 ARG A 1 58 ? -1.102  -4.207  12.543  0.70 31.81 ? 57  ARG A NH1 1 
ATOM   423 N  NH2 1 ARG A 1 58 ? -1.827  -5.951  11.209  0.70 33.79 ? 57  ARG A NH2 1 
ATOM   424 N  NH2 2 ARG A 1 58 ? 0.827   -3.279  11.436  0.30 26.71 ? 57  ARG A NH2 1 
ATOM   425 N  N   . ASP A 1 59 ? -5.812  -2.779  8.176   1.00 12.70 ? 59  ASP A N   1 
ATOM   426 C  CA  . ASP A 1 59 ? -6.496  -1.674  8.820   1.00 14.60 ? 59  ASP A CA  1 
ATOM   427 C  C   . ASP A 1 59 ? -5.833  -1.182  10.066  1.00 13.74 ? 59  ASP A C   1 
ATOM   428 O  O   . ASP A 1 59 ? -5.883  0.008   10.422  1.00 19.21 ? 59  ASP A O   1 
ATOM   429 C  CB  . ASP A 1 59 ? -7.919  -2.082  9.184   1.00 24.10 ? 59  ASP A CB  1 
ATOM   430 C  CG  . ASP A 1 59 ? -8.649  -2.583  8.021   1.00 29.80 ? 59  ASP A CG  1 
ATOM   431 O  OD1 . ASP A 1 59 ? -9.140  -1.742  7.249   1.00 34.51 ? 59  ASP A OD1 1 
ATOM   432 O  OD2 . ASP A 1 59 ? -8.667  -3.819  7.843   1.00 33.51 ? 59  ASP A OD2 1 
ATOM   433 N  N   . ASP A 1 60 ? -5.266  -2.114  10.779  1.00 14.10 ? 61  ASP A N   1 
ATOM   434 C  CA  . ASP A 1 60 ? -4.633  -1.774  12.010  1.00 15.28 ? 61  ASP A CA  1 
ATOM   435 C  C   . ASP A 1 60 ? -3.307  -1.007  11.719  1.00 14.83 ? 61  ASP A C   1 
ATOM   436 O  O   . ASP A 1 60 ? -2.539  -1.402  10.853  1.00 16.11 ? 61  ASP A O   1 
ATOM   437 C  CB  . ASP A 1 60 ? -4.520  -3.072  12.835  1.00 20.38 ? 61  ASP A CB  1 
ATOM   438 C  CG  . ASP A 1 60 ? -6.006  -3.792  13.111  0.86 25.58 ? 61  ASP A CG  1 
ATOM   439 O  OD1 . ASP A 1 60 ? -7.137  -3.220  12.986  0.86 24.37 ? 61  ASP A OD1 1 
ATOM   440 O  OD2 . ASP A 1 60 ? -6.031  -4.977  13.471  0.86 26.12 ? 61  ASP A OD2 1 
ATOM   441 N  N   . TYR A 1 61 ? -3.079  0.094   12.437  1.00 14.56 ? 62  TYR A N   1 
ATOM   442 C  CA  . TYR A 1 61 ? -1.885  0.905   12.231  1.00 14.11 ? 62  TYR A CA  1 
ATOM   443 C  C   . TYR A 1 61 ? -0.545  0.239   12.436  1.00 15.28 ? 62  TYR A C   1 
ATOM   444 O  O   . TYR A 1 61 ? -0.365  -0.616  13.331  1.00 17.49 ? 62  TYR A O   1 
ATOM   445 C  CB  . TYR A 1 61 ? -1.897  2.107   13.166  1.00 15.17 ? 62  TYR A CB  1 
ATOM   446 C  CG  . TYR A 1 61 ? -2.956  3.108   12.901  1.00 17.57 ? 62  TYR A CG  1 
ATOM   447 C  CD1 . TYR A 1 61 ? -3.790  3.002   11.802  1.00 20.25 ? 62  TYR A CD1 1 
ATOM   448 C  CD2 . TYR A 1 61 ? -3.118  4.196   13.746  1.00 21.35 ? 62  TYR A CD2 1 
ATOM   449 C  CE1 . TYR A 1 61 ? -4.782  3.961   11.524  1.00 22.91 ? 62  TYR A CE1 1 
ATOM   450 C  CE2 . TYR A 1 61 ? -4.095  5.180   13.496  1.00 23.59 ? 62  TYR A CE2 1 
ATOM   451 C  CZ  . TYR A 1 61 ? -4.932  5.064   12.380  1.00 25.15 ? 62  TYR A CZ  1 
ATOM   452 O  OH  . TYR A 1 61 ? -5.915  6.041   12.142  1.00 27.80 ? 62  TYR A OH  1 
ATOM   453 N  N   . LEU A 1 62 ? 0.430   0.657   11.615  1.00 13.88 ? 63  LEU A N   1 
ATOM   454 C  CA  . LEU A 1 62 ? 1.857   0.277   11.748  1.00 13.53 ? 63  LEU A CA  1 
ATOM   455 C  C   . LEU A 1 62 ? 2.438   1.483   12.539  1.00 13.66 ? 63  LEU A C   1 
ATOM   456 O  O   . LEU A 1 62 ? 2.298   2.668   12.171  1.00 14.58 ? 63  LEU A O   1 
ATOM   457 C  CB  . LEU A 1 62 ? 2.574   0.090   10.409  1.00 16.79 ? 63  LEU A CB  1 
ATOM   458 C  CG  . LEU A 1 62 ? 2.163   -1.135  9.593   1.00 20.51 ? 63  LEU A CG  1 
ATOM   459 C  CD1 . LEU A 1 62 ? 0.941   -0.826  8.823   1.00 21.58 ? 63  LEU A CD1 1 
ATOM   460 C  CD2 . LEU A 1 62 ? 3.284   -1.537  8.623   1.00 22.78 ? 63  LEU A CD2 1 
ATOM   461 N  N   . ASN A 1 63 ? 3.070   1.157   13.656  1.00 13.50 ? 64  ASN A N   1 
ATOM   462 C  CA  . ASN A 1 63 ? 3.547   2.154   14.573  1.00 14.57 ? 64  ASN A CA  1 
ATOM   463 C  C   . ASN A 1 63 ? 5.007   2.351   14.701  1.00 14.89 ? 64  ASN A C   1 
ATOM   464 O  O   . ASN A 1 63 ? 5.432   3.388   15.179  1.00 21.48 ? 64  ASN A O   1 
ATOM   465 C  CB  . ASN A 1 63 ? 3.007   1.821   15.980  1.00 17.83 ? 64  ASN A CB  1 
ATOM   466 C  CG  . ASN A 1 63 ? 1.511   1.983   16.080  1.00 19.32 ? 64  ASN A CG  1 
ATOM   467 O  OD1 . ASN A 1 63 ? 0.990   3.058   15.862  1.00 21.79 ? 64  ASN A OD1 1 
ATOM   468 N  ND2 . ASN A 1 63 ? 0.813   0.909   16.386  1.00 22.22 ? 64  ASN A ND2 1 
ATOM   469 N  N   . ALA A 1 64 ? 5.783   1.338   14.382  1.00 15.06 ? 65  ALA A N   1 
ATOM   470 C  CA  . ALA A 1 64 ? 7.237   1.420   14.556  1.00 15.21 ? 65  ALA A CA  1 
ATOM   471 C  C   . ALA A 1 64 ? 8.066   1.425   13.253  1.00 15.00 ? 65  ALA A C   1 
ATOM   472 O  O   . ALA A 1 64 ? 7.640   0.811   12.258  1.00 13.39 ? 65  ALA A O   1 
ATOM   473 C  CB  . ALA A 1 64 ? 7.698   0.206   15.432  1.00 16.09 ? 65  ALA A CB  1 
ATOM   474 N  N   . PRO A 1 65 ? 9.263   2.097   13.247  1.00 17.13 ? 66  PRO A N   1 
ATOM   475 C  CA  . PRO A 1 65 ? 10.073  2.082   12.018  1.00 18.15 ? 66  PRO A CA  1 
ATOM   476 C  C   . PRO A 1 65 ? 10.407  0.605   11.675  1.00 17.35 ? 66  PRO A C   1 
ATOM   477 O  O   . PRO A 1 65 ? 10.729  -0.190  12.586  1.00 16.76 ? 66  PRO A O   1 
ATOM   478 C  CB  . PRO A 1 65 ? 11.391  2.816   12.432  1.00 17.92 ? 66  PRO A CB  1 
ATOM   479 C  CG  . PRO A 1 65 ? 11.006  3.642   13.579  1.00 19.07 ? 66  PRO A CG  1 
ATOM   480 C  CD  . PRO A 1 65 ? 9.952   2.833   14.328  1.00 18.51 ? 66  PRO A CD  1 
ATOM   481 N  N   . GLY A 1 66 ? 10.306  0.245   10.398  1.00 12.74 ? 67  GLY A N   1 
ATOM   482 C  CA  . GLY A 1 66 ? 10.659  -1.084  9.993   1.00 11.95 ? 67  GLY A CA  1 
ATOM   483 C  C   . GLY A 1 66 ? 9.524   -2.088  10.103  1.00 12.11 ? 67  GLY A C   1 
ATOM   484 O  O   . GLY A 1 66 ? 9.673   -3.191  9.585   1.00 14.66 ? 67  GLY A O   1 
ATOM   485 N  N   . GLU A 1 67 ? 8.446   -1.738  10.813  1.00 12.52 ? 68  GLU A N   1 
ATOM   486 C  CA  . GLU A 1 67 ? 7.287   -2.610  10.902  1.00 12.43 ? 68  GLU A CA  1 
ATOM   487 C  C   . GLU A 1 67 ? 6.774   -2.875  9.432   1.00 13.78 ? 68  GLU A C   1 
ATOM   488 O  O   . GLU A 1 67 ? 6.640   -1.933  8.633   1.00 14.64 ? 68  GLU A O   1 
ATOM   489 C  CB  . GLU A 1 67 ? 6.242   -1.947  11.808  1.00 12.80 ? 68  GLU A CB  1 
ATOM   490 C  CG  . GLU A 1 67 ? 5.187   -2.929  12.208  1.00 15.68 ? 68  GLU A CG  1 
ATOM   491 C  CD  . GLU A 1 67 ? 4.194   -2.402  13.216  1.00 16.08 ? 68  GLU A CD  1 
ATOM   492 O  OE1 . GLU A 1 67 ? 4.447   -1.355  13.843  1.00 16.63 ? 68  GLU A OE1 1 
ATOM   493 O  OE2 . GLU A 1 67 ? 3.140   -3.060  13.399  1.00 18.29 ? 68  GLU A OE2 1 
ATOM   494 N  N   . THR A 1 68 ? 6.525   -4.132  9.074   1.00 12.14 ? 69  THR A N   1 
ATOM   495 C  CA  . THR A 1 68 ? 6.151   -4.486  7.717   1.00 13.33 ? 69  THR A CA  1 
ATOM   496 C  C   . THR A 1 68 ? 4.825   -5.241  7.581   1.00 14.73 ? 69  THR A C   1 
ATOM   497 O  O   . THR A 1 68 ? 4.458   -6.080  8.427   1.00 17.55 ? 69  THR A O   1 
ATOM   498 C  CB  . THR A 1 68 ? 7.286   -5.381  7.111   1.00 17.78 ? 69  THR A CB  1 
ATOM   499 O  OG1 . THR A 1 68 ? 8.536   -4.650  7.147   1.00 19.49 ? 69  THR A OG1 1 
ATOM   500 C  CG2 . THR A 1 68 ? 7.006   -5.852  5.664   1.00 18.07 ? 69  THR A CG2 1 
ATOM   501 N  N   . TYR A 1 69 ? 4.118   -4.934  6.495   1.00 11.98 ? 70  TYR A N   1 
ATOM   502 C  CA  . TYR A 1 69 ? 2.887   -5.625  6.130   1.00 12.46 ? 70  TYR A CA  1 
ATOM   503 C  C   . TYR A 1 69 ? 3.129   -6.177  4.723   1.00 13.16 ? 70  TYR A C   1 
ATOM   504 O  O   A TYR A 1 69 ? 3.463   -5.432  3.807   0.50 14.33 ? 70  TYR A O   1 
ATOM   505 O  O   B TYR A 1 69 ? -2.814  -7.236  3.855   0.50 18.13 ? 70  TYR A O   1 
ATOM   506 C  CB  . TYR A 1 69 ? 1.692   -4.679  6.124   1.00 14.21 ? 70  TYR A CB  1 
ATOM   507 C  CG  . TYR A 1 69 ? 0.458   -5.342  5.527   1.00 14.55 ? 70  TYR A CG  1 
ATOM   508 C  CD1 . TYR A 1 69 ? -0.032  -6.528  6.060   1.00 13.55 ? 70  TYR A CD1 1 
ATOM   509 C  CD2 . TYR A 1 69 ? -0.177  -4.800  4.391   1.00 14.29 ? 70  TYR A CD2 1 
ATOM   510 C  CE1 . TYR A 1 69 ? -1.102  -7.148  5.503   1.00 13.83 ? 70  TYR A CE1 1 
ATOM   511 C  CE2 . TYR A 1 69 ? -1.255  -5.415  3.813   1.00 14.44 ? 70  TYR A CE2 1 
ATOM   512 C  CZ  . TYR A 1 69 ? -1.716  -6.603  4.388   1.00 16.60 ? 70  TYR A CZ  1 
ATOM   513 N  N   . SER A 1 70 ? 2.974   -7.474  4.552   1.00 12.98 ? 71  SER A N   1 
ATOM   514 C  CA  . SER A 1 70 ? 3.202   -8.095  3.258   1.00 15.65 ? 71  SER A CA  1 
ATOM   515 C  C   . SER A 1 70 ? 1.945   -8.704  2.712   1.00 16.01 ? 71  SER A C   1 
ATOM   516 O  O   . SER A 1 70 ? 1.208   -9.339  3.454   1.00 19.50 ? 71  SER A O   1 
ATOM   517 C  CB  . SER A 1 70 ? 4.242   -9.189  3.350   1.00 18.42 ? 71  SER A CB  1 
ATOM   518 O  OG  . SER A 1 70 ? 5.441   -8.599  3.801   1.00 23.44 ? 71  SER A OG  1 
ATOM   519 N  N   . VAL A 1 71 ? 1.721   -8.518  1.407   1.00 15.33 ? 72  VAL A N   1 
ATOM   520 C  CA  . VAL A 1 71 ? 0.540   -9.054  0.773   1.00 15.04 ? 72  VAL A CA  1 
ATOM   521 C  C   . VAL A 1 71 ? 0.858   -9.487  -0.663  1.00 15.74 ? 72  VAL A C   1 
ATOM   522 O  O   . VAL A 1 71 ? 1.628   -8.826  -1.378  1.00 15.75 ? 72  VAL A O   1 
ATOM   523 C  CB  . VAL A 1 71 ? -0.636  -8.074  0.869   1.00 16.03 ? 72  VAL A CB  1 
ATOM   524 C  CG1 . VAL A 1 71 ? -0.329  -6.777  0.078   1.00 17.58 ? 72  VAL A CG1 1 
ATOM   525 C  CG2 . VAL A 1 71 ? -1.933  -8.778  0.449   1.00 17.84 ? 72  VAL A CG2 1 
ATOM   526 N  N   . LYS A 1 72 ? 0.396   -10.682 -1.027  1.00 13.04 ? 73  LYS A N   1 
ATOM   527 C  CA  . LYS A 1 72 ? 0.620   -11.234 -2.352  1.00 13.86 ? 73  LYS A CA  1 
ATOM   528 C  C   . LYS A 1 72 ? -0.597  -10.913 -3.214  1.00 14.46 ? 73  LYS A C   1 
ATOM   529 O  O   . LYS A 1 72 ? -1.762  -11.126 -2.794  1.00 18.87 ? 73  LYS A O   1 
ATOM   530 C  CB  . LYS A 1 72 ? 0.797   -12.731 -2.200  1.00 20.94 ? 73  LYS A CB  1 
ATOM   531 C  CG  . LYS A 1 72 ? 1.140   -13.451 -3.416  1.00 27.07 ? 73  LYS A CG  1 
ATOM   532 C  CD  . LYS A 1 72 ? 1.891   -14.683 -2.960  1.00 33.10 ? 73  LYS A CD  1 
ATOM   533 C  CE  . LYS A 1 72 ? 1.939   -15.730 -4.057  1.00 37.62 ? 73  LYS A CE  1 
ATOM   534 N  NZ  . LYS A 1 72 ? 0.610   -15.858 -4.758  1.00 41.43 ? 73  LYS A NZ  1 
ATOM   535 N  N   . LEU A 1 73 ? -0.352  -10.391 -4.421  1.00 13.67 ? 74  LEU A N   1 
ATOM   536 C  CA  . LEU A 1 73 ? -1.454  -10.030 -5.300  1.00 13.23 ? 74  LEU A CA  1 
ATOM   537 C  C   . LEU A 1 73 ? -1.331  -10.897 -6.527  1.00 14.01 ? 74  LEU A C   1 
ATOM   538 O  O   . LEU A 1 73 ? -0.240  -11.139 -7.020  1.00 16.43 ? 74  LEU A O   1 
ATOM   539 C  CB  . LEU A 1 73 ? -1.430  -8.525  -5.647  1.00 15.03 ? 74  LEU A CB  1 
ATOM   540 C  CG  . LEU A 1 73 ? -1.484  -7.549  -4.472  1.00 13.96 ? 74  LEU A CG  1 
ATOM   541 C  CD1 . LEU A 1 73 ? -1.266  -6.153  -5.016  1.00 16.33 ? 74  LEU A CD1 1 
ATOM   542 C  CD2 . LEU A 1 73 ? -2.831  -7.609  -3.669  1.00 14.26 ? 74  LEU A CD2 1 
ATOM   543 N  N   . THR A 1 74 ? -2.469  -11.393 -7.001  1.00 14.75 ? 75  THR A N   1 
ATOM   544 C  CA  . THR A 1 74 ? -2.424  -12.283 -8.138  1.00 15.14 ? 75  THR A CA  1 
ATOM   545 C  C   . THR A 1 74 ? -3.268  -11.831 -9.323  1.00 13.90 ? 75  THR A C   1 
ATOM   546 O  O   . THR A 1 74 ? -2.840  -11.974 -10.474 1.00 17.51 ? 75  THR A O   1 
ATOM   547 C  CB  . THR A 1 74 ? -2.855  -13.712 -7.709  1.00 20.60 ? 75  THR A CB  1 
ATOM   548 O  OG1 . THR A 1 74 ? -4.167  -13.637 -7.123  1.00 23.42 ? 75  THR A OG1 1 
ATOM   549 C  CG2 . THR A 1 74 ? -1.877  -14.284 -6.642  1.00 21.81 ? 75  THR A CG2 1 
ATOM   550 N  N   . ALA A 1 75 ? -4.427  -11.240 -9.046  1.00 12.23 ? 76  ALA A N   1 
ATOM   551 C  CA  . ALA A 1 75 ? -5.317  -10.819 -10.127 1.00 12.35 ? 76  ALA A CA  1 
ATOM   552 C  C   . ALA A 1 75 ? -4.733  -9.597  -10.875 1.00 11.96 ? 76  ALA A C   1 
ATOM   553 O  O   . ALA A 1 75 ? -4.378  -8.602  -10.251 1.00 12.32 ? 76  ALA A O   1 
ATOM   554 C  CB  . ALA A 1 75 ? -6.790  -10.499 -9.579  1.00 13.22 ? 76  ALA A CB  1 
ATOM   555 N  N   . ALA A 1 76 ? -4.653  -9.690  -12.204 1.00 12.16 ? 77  ALA A N   1 
ATOM   556 C  CA  . ALA A 1 76 ? -4.126  -8.607  -13.021 1.00 12.09 ? 77  ALA A CA  1 
ATOM   557 C  C   . ALA A 1 76 ? -5.074  -7.393  -12.993 1.00 12.88 ? 77  ALA A C   1 
ATOM   558 O  O   . ALA A 1 76 ? -6.334  -7.526  -12.925 1.00 12.33 ? 77  ALA A O   1 
ATOM   559 C  CB  . ALA A 1 76 ? -3.918  -9.081  -14.451 1.00 12.57 ? 77  ALA A CB  1 
ATOM   560 N  N   . GLY A 1 77 ? -4.459  -6.198  -13.038 1.00 11.52 ? 78  GLY A N   1 
ATOM   561 C  CA  . GLY A 1 77 ? -5.223  -4.958  -13.057 1.00 11.82 ? 78  GLY A CA  1 
ATOM   562 C  C   . GLY A 1 77 ? -4.588  -3.905  -12.176 1.00 12.12 ? 78  GLY A C   1 
ATOM   563 O  O   . GLY A 1 77 ? -3.424  -4.044  -11.764 1.00 17.74 ? 78  GLY A O   1 
ATOM   564 N  N   . GLU A 1 78 ? -5.365  -2.890  -11.826 1.00 11.98 ? 79  GLU A N   1 
ATOM   565 C  CA  . GLU A 1 78 ? -4.830  -1.830  -10.967 1.00 12.03 ? 79  GLU A CA  1 
ATOM   566 C  C   . GLU A 1 78 ? -5.477  -1.886  -9.605  1.00 11.51 ? 79  GLU A C   1 
ATOM   567 O  O   . GLU A 1 78 ? -6.682  -2.132  -9.489  1.00 13.18 ? 79  GLU A O   1 
ATOM   568 C  CB  . GLU A 1 78 ? -5.118  -0.440  -11.546 1.00 14.68 ? 79  GLU A CB  1 
ATOM   569 C  CG  . GLU A 1 78 ? -4.468  -0.222  -12.880 1.00 15.41 ? 79  GLU A CG  1 
ATOM   570 C  CD  . GLU A 1 78 ? -4.659  1.205   -13.398 1.00 15.99 ? 79  GLU A CD  1 
ATOM   571 O  OE1 . GLU A 1 78 ? -5.138  2.104   -12.698 1.00 18.17 ? 79  GLU A OE1 1 
ATOM   572 O  OE2 . GLU A 1 78 ? -4.288  1.396   -14.600 1.00 16.45 ? 79  GLU A OE2 1 
ATOM   573 N  N   . TYR A 1 79 ? -4.697  -1.536  -8.598  1.00 10.72 ? 80  TYR A N   1 
ATOM   574 C  CA  . TYR A 1 79 ? -5.149  -1.543  -7.213  1.00 10.31 ? 80  TYR A CA  1 
ATOM   575 C  C   . TYR A 1 79 ? -4.846  -0.201  -6.591  1.00 11.34 ? 80  TYR A C   1 
ATOM   576 O  O   . TYR A 1 79 ? -3.677  0.148   -6.394  1.00 14.57 ? 80  TYR A O   1 
ATOM   577 C  CB  . TYR A 1 79 ? -4.422  -2.587  -6.400  1.00 11.08 ? 80  TYR A CB  1 
ATOM   578 C  CG  . TYR A 1 79 ? -4.659  -4.023  -6.806  1.00 12.50 ? 80  TYR A CG  1 
ATOM   579 C  CD1 . TYR A 1 79 ? -4.135  -4.543  -8.017  1.00 12.10 ? 80  TYR A CD1 1 
ATOM   580 C  CD2 . TYR A 1 79 ? -5.302  -4.926  -5.914  1.00 13.35 ? 80  TYR A CD2 1 
ATOM   581 C  CE1 . TYR A 1 79 ? -4.240  -5.897  -8.326  1.00 11.75 ? 80  TYR A CE1 1 
ATOM   582 C  CE2 . TYR A 1 79 ? -5.390  -6.274  -6.208  1.00 12.27 ? 80  TYR A CE2 1 
ATOM   583 C  CZ  . TYR A 1 79 ? -4.876  -6.764  -7.415  1.00 13.42 ? 80  TYR A CZ  1 
ATOM   584 O  OH  . TYR A 1 79 ? -5.113  -8.083  -7.761  1.00 14.05 ? 80  TYR A OH  1 
ATOM   585 N  N   . GLY A 1 80 ? -5.891  0.568   -6.344  1.00 11.68 ? 81  GLY A N   1 
ATOM   586 C  CA  . GLY A 1 80 ? -5.740  1.848   -5.709  1.00 11.99 ? 81  GLY A CA  1 
ATOM   587 C  C   . GLY A 1 80 ? -5.794  1.644   -4.205  1.00 12.55 ? 81  GLY A C   1 
ATOM   588 O  O   . GLY A 1 80 ? -6.544  0.783   -3.732  1.00 13.18 ? 81  GLY A O   1 
ATOM   589 N  N   . TYR A 1 81 ? -4.970  2.364   -3.446  1.00 11.17 ? 82  TYR A N   1 
ATOM   590 C  CA  . TYR A 1 81 ? -4.984  2.206   -1.996  1.00 10.99 ? 82  TYR A CA  1 
ATOM   591 C  C   . TYR A 1 81 ? -4.589  3.518   -1.346  1.00 12.78 ? 82  TYR A C   1 
ATOM   592 O  O   . TYR A 1 81 ? -4.111  4.442   -2.029  1.00 12.35 ? 82  TYR A O   1 
ATOM   593 C  CB  . TYR A 1 81 ? -4.076  1.061   -1.530  1.00 10.76 ? 82  TYR A CB  1 
ATOM   594 C  CG  . TYR A 1 81 ? -2.594  1.300   -1.790  1.00 10.72 ? 82  TYR A CG  1 
ATOM   595 C  CD1 . TYR A 1 81 ? -2.008  1.004   -3.039  1.00 10.80 ? 82  TYR A CD1 1 
ATOM   596 C  CD2 . TYR A 1 81 ? -1.789  1.819   -0.782  1.00 11.83 ? 82  TYR A CD2 1 
ATOM   597 C  CE1 . TYR A 1 81 ? -0.637  1.233   -3.258  1.00 11.59 ? 82  TYR A CE1 1 
ATOM   598 C  CE2 . TYR A 1 81 ? -0.428  2.039   -0.974  1.00 12.35 ? 82  TYR A CE2 1 
ATOM   599 C  CZ  . TYR A 1 81 ? 0.141   1.744   -2.221  1.00 11.98 ? 82  TYR A CZ  1 
ATOM   600 O  OH  . TYR A 1 81 ? 1.476   1.975   -2.371  1.00 12.77 ? 82  TYR A OH  1 
ATOM   601 N  N   . TYR A 1 82 ? -4.811  3.620   -0.035  1.00 11.26 ? 83  TYR A N   1 
ATOM   602 C  CA  . TYR A 1 82 ? -4.494  4.841   0.690   1.00 10.92 ? 83  TYR A CA  1 
ATOM   603 C  C   . TYR A 1 82 ? -4.233  4.541   2.145   1.00 11.63 ? 83  TYR A C   1 
ATOM   604 O  O   . TYR A 1 82 ? -4.393  3.401   2.609   1.00 12.28 ? 83  TYR A O   1 
ATOM   605 C  CB  . TYR A 1 82 ? -5.646  5.851   0.545   1.00 13.70 ? 83  TYR A CB  1 
ATOM   606 C  CG  . TYR A 1 82 ? -7.001  5.298   0.947   1.00 15.46 ? 83  TYR A CG  1 
ATOM   607 C  CD1 . TYR A 1 82 ? -7.800  4.591   0.030   1.00 16.31 ? 83  TYR A CD1 1 
ATOM   608 C  CD2 . TYR A 1 82 ? -7.462  5.477   2.246   1.00 18.25 ? 83  TYR A CD2 1 
ATOM   609 C  CE1 . TYR A 1 82 ? -9.011  4.091   0.403   1.00 18.42 ? 83  TYR A CE1 1 
ATOM   610 C  CE2 . TYR A 1 82 ? -8.672  4.983   2.638   1.00 18.99 ? 83  TYR A CE2 1 
ATOM   611 C  CZ  . TYR A 1 82 ? -9.449  4.296   1.726   1.00 20.62 ? 83  TYR A CZ  1 
ATOM   612 O  OH  . TYR A 1 82 ? -10.700 3.847   2.149   1.00 24.25 ? 83  TYR A OH  1 
ATOM   613 N  N   . CYS A 1 83 ? -3.732  5.554   2.818   1.00 12.64 ? 84  CYS A N   1 
ATOM   614 C  CA  . CYS A 1 83 ? -3.431  5.475   4.230   1.00 11.62 ? 84  CYS A CA  1 
ATOM   615 C  C   . CYS A 1 83 ? -4.537  6.308   4.867   1.00 12.51 ? 84  CYS A C   1 
ATOM   616 O  O   . CYS A 1 83 ? -4.630  7.519   4.627   1.00 12.90 ? 84  CYS A O   1 
ATOM   617 C  CB  . CYS A 1 83 ? -2.080  6.113   4.517   1.00 10.75 ? 84  CYS A CB  1 
ATOM   618 S  SG  . CYS A 1 83 ? -1.803  6.317   6.218   1.00 13.72 ? 84  CYS A SG  1 
ATOM   619 N  N   . GLU A 1 84 ? -5.341  5.702   5.738   1.00 11.74 ? 85  GLU A N   1 
ATOM   620 C  CA  . GLU A 1 84 ? -6.453  6.432   6.328   1.00 13.08 ? 85  GLU A CA  1 
ATOM   621 C  C   . GLU A 1 84 ? -6.090  7.689   7.094   1.00 13.82 ? 85  GLU A C   1 
ATOM   622 O  O   . GLU A 1 84 ? -6.612  8.745   6.773   1.00 19.72 ? 85  GLU A O   1 
ATOM   623 C  CB  . GLU A 1 84 ? -7.346  5.529   7.184   1.00 19.56 ? 85  GLU A CB  1 
ATOM   624 C  CG  . GLU A 1 84 ? -8.318  4.709   6.382   0.56 20.48 ? 85  GLU A CG  1 
ATOM   625 C  CD  . GLU A 1 84 ? -9.147  3.688   7.210   0.56 22.26 ? 85  GLU A CD  1 
ATOM   626 O  OE1 . GLU A 1 84 ? -8.730  3.260   8.322   0.56 21.07 ? 85  GLU A OE1 1 
ATOM   627 O  OE2 . GLU A 1 84 ? -10.222 3.289   6.695   0.56 23.57 ? 85  GLU A OE2 1 
ATOM   628 N  N   . PRO A 1 85 ? -5.127  7.608   8.042   1.00 17.74 ? 86  PRO A N   1 
ATOM   629 C  CA  . PRO A 1 85 ? -4.833  8.857   8.746   1.00 18.88 ? 86  PRO A CA  1 
ATOM   630 C  C   . PRO A 1 85 ? -4.254  10.010  7.872   1.00 19.87 ? 86  PRO A C   1 
ATOM   631 O  O   . PRO A 1 85 ? -4.403  11.194  8.249   1.00 20.86 ? 86  PRO A O   1 
ATOM   632 C  CB  . PRO A 1 85 ? -3.886  8.403   9.886   1.00 17.13 ? 86  PRO A CB  1 
ATOM   633 C  CG  . PRO A 1 85 ? -3.277  7.161   9.406   1.00 16.55 ? 86  PRO A CG  1 
ATOM   634 C  CD  . PRO A 1 85 ? -4.369  6.477   8.624   1.00 16.15 ? 86  PRO A CD  1 
ATOM   635 N  N   . HIS A 1 86 ? -3.717  9.691   6.680   1.00 14.93 ? 87  HIS A N   1 
ATOM   636 C  CA  . HIS A 1 86 ? -3.090  10.706  5.803   1.00 14.07 ? 87  HIS A CA  1 
ATOM   637 C  C   . HIS A 1 86 ? -3.698  10.836  4.417   1.00 16.27 ? 87  HIS A C   1 
ATOM   638 O  O   . HIS A 1 86 ? -3.092  11.441  3.522   1.00 17.45 ? 87  HIS A O   1 
ATOM   639 C  CB  . HIS A 1 86 ? -1.575  10.445  5.711   1.00 13.42 ? 87  HIS A CB  1 
ATOM   640 C  CG  . HIS A 1 86 ? -0.915  10.362  7.052   1.00 12.65 ? 87  HIS A CG  1 
ATOM   641 N  ND1 . HIS A 1 86 ? -0.155  9.282   7.455   1.00 13.83 ? 87  HIS A ND1 1 
ATOM   642 C  CD2 . HIS A 1 86 ? -0.863  11.256  8.074   1.00 13.15 ? 87  HIS A CD2 1 
ATOM   643 C  CE1 . HIS A 1 86 ? 0.353   9.517   8.651   1.00 13.15 ? 87  HIS A CE1 1 
ATOM   644 N  NE2 . HIS A 1 86 ? -0.065  10.709  9.052   1.00 14.85 ? 87  HIS A NE2 1 
ATOM   645 N  N   . GLN A 1 87 ? -4.915  10.321  4.241   1.00 21.61 ? 88  GLN A N   1 
ATOM   646 C  CA  . GLN A 1 87 ? -5.576  10.376  2.932   1.00 24.83 ? 88  GLN A CA  1 
ATOM   647 C  C   . GLN A 1 87 ? -5.739  11.854  2.516   1.00 26.09 ? 88  GLN A C   1 
ATOM   648 O  O   . GLN A 1 87 ? -5.481  12.211  1.354   1.00 26.41 ? 88  GLN A O   1 
ATOM   649 C  CB  . GLN A 1 87 ? -6.929  9.675   2.982   0.65 24.34 ? 88  GLN A CB  1 
ATOM   650 C  CG  . GLN A 1 87 ? -7.552  9.469   1.611   0.65 27.84 ? 88  GLN A CG  1 
ATOM   651 C  CD  . GLN A 1 87 ? -8.906  8.734   1.678   0.65 29.43 ? 88  GLN A CD  1 
ATOM   652 O  OE1 . GLN A 1 87 ? -9.445  8.481   2.755   0.65 29.26 ? 88  GLN A OE1 1 
ATOM   653 N  NE2 . GLN A 1 87 ? -9.435  8.370   0.517   0.65 30.80 ? 88  GLN A NE2 1 
ATOM   654 N  N   . GLY A 1 88 ? -6.100  12.703  3.489   1.00 26.00 ? 89  GLY A N   1 
ATOM   655 C  CA  . GLY A 1 88 ? -6.262  14.132  3.244   1.00 26.56 ? 89  GLY A CA  1 
ATOM   656 C  C   . GLY A 1 88 ? -4.966  14.838  2.848   1.00 26.69 ? 89  GLY A C   1 
ATOM   657 O  O   . GLY A 1 88 ? -4.982  15.835  2.131   1.00 31.73 ? 89  GLY A O   1 
ATOM   658 N  N   . ALA A 1 89 ? -3.836  14.329  3.316   1.00 20.66 ? 90  ALA A N   1 
ATOM   659 C  CA  . ALA A 1 89 ? -2.552  14.902  2.975   1.00 19.41 ? 90  ALA A CA  1 
ATOM   660 C  C   . ALA A 1 89 ? -2.080  14.336  1.618   1.00 18.26 ? 90  ALA A C   1 
ATOM   661 O  O   . ALA A 1 89 ? -0.943  14.580  1.209   1.00 22.54 ? 90  ALA A O   1 
ATOM   662 C  CB  . ALA A 1 89 ? -1.533  14.604  4.069   1.00 21.89 ? 90  ALA A CB  1 
ATOM   663 N  N   . GLY A 1 90 ? -2.912  13.511  0.981   1.00 19.64 ? 91  GLY A N   1 
ATOM   664 C  CA  . GLY A 1 90 ? -2.546  12.947  -0.305  1.00 18.78 ? 91  GLY A CA  1 
ATOM   665 C  C   . GLY A 1 90 ? -1.737  11.667  -0.263  1.00 17.64 ? 91  GLY A C   1 
ATOM   666 O  O   . GLY A 1 90 ? -1.129  11.304  -1.265  1.00 19.60 ? 91  GLY A O   1 
ATOM   667 N  N   . MET A 1 91 ? -1.740  10.957  0.865   1.00 14.90 ? 92  MET A N   1 
ATOM   668 C  CA  . MET A 1 91 ? -1.020  9.684   0.940   1.00 14.28 ? 92  MET A CA  1 
ATOM   669 C  C   . MET A 1 91 ? -1.855  8.534   0.307   1.00 14.53 ? 92  MET A C   1 
ATOM   670 O  O   . MET A 1 91 ? -2.608  7.813   0.987   1.00 15.16 ? 92  MET A O   1 
ATOM   671 C  CB  . MET A 1 91 ? -0.616  9.383   2.383   1.00 12.20 ? 92  MET A CB  1 
ATOM   672 C  CG  . MET A 1 91 ? 0.373   8.261   2.463   1.00 13.15 ? 92  MET A CG  1 
ATOM   673 S  SD  . MET A 1 91 ? 1.123   8.100   4.067   1.00 13.16 ? 92  MET A SD  1 
ATOM   674 C  CE  . MET A 1 91 ? 2.179   6.765   3.840   1.00 13.27 ? 92  MET A CE  1 
ATOM   675 N  N   . VAL A 1 92 ? -1.759  8.436   -1.019  1.00 11.57 ? 93  VAL A N   1 
ATOM   676 C  CA  . VAL A 1 92 ? -2.489  7.469   -1.822  1.00 12.07 ? 93  VAL A CA  1 
ATOM   677 C  C   . VAL A 1 92 ? -1.487  6.869   -2.825  1.00 11.72 ? 93  VAL A C   1 
ATOM   678 O  O   . VAL A 1 92 ? -0.432  7.452   -3.119  1.00 14.73 ? 93  VAL A O   1 
ATOM   679 C  CB  . VAL A 1 92 ? -3.673  8.131   -2.609  1.00 15.63 ? 93  VAL A CB  1 
ATOM   680 C  CG1 . VAL A 1 92 ? -4.546  8.974   -1.682  1.00 17.28 ? 93  VAL A CG1 1 
ATOM   681 C  CG2 . VAL A 1 92 ? -3.142  8.988   -3.674  1.00 19.27 ? 93  VAL A CG2 1 
ATOM   682 N  N   . GLY A 1 93 ? -1.774  5.662   -3.268  1.00 10.81 ? 94  GLY A N   1 
ATOM   683 C  CA  . GLY A 1 93 ? -0.876  5.003   -4.178  1.00 10.78 ? 94  GLY A CA  1 
ATOM   684 C  C   . GLY A 1 93 ? -1.632  4.057   -5.087  1.00 11.66 ? 94  GLY A C   1 
ATOM   685 O  O   . GLY A 1 93 ? -2.859  3.884   -4.967  1.00 12.64 ? 94  GLY A O   1 
ATOM   686 N  N   . LYS A 1 94 ? -0.867  3.343   -5.914  1.00 11.86 ? 95  LYS A N   1 
ATOM   687 C  CA  . LYS A 1 94 ? -1.431  2.424   -6.880  1.00 13.65 ? 95  LYS A CA  1 
ATOM   688 C  C   . LYS A 1 94 ? -0.455  1.334   -7.186  1.00 12.40 ? 95  LYS A C   1 
ATOM   689 O  O   . LYS A 1 94 ? 0.753   1.562   -7.245  1.00 13.23 ? 95  LYS A O   1 
ATOM   690 C  CB  . LYS A 1 94 ? -1.781  3.171   -8.190  1.00 17.34 ? 95  LYS A CB  1 
ATOM   691 C  CG  . LYS A 1 94 ? -2.146  2.295   -9.387  1.00 23.06 ? 95  LYS A CG  1 
ATOM   692 C  CD  . LYS A 1 94 ? -3.311  2.858   -10.204 0.61 24.54 ? 95  LYS A CD  1 
ATOM   693 C  CE  . LYS A 1 94 ? -3.219  4.349   -10.459 0.61 27.14 ? 95  LYS A CE  1 
ATOM   694 N  NZ  . LYS A 1 94 ? -2.017  4.787   -11.238 0.61 28.89 ? 95  LYS A NZ  1 
ATOM   695 N  N   . ILE A 1 95 ? -0.989  0.134   -7.360  1.00 10.47 ? 96  ILE A N   1 
ATOM   696 C  CA  . ILE A 1 95 ? -0.169  -0.990  -7.723  1.00 10.38 ? 96  ILE A CA  1 
ATOM   697 C  C   . ILE A 1 95 ? -0.772  -1.520  -9.017  1.00 11.33 ? 96  ILE A C   1 
ATOM   698 O  O   . ILE A 1 95 ? -1.998  -1.660  -9.143  1.00 12.89 ? 96  ILE A O   1 
ATOM   699 C  CB  . ILE A 1 95 ? -0.145  -2.091  -6.657  1.00 13.37 ? 96  ILE A CB  1 
ATOM   700 C  CG1 . ILE A 1 95 ? 0.559   -1.565  -5.378  1.00 16.77 ? 96  ILE A CG1 1 
ATOM   701 C  CG2 . ILE A 1 95 ? 0.591   -3.327  -7.214  1.00 14.46 ? 96  ILE A CG2 1 
ATOM   702 C  CD1 . ILE A 1 95 ? 0.173   -2.306  -4.125  1.00 19.35 ? 96  ILE A CD1 1 
ATOM   703 N  N   . ILE A 1 96 ? 0.093   -1.722  -10.005 1.00 10.19 ? 97  ILE A N   1 
ATOM   704 C  CA  . ILE A 1 96 ? -0.332  -2.266  -11.251 1.00 11.29 ? 97  ILE A CA  1 
ATOM   705 C  C   . ILE A 1 96 ? 0.226   -3.679  -11.275 1.00 10.96 ? 97  ILE A C   1 
ATOM   706 O  O   . ILE A 1 96 ? 1.432   -3.881  -11.146 1.00 12.57 ? 97  ILE A O   1 
ATOM   707 C  CB  . ILE A 1 96 ? 0.176   -1.421  -12.437 1.00 15.66 ? 97  ILE A CB  1 
ATOM   708 C  CG1 . ILE A 1 96 ? -0.446  -0.002  -12.376 1.00 16.62 ? 97  ILE A CG1 1 
ATOM   709 C  CG2 . ILE A 1 96 ? -0.158  -2.134  -13.747 1.00 16.19 ? 97  ILE A CG2 1 
ATOM   710 C  CD1 . ILE A 1 96 ? 0.439   1.059   -12.945 1.00 20.06 ? 97  ILE A CD1 1 
ATOM   711 N  N   . VAL A 1 97 ? -0.679  -4.658  -11.383 1.00 10.11 ? 98  VAL A N   1 
ATOM   712 C  CA  . VAL A 1 97 ? -0.291  -6.083  -11.426 1.00 11.75 ? 98  VAL A CA  1 
ATOM   713 C  C   . VAL A 1 97 ? -0.442  -6.540  -12.899 1.00 13.03 ? 98  VAL A C   1 
ATOM   714 O  O   . VAL A 1 97 ? -1.539  -6.442  -13.510 1.00 14.02 ? 98  VAL A O   1 
ATOM   715 C  CB  . VAL A 1 97 ? -1.198  -6.958  -10.495 1.00 13.41 ? 98  VAL A CB  1 
ATOM   716 C  CG1 . VAL A 1 97 ? -0.868  -8.420  -10.628 1.00 14.56 ? 98  VAL A CG1 1 
ATOM   717 C  CG2 . VAL A 1 97 ? -1.031  -6.507  -9.076  1.00 12.81 ? 98  VAL A CG2 1 
ATOM   718 N  N   . GLN A 1 98 ? 0.664   -7.061  -13.415 1.00 14.78 ? 99  GLN A N   1 
ATOM   719 C  CA  . GLN A 1 98 ? 0.772   -7.516  -14.802 1.00 19.35 ? 99  GLN A CA  1 
ATOM   720 C  C   . GLN A 1 98 ? 0.529   -9.014  -14.967 1.00 20.65 ? 99  GLN A C   1 
ATOM   721 O  O   . GLN A 1 98 ? 0.909   -9.811  -14.093 1.00 26.60 ? 99  GLN A O   1 
ATOM   722 C  CB  . GLN A 1 98 ? 2.178   -7.234  -15.319 1.00 25.59 ? 99  GLN A CB  1 
ATOM   723 C  CG  . GLN A 1 98 ? 2.657   -5.810  -15.168 1.00 30.84 ? 99  GLN A CG  1 
ATOM   724 C  CD  . GLN A 1 98 ? 4.113   -5.679  -15.624 1.00 35.56 ? 99  GLN A CD  1 
ATOM   725 O  OE1 . GLN A 1 98 ? 4.398   -4.929  -16.560 1.00 38.34 ? 99  GLN A OE1 1 
ATOM   726 N  NE2 . GLN A 1 98 ? 5.042   -6.439  -14.981 1.00 36.95 ? 99  GLN A NE2 1 
ATOM   727 O  OXT . GLN A 1 98 ? 0.108   -9.370  -16.062 1.00 27.24 ? 99  GLN A OXT 1 
HETATM 728 CU CU  . CU  B 2 .  ? -0.063  7.448   6.622   1.00 18.02 ? 100 CU  A CU  1 
HETATM 729 CA CA  . CA  C 3 .  ? 7.426   7.911   -6.836  1.00 26.71 ? 101 CA  A CA  1 
HETATM 730 O  O   . HOH D 4 .  ? 1.661   8.788   -1.829  1.00 12.90 ? 102 HOH A O   1 
HETATM 731 O  O   . HOH D 4 .  ? 5.519   1.679   -11.946 1.00 20.77 ? 103 HOH A O   1 
HETATM 732 O  O   . HOH D 4 .  ? -0.604  -3.974  -19.397 1.00 21.34 ? 104 HOH A O   1 
HETATM 733 O  O   . HOH D 4 .  ? 5.652   6.584   -8.757  1.00 21.70 ? 105 HOH A O   1 
HETATM 734 O  O   . HOH D 4 .  ? 10.262  16.926  6.661   1.00 21.88 ? 106 HOH A O   1 
HETATM 735 O  O   . HOH D 4 .  ? 12.625  10.795  8.656   1.00 25.60 ? 107 HOH A O   1 
HETATM 736 O  O   . HOH D 4 .  ? 4.386   -1.567  16.608  1.00 25.94 ? 108 HOH A O   1 
HETATM 737 O  O   . HOH D 4 .  ? 3.261   7.641   -10.344 1.00 22.06 ? 109 HOH A O   1 
HETATM 738 O  O   . HOH D 4 .  ? 2.710   1.994   -4.787  1.00 13.57 ? 110 HOH A O   1 
HETATM 739 O  O   . HOH D 4 .  ? -7.907  -9.687  -13.612 1.00 15.80 ? 111 HOH A O   1 
HETATM 740 O  O   . HOH D 4 .  ? -10.397 -9.667  -12.530 1.00 19.95 ? 112 HOH A O   1 
HETATM 741 O  O   . HOH D 4 .  ? -5.033  -10.459 -6.145  1.00 16.21 ? 113 HOH A O   1 
HETATM 742 O  O   . HOH D 4 .  ? -10.427 -12.136 -9.390  1.00 19.48 ? 114 HOH A O   1 
HETATM 743 O  O   . HOH D 4 .  ? -9.245  -10.978 -2.452  1.00 21.01 ? 115 HOH A O   1 
HETATM 744 O  O   . HOH D 4 .  ? 1.244   -1.930  15.184  1.00 32.73 ? 116 HOH A O   1 
HETATM 745 O  O   . HOH D 4 .  ? -16.090 -8.229  -8.109  1.00 24.35 ? 117 HOH A O   1 
HETATM 746 O  O   . HOH D 4 .  ? 3.785   15.486  3.388   1.00 25.71 ? 118 HOH A O   1 
HETATM 747 O  O   . HOH D 4 .  ? 16.886  5.455   1.799   1.00 17.44 ? 119 HOH A O   1 
HETATM 748 O  O   . HOH D 4 .  ? 0.123   -8.203  -18.466 1.00 19.14 ? 120 HOH A O   1 
HETATM 749 O  O   . HOH D 4 .  ? 12.532  -0.206  14.726  1.00 18.79 ? 121 HOH A O   1 
HETATM 750 O  O   . HOH D 4 .  ? 10.747  14.396  -0.052  1.00 26.09 ? 122 HOH A O   1 
HETATM 751 O  O   . HOH D 4 .  ? 12.916  11.475  1.012   1.00 20.98 ? 123 HOH A O   1 
HETATM 752 O  O   . HOH D 4 .  ? 12.305  8.235   0.584   1.00 21.54 ? 124 HOH A O   1 
HETATM 753 O  O   . HOH D 4 .  ? 15.577  2.496   2.270   1.00 23.48 ? 125 HOH A O   1 
HETATM 754 O  O   . HOH D 4 .  ? 2.409   -9.209  6.976   1.00 28.02 ? 126 HOH A O   1 
HETATM 755 O  O   . HOH D 4 .  ? 6.411   5.078   -10.848 1.00 25.06 ? 127 HOH A O   1 
HETATM 756 O  O   . HOH D 4 .  ? 18.005  9.109   3.324   1.00 23.72 ? 128 HOH A O   1 
HETATM 757 O  O   . HOH D 4 .  ? 3.086   -0.639  -15.856 1.00 32.51 ? 129 HOH A O   1 
HETATM 758 O  O   . HOH D 4 .  ? 7.468   -0.349  -10.415 1.00 30.51 ? 130 HOH A O   1 
HETATM 759 O  O   . HOH D 4 .  ? 1.533   -5.727  -18.650 1.00 25.67 ? 131 HOH A O   1 
HETATM 760 O  O   . HOH D 4 .  ? -9.056  -0.921  -10.927 1.00 27.29 ? 132 HOH A O   1 
HETATM 761 O  O   . HOH D 4 .  ? -14.223 -8.643  -15.024 1.00 25.36 ? 133 HOH A O   1 
HETATM 762 O  O   . HOH D 4 .  ? -10.922 -1.489  2.182   1.00 32.12 ? 134 HOH A O   1 
HETATM 763 O  O   . HOH D 4 .  ? -1.455  -11.623 -15.369 1.00 27.88 ? 135 HOH A O   1 
HETATM 764 O  O   . HOH D 4 .  ? 4.044   -2.729  -20.242 1.00 33.83 ? 136 HOH A O   1 
HETATM 765 O  O   . HOH D 4 .  ? 8.127   14.325  -2.219  1.00 29.37 ? 137 HOH A O   1 
HETATM 766 O  O   . HOH D 4 .  ? 0.352   0.285   -17.129 1.00 30.59 ? 138 HOH A O   1 
HETATM 767 O  O   . HOH D 4 .  ? 4.275   12.071  -4.034  1.00 33.78 ? 139 HOH A O   1 
HETATM 768 O  O   . HOH D 4 .  ? -2.291  3.710   -13.886 1.00 34.92 ? 140 HOH A O   1 
HETATM 769 O  O   . HOH D 4 .  ? -4.994  4.618   -13.556 1.00 36.28 ? 141 HOH A O   1 
HETATM 770 O  O   . HOH D 4 .  ? 1.817   11.478  -2.688  1.00 30.83 ? 142 HOH A O   1 
HETATM 771 O  O   . HOH D 4 .  ? 10.844  1.792   -2.122  1.00 36.00 ? 143 HOH A O   1 
HETATM 772 O  O   . HOH D 4 .  ? -7.660  1.706   -10.806 1.00 37.21 ? 144 HOH A O   1 
HETATM 773 O  O   . HOH D 4 .  ? 15.243  8.736   -0.488  1.00 42.82 ? 145 HOH A O   1 
HETATM 774 O  O   . HOH D 4 .  ? 11.764  -3.105  -4.318  1.00 33.79 ? 146 HOH A O   1 
HETATM 775 O  O   . HOH D 4 .  ? -2.579  -4.529  -15.686 1.00 35.64 ? 147 HOH A O   1 
HETATM 776 O  O   . HOH D 4 .  ? 11.007  12.722  9.427   1.00 39.08 ? 148 HOH A O   1 
HETATM 777 O  O   . HOH D 4 .  ? 6.476   13.263  8.701   1.00 36.10 ? 149 HOH A O   1 
HETATM 778 O  O   . HOH D 4 .  ? 1.630   0.607   -19.974 1.00 35.10 ? 150 HOH A O   1 
HETATM 779 O  O   . HOH D 4 .  ? 12.513  1.713   7.462   1.00 35.63 ? 151 HOH A O   1 
HETATM 780 O  O   . HOH D 4 .  ? 2.395   5.594   16.270  1.00 37.19 ? 152 HOH A O   1 
HETATM 781 O  O   . HOH D 4 .  ? 0.489   -11.501 -17.969 1.00 34.82 ? 153 HOH A O   1 
HETATM 782 O  O   . HOH D 4 .  ? 10.620  11.868  -1.659  1.00 27.82 ? 154 HOH A O   1 
HETATM 783 O  O   . HOH D 4 .  ? -10.310 -2.478  4.637   1.00 28.76 ? 155 HOH A O   1 
HETATM 784 O  O   . HOH D 4 .  ? 1.291   -7.629  9.400   1.00 41.39 ? 156 HOH A O   1 
HETATM 785 O  O   . HOH D 4 .  ? 2.272   -11.915 -15.129 1.00 37.91 ? 157 HOH A O   1 
HETATM 786 O  O   . HOH D 4 .  ? 13.078  -2.702  2.944   1.00 48.67 ? 158 HOH A O   1 
HETATM 787 O  O   . HOH D 4 .  ? -8.103  4.735   -5.350  1.00 45.28 ? 159 HOH A O   1 
HETATM 788 O  O   . HOH D 4 .  ? 5.243   -13.844 -3.702  1.00 36.90 ? 160 HOH A O   1 
HETATM 789 O  O   . HOH D 4 .  ? 6.234   -9.250  6.795   1.00 45.42 ? 161 HOH A O   1 
HETATM 790 O  O   . HOH D 4 .  ? -0.938  -12.405 0.977   1.00 35.84 ? 162 HOH A O   1 
HETATM 791 O  O   . HOH D 4 .  ? -3.845  -9.807  3.971   1.00 44.48 ? 163 HOH A O   1 
HETATM 792 O  O   . HOH D 4 .  ? 7.812   2.649   -9.711  0.50 25.00 ? 164 HOH A O   1 
HETATM 793 O  O   . HOH D 4 .  ? -1.239  -3.696  15.254  0.50 34.78 ? 165 HOH A O   1 
HETATM 794 O  O   . HOH D 4 .  ? 9.811   16.749  3.461   0.50 26.23 ? 166 HOH A O   1 
HETATM 795 O  O   . HOH D 4 .  ? 12.067  17.325  0.319   0.50 29.95 ? 167 HOH A O   1 
HETATM 796 O  O   . HOH D 4 .  ? 8.471   -7.303  -11.205 0.50 24.60 ? 168 HOH A O   1 
HETATM 797 O  O   . HOH D 4 .  ? 1.413   -2.028  -19.730 0.50 16.50 ? 169 HOH A O   1 
HETATM 798 O  O   . HOH D 4 .  ? 10.078  -0.812  -5.046  0.50 35.87 ? 170 HOH A O   1 
HETATM 799 O  O   . HOH D 4 .  ? 8.391   -4.543  -9.062  0.50 37.66 ? 171 HOH A O   1 
HETATM 800 O  O   . HOH D 4 .  ? -2.106  6.998   -6.710  0.50 22.90 ? 172 HOH A O   1 
HETATM 801 O  O   . HOH D 4 .  ? -6.665  -11.557 -4.235  0.50 29.59 ? 173 HOH A O   1 
HETATM 802 O  O   . HOH D 4 .  ? -0.419  6.901   -8.813  0.50 33.08 ? 174 HOH A O   1 
HETATM 803 O  O   . HOH D 4 .  ? -7.580  1.480   12.184  0.50 21.51 ? 175 HOH A O   1 
HETATM 804 O  O   . HOH D 4 .  ? 1.866   13.384  0.154   0.50 42.09 ? 176 HOH A O   1 
HETATM 805 O  O   . HOH D 4 .  ? 13.163  -0.010  3.433   0.50 20.12 ? 177 HOH A O   1 
HETATM 806 O  O   . HOH D 4 .  ? 12.534  2.002   4.845   0.50 20.88 ? 178 HOH A O   1 
HETATM 807 O  O   . HOH D 4 .  ? 1.494   10.891  11.574  0.50 24.84 ? 179 HOH A O   1 
HETATM 808 O  O   . HOH D 4 .  ? -4.604  13.484  6.424   0.50 31.27 ? 180 HOH A O   1 
# 
